data_4MVD
#
_entry.id   4MVD
#
_cell.length_a   107.780
_cell.length_b   107.780
_cell.length_c   575.710
_cell.angle_alpha   90.00
_cell.angle_beta   90.00
_cell.angle_gamma   90.00
#
_symmetry.space_group_name_H-M   'P 43'
#
loop_
_entity.id
_entity.type
_entity.pdbx_description
1 polymer 'Choline-phosphate cytidylyltransferase A'
2 non-polymer "[2-CYTIDYLATE-O'-PHOSPHONYLOXYL]-ETHYL-TRIMETHYL-AMMONIUM"
#
_entity_poly.entity_id   1
_entity_poly.type   'polypeptide(L)'
_entity_poly.pdbx_seq_one_letter_code
;MGSSHHHHHHSSGLVPRGSHMDAQSSAKVNSRKRRKEVPGPNGATEEDGIPSKVQRCAVGLRQPAPFSDEIEVDFSKPYV
RVTMEEACRGTPCERPVRVYADGIFDLFHSGHARALMQAKNLFPNTYLIVGVCSDELTHNFKGFTVMNENERYDAVQHCR
YVDEVVRNAPWTLTPEFLAEHRIDFVAHDDIPYSSAGSDDVYKHIKEAGMFAPTQRTEGISTSDIITRIVRDYDVYARRN
LQRGYTAKELNVSFINEKKYHLQERVDKVKKKVKDVEEKSKEFVQKVEEKSIDLIQKWEEKSREFIGSFLEMFGPEGALK
HMLKEGKGRMLQ
;
_entity_poly.pdbx_strand_id   B,A,D,C,F,E,H,G
#
loop_
_chem_comp.id
_chem_comp.type
_chem_comp.name
_chem_comp.formula
CDC non-polymer [2-CYTIDYLATE-O'-PHOSPHONYLOXYL]-ETHYL-TRIMETHYL-AMMONIUM 'C14 H26 N4 O11 P2'
#
# COMPACT_ATOMS: atom_id res chain seq x y z
N GLY A 60 -36.05 33.22 -24.15
CA GLY A 60 -34.77 32.65 -23.80
C GLY A 60 -34.69 31.15 -24.06
N LEU A 61 -34.28 30.40 -23.02
CA LEU A 61 -34.24 28.95 -23.13
C LEU A 61 -35.00 28.26 -21.99
N ARG A 62 -36.10 27.61 -22.33
CA ARG A 62 -36.93 26.92 -21.36
C ARG A 62 -36.49 25.46 -21.15
N GLN A 63 -35.61 24.98 -22.03
CA GLN A 63 -35.29 23.54 -22.07
C GLN A 63 -33.81 23.23 -21.87
N PRO A 64 -33.50 22.11 -21.18
CA PRO A 64 -32.14 21.64 -20.93
C PRO A 64 -31.45 21.26 -22.22
N ALA A 65 -30.19 20.83 -22.11
CA ALA A 65 -29.39 20.47 -23.26
C ALA A 65 -29.57 19.00 -23.57
N PRO A 66 -29.73 18.66 -24.86
CA PRO A 66 -29.81 17.27 -25.26
C PRO A 66 -28.53 16.52 -24.87
N PHE A 67 -28.59 15.20 -24.77
CA PHE A 67 -27.38 14.41 -24.76
C PHE A 67 -27.11 14.04 -26.22
N SER A 68 -26.00 13.34 -26.45
CA SER A 68 -25.66 12.92 -27.81
C SER A 68 -26.61 11.83 -28.33
N ASP A 69 -26.96 10.89 -27.46
CA ASP A 69 -27.82 9.77 -27.84
C ASP A 69 -29.29 10.15 -27.99
N GLU A 70 -29.68 11.24 -27.33
CA GLU A 70 -31.00 11.82 -27.52
C GLU A 70 -31.16 12.31 -28.97
N ILE A 71 -30.05 12.45 -29.67
CA ILE A 71 -30.01 13.21 -30.91
C ILE A 71 -29.85 12.36 -32.18
N GLU A 72 -30.59 12.74 -33.22
CA GLU A 72 -30.47 12.13 -34.54
C GLU A 72 -29.32 12.74 -35.32
N VAL A 73 -28.67 11.93 -36.14
CA VAL A 73 -27.56 12.39 -36.97
C VAL A 73 -27.58 11.74 -38.35
N ASP A 74 -27.37 12.55 -39.39
CA ASP A 74 -27.36 12.04 -40.76
C ASP A 74 -25.95 11.64 -41.17
N PHE A 75 -25.77 10.35 -41.41
CA PHE A 75 -24.46 9.84 -41.81
C PHE A 75 -24.36 9.74 -43.33
N SER A 76 -25.45 10.12 -44.01
CA SER A 76 -25.44 10.24 -45.46
C SER A 76 -24.71 11.54 -45.79
N LYS A 77 -24.41 12.28 -44.73
CA LYS A 77 -23.50 13.42 -44.79
C LYS A 77 -22.14 12.95 -44.31
N PRO A 78 -21.15 12.96 -45.20
CA PRO A 78 -19.77 12.54 -44.90
C PRO A 78 -19.14 13.48 -43.87
N TYR A 79 -18.03 13.05 -43.27
CA TYR A 79 -17.43 13.83 -42.20
C TYR A 79 -16.44 14.81 -42.82
N VAL A 80 -16.79 16.08 -42.77
CA VAL A 80 -15.98 17.13 -43.40
C VAL A 80 -15.80 18.28 -42.44
N ARG A 81 -14.55 18.52 -42.03
CA ARG A 81 -14.27 19.60 -41.09
C ARG A 81 -14.20 20.94 -41.82
N VAL A 82 -13.91 21.98 -41.05
CA VAL A 82 -13.91 23.34 -41.57
C VAL A 82 -12.68 24.10 -41.07
N THR A 83 -12.17 25.02 -41.89
CA THR A 83 -10.97 25.79 -41.54
C THR A 83 -11.26 26.89 -40.52
N MET A 84 -10.21 27.28 -39.79
CA MET A 84 -10.27 28.44 -38.91
C MET A 84 -10.83 29.62 -39.70
N GLU A 85 -10.29 29.82 -40.89
CA GLU A 85 -10.70 30.93 -41.73
C GLU A 85 -12.20 30.90 -42.08
N GLU A 86 -12.62 29.94 -42.89
CA GLU A 86 -14.01 29.91 -43.36
C GLU A 86 -14.99 29.67 -42.21
N ALA A 87 -14.48 29.29 -41.03
CA ALA A 87 -15.31 29.19 -39.84
C ALA A 87 -15.51 30.58 -39.25
N CYS A 88 -14.42 31.34 -39.19
CA CYS A 88 -14.46 32.69 -38.66
C CYS A 88 -15.14 33.66 -39.62
N ARG A 89 -15.26 33.29 -40.89
CA ARG A 89 -16.04 34.07 -41.84
C ARG A 89 -17.50 33.96 -41.42
N GLY A 90 -17.78 32.93 -40.64
CA GLY A 90 -19.12 32.64 -40.15
C GLY A 90 -19.75 31.54 -40.99
N THR A 91 -20.54 30.69 -40.35
CA THR A 91 -21.03 29.47 -40.98
C THR A 91 -22.53 29.49 -41.19
N PRO A 92 -22.97 29.36 -42.45
CA PRO A 92 -24.40 29.51 -42.76
C PRO A 92 -25.24 28.70 -41.78
N CYS A 93 -26.40 29.21 -41.40
CA CYS A 93 -27.10 28.77 -40.19
C CYS A 93 -27.15 27.25 -40.03
N GLU A 94 -27.46 26.55 -41.12
CA GLU A 94 -27.62 25.10 -41.08
C GLU A 94 -26.31 24.31 -40.95
N ARG A 95 -25.18 24.97 -41.11
CA ARG A 95 -23.88 24.34 -40.85
C ARG A 95 -23.11 25.13 -39.79
N PRO A 96 -23.51 24.99 -38.52
CA PRO A 96 -22.69 25.63 -37.48
C PRO A 96 -21.32 24.97 -37.41
N VAL A 97 -20.35 25.67 -36.84
CA VAL A 97 -19.09 25.03 -36.49
C VAL A 97 -19.37 24.17 -35.27
N ARG A 98 -18.78 22.99 -35.20
CA ARG A 98 -19.03 22.13 -34.05
C ARG A 98 -17.80 21.99 -33.16
N VAL A 99 -17.90 22.48 -31.92
CA VAL A 99 -16.75 22.51 -31.02
C VAL A 99 -16.93 21.57 -29.82
N TYR A 100 -15.85 20.91 -29.43
CA TYR A 100 -15.87 19.96 -28.33
C TYR A 100 -15.03 20.44 -27.15
N ALA A 101 -15.64 20.49 -25.97
CA ALA A 101 -14.91 20.78 -24.73
C ALA A 101 -15.20 19.68 -23.72
N ASP A 102 -14.20 19.32 -22.93
CA ASP A 102 -14.27 18.12 -22.10
C ASP A 102 -13.72 18.38 -20.70
N GLY A 103 -14.11 17.53 -19.74
CA GLY A 103 -13.72 17.72 -18.35
C GLY A 103 -14.61 16.99 -17.37
N ILE A 104 -14.19 17.00 -16.11
CA ILE A 104 -14.93 16.33 -15.05
C ILE A 104 -16.14 17.18 -14.67
N PHE A 105 -15.90 18.48 -14.56
CA PHE A 105 -16.93 19.43 -14.13
C PHE A 105 -17.46 19.07 -12.75
N ASP A 106 -16.60 18.45 -11.95
CA ASP A 106 -16.89 18.19 -10.55
C ASP A 106 -17.16 19.53 -9.86
N LEU A 107 -18.18 19.56 -9.00
CA LEU A 107 -18.56 20.80 -8.33
C LEU A 107 -18.75 21.92 -9.33
N PHE A 108 -19.60 21.69 -10.33
CA PHE A 108 -19.67 22.56 -11.51
C PHE A 108 -19.71 24.00 -11.04
N HIS A 109 -18.85 24.83 -11.62
CA HIS A 109 -18.69 26.21 -11.15
C HIS A 109 -18.50 27.22 -12.29
N SER A 110 -18.19 28.45 -11.92
CA SER A 110 -18.14 29.56 -12.88
C SER A 110 -16.92 29.53 -13.79
N GLY A 111 -15.82 28.94 -13.32
CA GLY A 111 -14.66 28.77 -14.16
C GLY A 111 -15.03 27.89 -15.34
N HIS A 112 -15.65 26.77 -15.03
CA HIS A 112 -16.20 25.87 -16.02
C HIS A 112 -17.08 26.64 -17.00
N ALA A 113 -18.06 27.35 -16.45
CA ALA A 113 -19.10 28.00 -17.24
C ALA A 113 -18.51 29.02 -18.21
N ARG A 114 -17.59 29.83 -17.70
CA ARG A 114 -16.96 30.83 -18.56
C ARG A 114 -16.09 30.15 -19.61
N ALA A 115 -15.45 29.04 -19.23
CA ALA A 115 -14.71 28.23 -20.20
C ALA A 115 -15.61 27.82 -21.36
N LEU A 116 -16.82 27.38 -21.00
CA LEU A 116 -17.84 27.01 -21.96
C LEU A 116 -18.33 28.22 -22.76
N MET A 117 -18.30 29.40 -22.15
CA MET A 117 -18.78 30.59 -22.84
C MET A 117 -17.78 30.94 -23.93
N GLN A 118 -16.49 30.88 -23.58
CA GLN A 118 -15.43 31.11 -24.55
C GLN A 118 -15.63 30.10 -25.66
N ALA A 119 -15.78 28.84 -25.27
CA ALA A 119 -15.98 27.76 -26.22
C ALA A 119 -17.09 28.09 -27.20
N LYS A 120 -18.21 28.59 -26.67
CA LYS A 120 -19.39 28.89 -27.47
C LYS A 120 -19.14 30.06 -28.41
N ASN A 121 -18.28 30.98 -27.98
CA ASN A 121 -18.05 32.22 -28.72
C ASN A 121 -16.88 32.21 -29.71
N LEU A 122 -16.18 31.07 -29.80
CA LEU A 122 -15.03 30.95 -30.69
C LEU A 122 -15.33 31.35 -32.14
N PHE A 123 -16.58 31.21 -32.55
CA PHE A 123 -16.98 31.57 -33.91
C PHE A 123 -18.36 32.23 -33.93
N PRO A 124 -18.68 32.94 -35.02
CA PRO A 124 -19.99 33.60 -35.17
C PRO A 124 -21.14 32.60 -35.09
N ASN A 125 -20.99 31.47 -35.75
CA ASN A 125 -21.96 30.39 -35.65
C ASN A 125 -21.27 29.14 -35.11
N THR A 126 -21.66 28.73 -33.90
CA THR A 126 -20.94 27.66 -33.21
C THR A 126 -21.88 26.71 -32.48
N TYR A 127 -21.65 25.40 -32.65
CA TYR A 127 -22.41 24.38 -31.95
C TYR A 127 -21.56 23.75 -30.86
N LEU A 128 -21.99 23.87 -29.60
CA LEU A 128 -21.18 23.41 -28.48
C LEU A 128 -21.61 22.04 -27.96
N ILE A 129 -20.73 21.08 -28.16
CA ILE A 129 -20.89 19.74 -27.62
C ILE A 129 -19.88 19.61 -26.47
N VAL A 130 -20.31 19.13 -25.31
CA VAL A 130 -19.40 19.04 -24.16
C VAL A 130 -19.36 17.66 -23.52
N GLY A 131 -18.20 17.01 -23.62
CA GLY A 131 -17.99 15.70 -23.01
C GLY A 131 -17.76 15.74 -21.51
N VAL A 132 -18.42 14.83 -20.80
CA VAL A 132 -18.26 14.73 -19.35
C VAL A 132 -17.73 13.33 -19.03
N CYS A 133 -16.51 13.27 -18.50
CA CYS A 133 -15.88 11.98 -18.21
C CYS A 133 -16.52 11.26 -17.04
N SER A 134 -16.46 9.93 -17.09
CA SER A 134 -17.09 9.06 -16.10
C SER A 134 -16.36 9.02 -14.75
N ASP A 135 -17.08 8.58 -13.73
CA ASP A 135 -16.50 8.33 -12.40
C ASP A 135 -15.34 7.35 -12.46
N GLU A 136 -15.46 6.33 -13.31
CA GLU A 136 -14.43 5.29 -13.41
C GLU A 136 -13.15 5.84 -14.07
N LEU A 137 -13.31 6.42 -15.25
CA LEU A 137 -12.21 7.07 -15.93
C LEU A 137 -11.53 8.09 -15.02
N THR A 138 -12.34 8.94 -14.37
CA THR A 138 -11.83 10.02 -13.53
C THR A 138 -11.12 9.54 -12.25
N HIS A 139 -11.73 8.59 -11.54
CA HIS A 139 -11.10 8.02 -10.35
C HIS A 139 -9.78 7.39 -10.76
N ASN A 140 -9.81 6.73 -11.91
CA ASN A 140 -8.62 6.11 -12.46
C ASN A 140 -7.48 7.09 -12.72
N PHE A 141 -7.66 7.97 -13.70
CA PHE A 141 -6.58 8.82 -14.21
C PHE A 141 -6.40 10.16 -13.51
N LYS A 142 -7.30 10.52 -12.61
CA LYS A 142 -7.26 11.85 -12.01
C LYS A 142 -7.29 11.85 -10.48
N GLY A 143 -8.45 11.49 -9.94
CA GLY A 143 -8.68 11.46 -8.51
C GLY A 143 -10.17 11.33 -8.26
N PHE A 144 -10.60 11.51 -7.02
CA PHE A 144 -12.00 11.34 -6.69
C PHE A 144 -12.86 12.48 -7.24
N THR A 145 -14.17 12.35 -7.02
CA THR A 145 -15.11 13.42 -7.30
C THR A 145 -16.18 13.41 -6.22
N VAL A 146 -16.52 14.58 -5.71
CA VAL A 146 -17.60 14.68 -4.73
C VAL A 146 -18.91 14.58 -5.47
N MET A 147 -18.91 15.08 -6.70
CA MET A 147 -20.05 14.95 -7.59
C MET A 147 -19.97 13.62 -8.30
N ASN A 148 -21.12 12.98 -8.53
CA ASN A 148 -21.13 11.70 -9.25
C ASN A 148 -21.59 11.93 -10.69
N GLU A 149 -21.09 11.10 -11.61
CA GLU A 149 -21.18 11.35 -13.05
C GLU A 149 -22.56 11.78 -13.53
N ASN A 150 -23.61 11.20 -12.99
CA ASN A 150 -24.95 11.67 -13.37
C ASN A 150 -25.20 13.12 -12.92
N GLU A 151 -24.81 13.43 -11.68
CA GLU A 151 -24.92 14.80 -11.18
C GLU A 151 -24.25 15.80 -12.09
N ARG A 152 -23.06 15.46 -12.57
CA ARG A 152 -22.27 16.35 -13.42
C ARG A 152 -22.81 16.41 -14.85
N TYR A 153 -23.42 15.32 -15.28
CA TYR A 153 -24.12 15.30 -16.55
C TYR A 153 -25.21 16.35 -16.49
N ASP A 154 -25.96 16.34 -15.39
CA ASP A 154 -27.05 17.30 -15.20
C ASP A 154 -26.51 18.73 -15.13
N ALA A 155 -25.50 18.90 -14.28
CA ALA A 155 -24.81 20.17 -14.12
C ALA A 155 -24.55 20.77 -15.49
N VAL A 156 -23.74 20.08 -16.29
CA VAL A 156 -23.40 20.58 -17.62
C VAL A 156 -24.66 20.83 -18.46
N GLN A 157 -25.65 19.95 -18.28
CA GLN A 157 -26.93 20.08 -18.99
C GLN A 157 -27.59 21.44 -18.75
N HIS A 158 -27.39 21.99 -17.56
CA HIS A 158 -28.06 23.25 -17.20
C HIS A 158 -27.25 24.51 -17.48
N CYS A 159 -26.10 24.35 -18.13
CA CYS A 159 -25.27 25.48 -18.52
C CYS A 159 -25.90 26.24 -19.70
N ARG A 160 -25.56 27.52 -19.81
CA ARG A 160 -26.23 28.42 -20.77
C ARG A 160 -25.69 28.35 -22.20
N TYR A 161 -24.38 28.10 -22.32
CA TYR A 161 -23.70 28.15 -23.60
C TYR A 161 -23.62 26.78 -24.27
N VAL A 162 -24.23 25.79 -23.63
CA VAL A 162 -24.10 24.40 -24.04
C VAL A 162 -25.29 23.87 -24.84
N ASP A 163 -25.06 23.52 -26.10
CA ASP A 163 -26.09 22.95 -26.97
C ASP A 163 -26.35 21.46 -26.74
N GLU A 164 -25.27 20.68 -26.60
CA GLU A 164 -25.40 19.24 -26.46
C GLU A 164 -24.34 18.65 -25.53
N VAL A 165 -24.75 17.70 -24.69
CA VAL A 165 -23.84 17.07 -23.73
C VAL A 165 -23.52 15.64 -24.12
N VAL A 166 -22.25 15.28 -24.03
CA VAL A 166 -21.82 13.92 -24.34
C VAL A 166 -21.37 13.18 -23.09
N ARG A 167 -22.18 12.20 -22.66
CA ARG A 167 -21.90 11.41 -21.47
C ARG A 167 -20.77 10.44 -21.71
N ASN A 168 -20.16 9.96 -20.62
CA ASN A 168 -19.12 8.95 -20.69
C ASN A 168 -18.09 9.29 -21.76
N ALA A 169 -17.34 10.36 -21.51
CA ALA A 169 -16.37 10.86 -22.49
C ALA A 169 -15.02 10.16 -22.34
N PRO A 170 -14.24 10.11 -23.44
CA PRO A 170 -12.90 9.53 -23.48
C PRO A 170 -11.85 10.44 -22.82
N TRP A 171 -10.83 9.84 -22.20
CA TRP A 171 -9.75 10.61 -21.61
C TRP A 171 -8.87 11.14 -22.71
N THR A 172 -8.78 10.37 -23.80
CA THR A 172 -8.03 10.79 -24.98
C THR A 172 -8.95 10.72 -26.21
N LEU A 173 -8.82 11.68 -27.12
CA LEU A 173 -9.75 11.80 -28.25
C LEU A 173 -9.24 11.14 -29.53
N THR A 174 -10.13 10.39 -30.17
CA THR A 174 -9.75 9.51 -31.28
C THR A 174 -10.33 9.99 -32.60
N PRO A 175 -9.66 9.63 -33.70
CA PRO A 175 -10.12 9.93 -35.06
C PRO A 175 -11.59 9.56 -35.23
N GLU A 176 -11.97 8.40 -34.71
CA GLU A 176 -13.34 7.92 -34.83
C GLU A 176 -14.31 8.68 -33.93
N PHE A 177 -13.87 9.05 -32.74
CA PHE A 177 -14.69 9.85 -31.84
C PHE A 177 -14.97 11.18 -32.54
N LEU A 178 -13.90 11.82 -33.01
CA LEU A 178 -14.01 13.07 -33.77
C LEU A 178 -14.84 12.90 -35.03
N ALA A 179 -14.90 11.66 -35.52
CA ALA A 179 -15.69 11.36 -36.72
C ALA A 179 -17.19 11.29 -36.45
N GLU A 180 -17.58 10.52 -35.44
CA GLU A 180 -19.00 10.26 -35.18
C GLU A 180 -19.70 11.49 -34.64
N HIS A 181 -18.96 12.35 -33.95
CA HIS A 181 -19.55 13.56 -33.41
C HIS A 181 -19.32 14.73 -34.37
N ARG A 182 -18.65 14.45 -35.48
CA ARG A 182 -18.39 15.44 -36.52
C ARG A 182 -17.71 16.70 -35.97
N ILE A 183 -16.75 16.52 -35.07
CA ILE A 183 -16.17 17.62 -34.31
C ILE A 183 -15.18 18.47 -35.13
N ASP A 184 -15.49 19.76 -35.26
CA ASP A 184 -14.64 20.69 -36.02
C ASP A 184 -13.43 21.19 -35.23
N PHE A 185 -13.64 21.52 -33.96
CA PHE A 185 -12.56 22.02 -33.13
C PHE A 185 -12.69 21.53 -31.69
N VAL A 186 -11.70 21.87 -30.87
CA VAL A 186 -11.65 21.40 -29.49
C VAL A 186 -11.27 22.57 -28.58
N ALA A 187 -12.10 22.83 -27.58
CA ALA A 187 -11.83 23.95 -26.68
C ALA A 187 -11.39 23.47 -25.30
N HIS A 188 -10.19 23.86 -24.91
CA HIS A 188 -9.72 23.60 -23.55
C HIS A 188 -8.59 24.58 -23.24
N ASP A 189 -8.11 24.58 -22.00
CA ASP A 189 -7.05 25.49 -21.60
C ASP A 189 -5.75 25.05 -22.28
N ASP A 190 -4.79 25.95 -22.45
CA ASP A 190 -3.58 25.61 -23.22
C ASP A 190 -2.46 25.02 -22.36
N ILE A 191 -2.72 24.77 -21.07
CA ILE A 191 -1.77 24.03 -20.24
C ILE A 191 -1.74 22.56 -20.68
N PRO A 192 -0.57 22.06 -21.11
CA PRO A 192 -0.49 20.67 -21.54
C PRO A 192 -1.02 19.73 -20.45
N TYR A 193 -1.87 18.78 -20.83
CA TYR A 193 -2.55 17.93 -19.86
C TYR A 193 -1.81 16.61 -19.70
N SER A 194 -1.25 16.39 -18.51
CA SER A 194 -0.50 15.16 -18.26
C SER A 194 -1.31 14.17 -17.45
N SER A 195 -1.77 13.10 -18.09
CA SER A 195 -2.33 11.96 -17.39
C SER A 195 -1.98 10.74 -18.21
N ALA A 196 -2.29 9.55 -17.69
CA ALA A 196 -1.76 8.34 -18.29
C ALA A 196 -0.25 8.50 -18.38
N GLY A 197 0.34 8.08 -19.50
CA GLY A 197 1.76 8.27 -19.72
C GLY A 197 2.00 9.45 -20.65
N SER A 198 0.91 10.01 -21.16
CA SER A 198 0.98 11.15 -22.06
C SER A 198 1.38 12.36 -21.24
N ASP A 199 2.38 13.11 -21.70
CA ASP A 199 2.71 14.35 -21.01
C ASP A 199 1.84 15.52 -21.51
N ASP A 200 1.21 15.32 -22.67
CA ASP A 200 0.01 16.10 -23.05
C ASP A 200 -0.95 15.23 -23.85
N VAL A 201 -2.23 15.25 -23.50
CA VAL A 201 -3.21 14.42 -24.20
C VAL A 201 -3.86 15.16 -25.37
N TYR A 202 -3.63 16.47 -25.42
CA TYR A 202 -4.19 17.30 -26.50
C TYR A 202 -3.18 17.56 -27.63
N LYS A 203 -1.95 17.13 -27.44
CA LYS A 203 -0.87 17.47 -28.37
C LYS A 203 -1.20 17.05 -29.81
N HIS A 204 -1.82 15.88 -29.98
CA HIS A 204 -2.15 15.38 -31.31
C HIS A 204 -3.32 16.15 -31.91
N ILE A 205 -4.15 16.71 -31.04
CA ILE A 205 -5.24 17.58 -31.47
C ILE A 205 -4.66 18.95 -31.83
N LYS A 206 -3.65 19.36 -31.07
CA LYS A 206 -2.90 20.58 -31.39
C LYS A 206 -2.34 20.49 -32.80
N GLU A 207 -1.48 19.49 -33.00
CA GLU A 207 -0.78 19.26 -34.26
C GLU A 207 -1.72 19.26 -35.48
N ALA A 208 -2.94 18.78 -35.30
CA ALA A 208 -3.91 18.79 -36.40
C ALA A 208 -4.40 20.21 -36.67
N GLY A 209 -4.01 21.15 -35.81
CA GLY A 209 -4.51 22.51 -35.88
C GLY A 209 -5.99 22.59 -35.52
N MET A 210 -6.48 21.52 -34.89
CA MET A 210 -7.90 21.44 -34.53
C MET A 210 -8.20 22.01 -33.14
N PHE A 211 -7.18 22.54 -32.47
CA PHE A 211 -7.32 22.97 -31.08
C PHE A 211 -7.68 24.47 -30.94
N ALA A 212 -8.66 24.77 -30.09
CA ALA A 212 -8.94 26.15 -29.71
C ALA A 212 -8.73 26.35 -28.21
N PRO A 213 -7.67 27.09 -27.83
CA PRO A 213 -7.38 27.32 -26.41
C PRO A 213 -8.49 28.13 -25.74
N THR A 214 -8.59 28.01 -24.42
CA THR A 214 -9.44 28.88 -23.64
C THR A 214 -8.67 29.36 -22.40
N GLN A 215 -9.30 30.22 -21.61
CA GLN A 215 -8.63 30.81 -20.46
C GLN A 215 -9.27 30.37 -19.14
N ARG A 216 -8.45 29.89 -18.20
CA ARG A 216 -8.95 29.53 -16.88
C ARG A 216 -9.44 30.79 -16.17
N THR A 217 -10.55 30.70 -15.45
CA THR A 217 -10.98 31.80 -14.61
C THR A 217 -10.07 31.84 -13.38
N GLU A 218 -10.28 32.80 -12.49
CA GLU A 218 -9.32 33.04 -11.42
C GLU A 218 -9.97 32.99 -10.03
N GLY A 219 -9.23 32.45 -9.05
CA GLY A 219 -9.70 32.39 -7.69
C GLY A 219 -10.77 31.35 -7.45
N ILE A 220 -11.20 30.69 -8.53
CA ILE A 220 -12.15 29.60 -8.41
C ILE A 220 -11.61 28.34 -9.08
N SER A 221 -11.91 27.20 -8.47
CA SER A 221 -11.68 25.91 -9.07
C SER A 221 -12.16 24.89 -8.05
N THR A 222 -12.45 23.68 -8.52
CA THR A 222 -13.13 22.69 -7.68
C THR A 222 -12.35 22.40 -6.40
N SER A 223 -11.05 22.59 -6.44
CA SER A 223 -10.21 22.33 -5.27
C SER A 223 -10.42 23.36 -4.15
N ASP A 224 -10.59 24.62 -4.52
CA ASP A 224 -10.79 25.67 -3.53
C ASP A 224 -12.05 25.44 -2.72
N ILE A 225 -13.15 25.20 -3.42
CA ILE A 225 -14.42 24.92 -2.79
C ILE A 225 -14.27 23.81 -1.76
N ILE A 226 -13.41 22.83 -2.08
CA ILE A 226 -13.13 21.76 -1.14
C ILE A 226 -12.39 22.33 0.06
N THR A 227 -11.30 23.04 -0.23
CA THR A 227 -10.37 23.53 0.76
C THR A 227 -11.01 24.43 1.83
N ARG A 228 -11.91 25.32 1.44
CA ARG A 228 -12.57 26.17 2.42
C ARG A 228 -13.28 25.32 3.49
N ILE A 229 -14.25 24.54 3.04
CA ILE A 229 -14.98 23.61 3.91
C ILE A 229 -14.04 22.75 4.75
N VAL A 230 -13.06 22.13 4.09
CA VAL A 230 -12.05 21.35 4.78
C VAL A 230 -11.46 22.11 5.97
N ARG A 231 -10.83 23.24 5.68
CA ARG A 231 -10.23 24.08 6.71
C ARG A 231 -11.19 24.32 7.87
N ASP A 232 -12.31 24.96 7.56
CA ASP A 232 -13.30 25.30 8.57
C ASP A 232 -13.64 24.10 9.46
N TYR A 233 -13.82 22.93 8.85
CA TYR A 233 -14.18 21.74 9.62
C TYR A 233 -13.01 21.18 10.42
N ASP A 234 -11.79 21.42 9.96
CA ASP A 234 -10.61 20.96 10.68
C ASP A 234 -10.48 21.76 11.96
N VAL A 235 -10.49 23.08 11.81
CA VAL A 235 -10.43 23.96 12.96
C VAL A 235 -11.62 23.83 13.87
N TYR A 236 -12.83 23.67 13.32
CA TYR A 236 -14.00 23.44 14.15
C TYR A 236 -13.95 22.13 14.88
N ALA A 237 -13.68 21.05 14.15
CA ALA A 237 -13.71 19.73 14.75
C ALA A 237 -12.64 19.61 15.84
N ARG A 238 -11.46 20.13 15.52
CA ARG A 238 -10.39 20.21 16.49
C ARG A 238 -10.80 21.12 17.64
N ARG A 239 -11.42 22.25 17.30
CA ARG A 239 -11.81 23.21 18.32
C ARG A 239 -12.83 22.61 19.28
N ASN A 240 -13.82 21.90 18.72
CA ASN A 240 -14.82 21.24 19.54
C ASN A 240 -14.20 20.17 20.43
N LEU A 241 -13.26 19.42 19.85
CA LEU A 241 -12.62 18.33 20.57
C LEU A 241 -11.91 18.97 21.77
N GLN A 242 -11.26 20.10 21.50
CA GLN A 242 -10.47 20.82 22.50
C GLN A 242 -11.34 21.36 23.63
N ARG A 243 -12.51 21.88 23.26
CA ARG A 243 -13.43 22.41 24.25
C ARG A 243 -13.87 21.25 25.15
N GLY A 244 -14.12 20.10 24.53
CA GLY A 244 -14.51 18.92 25.27
C GLY A 244 -13.44 18.50 26.25
N TYR A 245 -12.18 18.58 25.82
CA TYR A 245 -11.05 18.35 26.72
C TYR A 245 -11.03 19.39 27.84
N THR A 246 -11.31 20.64 27.50
CA THR A 246 -11.45 21.70 28.49
C THR A 246 -12.61 21.42 29.45
N ALA A 247 -13.74 21.05 28.85
CA ALA A 247 -14.91 20.60 29.58
C ALA A 247 -14.62 19.31 30.34
N LYS A 248 -13.89 18.40 29.71
CA LYS A 248 -13.57 17.13 30.33
C LYS A 248 -12.73 17.32 31.58
N GLU A 249 -11.75 18.20 31.52
CA GLU A 249 -10.89 18.47 32.67
C GLU A 249 -11.69 19.07 33.83
N LEU A 250 -12.58 19.99 33.50
CA LEU A 250 -13.45 20.61 34.49
C LEU A 250 -14.35 19.55 35.13
N ASN A 251 -14.84 18.64 34.30
CA ASN A 251 -15.67 17.55 34.78
C ASN A 251 -14.91 16.65 35.74
N VAL A 252 -13.65 16.39 35.41
CA VAL A 252 -12.78 15.60 36.27
C VAL A 252 -12.57 16.30 37.60
N SER A 253 -12.40 17.62 37.55
CA SER A 253 -12.26 18.42 38.76
C SER A 253 -13.51 18.35 39.63
N PHE A 254 -14.68 18.39 39.00
CA PHE A 254 -15.94 18.25 39.72
C PHE A 254 -16.03 16.86 40.35
N ILE A 255 -15.59 15.86 39.61
CA ILE A 255 -15.56 14.48 40.07
C ILE A 255 -14.61 14.33 41.26
N ASN A 256 -13.47 15.01 41.18
CA ASN A 256 -12.50 14.89 42.28
C ASN A 256 -13.01 15.61 43.53
N GLU A 257 -13.61 16.77 43.34
CA GLU A 257 -14.20 17.52 44.44
C GLU A 257 -15.34 16.73 45.09
N LYS A 258 -16.14 16.07 44.25
CA LYS A 258 -17.20 15.21 44.75
C LYS A 258 -16.65 14.05 45.57
N LYS A 259 -15.55 13.48 45.09
CA LYS A 259 -14.94 12.32 45.74
C LYS A 259 -14.46 12.65 47.14
N TYR A 260 -13.87 13.84 47.30
CA TYR A 260 -13.13 14.18 48.52
C TYR A 260 -14.10 14.50 49.65
N HIS A 261 -15.07 15.34 49.30
CA HIS A 261 -16.11 15.79 50.23
C HIS A 261 -16.86 14.59 50.80
N LEU A 262 -17.23 13.71 49.89
CA LEU A 262 -17.97 12.48 50.21
C LEU A 262 -17.17 11.64 51.21
N GLN A 263 -15.90 11.50 50.91
CA GLN A 263 -14.96 10.73 51.73
C GLN A 263 -14.92 11.31 53.15
N GLU A 264 -14.80 12.62 53.19
CA GLU A 264 -14.75 13.38 54.46
C GLU A 264 -16.00 13.09 55.29
N ARG A 265 -17.13 13.16 54.61
CA ARG A 265 -18.44 12.92 55.22
C ARG A 265 -18.49 11.53 55.85
N VAL A 266 -18.03 10.57 55.07
CA VAL A 266 -17.98 9.16 55.47
C VAL A 266 -17.15 9.00 56.74
N ASP A 267 -16.00 9.65 56.72
CA ASP A 267 -15.05 9.63 57.85
C ASP A 267 -15.74 10.16 59.11
N LYS A 268 -16.42 11.28 58.93
CA LYS A 268 -17.15 11.96 60.01
C LYS A 268 -18.18 11.00 60.63
N VAL A 269 -18.91 10.36 59.74
CA VAL A 269 -19.95 9.40 60.11
C VAL A 269 -19.36 8.28 60.96
N LYS A 270 -18.23 7.77 60.48
CA LYS A 270 -17.49 6.69 61.15
C LYS A 270 -17.12 7.11 62.57
N LYS A 271 -16.59 8.31 62.65
CA LYS A 271 -16.16 8.91 63.92
C LYS A 271 -17.33 8.97 64.91
N LYS A 272 -18.44 9.43 64.39
CA LYS A 272 -19.69 9.57 65.15
C LYS A 272 -20.10 8.22 65.72
N VAL A 273 -20.06 7.23 64.85
CA VAL A 273 -20.42 5.84 65.19
C VAL A 273 -19.55 5.33 66.34
N LYS A 274 -18.26 5.60 66.18
CA LYS A 274 -17.24 5.19 67.17
C LYS A 274 -17.57 5.81 68.54
N ASP A 275 -17.88 7.09 68.49
CA ASP A 275 -18.23 7.88 69.68
C ASP A 275 -19.43 7.24 70.39
N VAL A 276 -20.42 6.92 69.58
CA VAL A 276 -21.67 6.30 70.06
C VAL A 276 -21.37 4.99 70.77
N GLU A 277 -20.53 4.21 70.13
CA GLU A 277 -20.10 2.89 70.64
C GLU A 277 -19.45 3.07 72.02
N GLU A 278 -18.56 4.04 72.08
CA GLU A 278 -17.81 4.37 73.30
C GLU A 278 -18.79 4.70 74.43
N LYS A 279 -19.75 5.54 74.08
CA LYS A 279 -20.79 5.99 75.02
C LYS A 279 -21.55 4.79 75.59
N SER A 280 -21.92 3.91 74.67
CA SER A 280 -22.65 2.68 75.00
C SER A 280 -21.86 1.84 76.00
N LYS A 281 -20.58 1.69 75.69
CA LYS A 281 -19.63 0.93 76.52
C LYS A 281 -19.59 1.50 77.94
N GLU A 282 -19.49 2.82 77.98
CA GLU A 282 -19.44 3.57 79.25
C GLU A 282 -20.69 3.29 80.08
N PHE A 283 -21.81 3.36 79.40
CA PHE A 283 -23.13 3.12 80.01
C PHE A 283 -23.17 1.73 80.63
N VAL A 284 -22.71 0.77 79.84
CA VAL A 284 -22.66 -0.64 80.25
C VAL A 284 -21.84 -0.80 81.53
N GLN A 285 -20.69 -0.15 81.51
CA GLN A 285 -19.74 -0.17 82.63
C GLN A 285 -20.42 0.36 83.90
N LYS A 286 -21.10 1.48 83.72
CA LYS A 286 -21.83 2.16 84.80
C LYS A 286 -22.86 1.20 85.42
N VAL A 287 -23.59 0.55 84.52
CA VAL A 287 -24.63 -0.41 84.89
C VAL A 287 -24.04 -1.53 85.75
N GLU A 288 -22.92 -2.03 85.26
CA GLU A 288 -22.17 -3.12 85.93
C GLU A 288 -21.79 -2.69 87.36
N GLU A 289 -21.28 -1.49 87.43
CA GLU A 289 -20.84 -0.89 88.70
C GLU A 289 -22.01 -0.84 89.69
N LYS A 290 -23.13 -0.37 89.17
CA LYS A 290 -24.38 -0.23 89.94
C LYS A 290 -24.78 -1.59 90.50
N SER A 291 -24.74 -2.58 89.63
CA SER A 291 -25.10 -3.97 89.97
C SER A 291 -24.22 -4.47 91.11
N ILE A 292 -22.93 -4.20 90.97
CA ILE A 292 -21.92 -4.61 91.96
C ILE A 292 -22.25 -3.99 93.32
N ASP A 293 -22.56 -2.71 93.27
CA ASP A 293 -22.91 -1.92 94.47
C ASP A 293 -24.11 -2.56 95.18
N LEU A 294 -25.10 -2.88 94.36
CA LEU A 294 -26.36 -3.50 94.83
C LEU A 294 -26.05 -4.81 95.56
N TRP A 298 -23.24 -5.79 99.07
CA TRP A 298 -23.94 -6.88 99.77
C TRP A 298 -23.65 -7.13 101.26
N GLU A 299 -22.61 -6.51 101.83
CA GLU A 299 -22.09 -6.99 103.13
C GLU A 299 -23.10 -6.95 104.29
N GLU A 300 -23.62 -5.77 104.60
CA GLU A 300 -24.56 -5.64 105.74
C GLU A 300 -25.71 -6.65 105.63
N LYS A 301 -26.35 -6.66 104.47
CA LYS A 301 -27.43 -7.60 104.20
C LYS A 301 -26.86 -9.02 104.15
N SER A 302 -25.55 -9.15 104.11
CA SER A 302 -24.88 -10.44 104.22
C SER A 302 -24.95 -10.90 105.65
N ARG A 303 -24.53 -10.02 106.56
CA ARG A 303 -24.52 -10.38 107.98
C ARG A 303 -25.96 -10.62 108.37
N GLU A 304 -26.89 -10.03 107.61
CA GLU A 304 -28.30 -10.33 107.79
C GLU A 304 -28.59 -11.75 107.32
N PHE A 305 -28.15 -12.03 106.10
CA PHE A 305 -28.34 -13.31 105.44
C PHE A 305 -27.92 -14.49 106.29
N ILE A 306 -26.63 -14.62 106.56
CA ILE A 306 -26.14 -15.82 107.21
C ILE A 306 -26.97 -16.15 108.44
N GLY A 307 -27.20 -15.16 109.30
CA GLY A 307 -28.02 -15.35 110.48
C GLY A 307 -29.40 -15.86 110.12
N SER A 308 -30.06 -15.18 109.19
CA SER A 308 -31.37 -15.61 108.70
C SER A 308 -31.36 -17.10 108.31
N PHE A 309 -30.30 -17.51 107.62
CA PHE A 309 -30.16 -18.88 107.13
C PHE A 309 -29.98 -19.88 108.27
N LEU A 310 -29.26 -19.47 109.32
CA LEU A 310 -29.09 -20.34 110.48
C LEU A 310 -30.31 -20.35 111.39
N GLU A 311 -31.22 -19.41 111.16
CA GLU A 311 -32.50 -19.41 111.87
C GLU A 311 -33.27 -20.70 111.56
N MET A 312 -33.20 -21.12 110.30
CA MET A 312 -33.97 -22.25 109.79
C MET A 312 -33.66 -23.59 110.47
N PHE A 313 -32.44 -23.77 110.96
CA PHE A 313 -32.07 -25.03 111.62
C PHE A 313 -32.36 -24.99 113.11
N GLY A 314 -32.68 -23.79 113.60
CA GLY A 314 -33.02 -23.58 115.00
C GLY A 314 -32.57 -22.20 115.46
N PRO A 315 -32.70 -21.93 116.77
CA PRO A 315 -32.17 -20.70 117.36
C PRO A 315 -30.65 -20.70 117.44
N GLY B 60 -29.70 27.77 -29.41
CA GLY B 60 -28.85 27.82 -28.23
C GLY B 60 -28.57 29.24 -27.77
N LEU B 61 -27.85 29.37 -26.66
CA LEU B 61 -27.50 30.69 -26.14
C LEU B 61 -25.99 30.88 -25.95
N ARG B 62 -25.46 31.92 -26.60
CA ARG B 62 -24.05 32.29 -26.52
C ARG B 62 -23.70 33.11 -25.27
N GLN B 63 -24.60 34.02 -24.88
CA GLN B 63 -24.28 34.97 -23.82
C GLN B 63 -25.14 34.78 -22.56
N PRO B 64 -24.59 35.16 -21.39
CA PRO B 64 -25.20 35.00 -20.06
C PRO B 64 -26.47 35.82 -19.88
N ALA B 65 -27.11 35.69 -18.72
CA ALA B 65 -28.37 36.37 -18.44
C ALA B 65 -28.13 37.77 -17.92
N PRO B 66 -28.80 38.76 -18.52
CA PRO B 66 -28.68 40.15 -18.11
C PRO B 66 -28.98 40.32 -16.64
N PHE B 67 -28.15 41.09 -15.93
CA PHE B 67 -28.50 41.53 -14.59
C PHE B 67 -29.65 42.51 -14.70
N SER B 68 -30.37 42.70 -13.60
CA SER B 68 -31.49 43.62 -13.56
C SER B 68 -31.11 44.98 -14.15
N ASP B 69 -29.94 45.48 -13.77
CA ASP B 69 -29.47 46.82 -14.12
C ASP B 69 -29.28 47.07 -15.62
N GLU B 70 -28.70 46.10 -16.34
CA GLU B 70 -28.36 46.27 -17.76
C GLU B 70 -29.51 46.69 -18.69
N ILE B 71 -30.75 46.48 -18.26
CA ILE B 71 -31.89 46.58 -19.18
C ILE B 71 -32.66 47.90 -19.11
N GLU B 72 -33.09 48.38 -20.27
CA GLU B 72 -33.95 49.55 -20.33
C GLU B 72 -35.34 49.13 -19.86
N VAL B 73 -35.97 49.98 -19.06
CA VAL B 73 -37.30 49.69 -18.59
C VAL B 73 -38.13 50.97 -18.73
N ASP B 74 -39.39 50.82 -19.14
CA ASP B 74 -40.23 51.97 -19.51
C ASP B 74 -41.42 52.21 -18.58
N PHE B 75 -41.55 53.45 -18.11
CA PHE B 75 -42.64 53.81 -17.21
C PHE B 75 -43.79 54.52 -17.94
N SER B 76 -43.62 54.69 -19.25
CA SER B 76 -44.73 55.04 -20.15
C SER B 76 -45.59 53.81 -20.29
N LYS B 77 -45.10 52.70 -19.72
CA LYS B 77 -45.91 51.51 -19.52
C LYS B 77 -46.23 51.33 -18.04
N PRO B 78 -47.51 51.51 -17.67
CA PRO B 78 -48.02 51.36 -16.30
C PRO B 78 -47.83 49.94 -15.79
N TYR B 79 -47.89 49.75 -14.49
CA TYR B 79 -47.75 48.42 -13.92
C TYR B 79 -49.04 47.64 -14.08
N VAL B 80 -49.00 46.56 -14.85
CA VAL B 80 -50.18 45.68 -14.98
C VAL B 80 -49.82 44.20 -14.93
N ARG B 81 -50.33 43.51 -13.92
CA ARG B 81 -50.16 42.07 -13.79
C ARG B 81 -51.21 41.39 -14.67
N VAL B 82 -50.93 40.15 -15.09
CA VAL B 82 -51.95 39.34 -15.77
C VAL B 82 -52.54 38.36 -14.75
N THR B 83 -53.53 37.59 -15.17
CA THR B 83 -54.11 36.56 -14.31
C THR B 83 -53.88 35.19 -14.92
N MET B 84 -53.96 34.15 -14.08
CA MET B 84 -53.65 32.78 -14.47
C MET B 84 -54.26 32.39 -15.82
N GLU B 85 -55.52 32.78 -16.03
CA GLU B 85 -56.20 32.46 -17.28
C GLU B 85 -55.54 33.03 -18.54
N GLU B 86 -55.40 34.35 -18.61
CA GLU B 86 -54.81 34.94 -19.82
C GLU B 86 -53.29 34.80 -19.86
N ALA B 87 -52.69 34.36 -18.76
CA ALA B 87 -51.26 34.04 -18.76
C ALA B 87 -51.04 32.67 -19.37
N CYS B 88 -51.97 31.76 -19.04
CA CYS B 88 -51.92 30.38 -19.51
C CYS B 88 -52.40 30.26 -20.95
N ARG B 89 -53.26 31.17 -21.38
CA ARG B 89 -53.55 31.28 -22.81
C ARG B 89 -52.25 31.63 -23.52
N GLY B 90 -51.37 32.28 -22.77
CA GLY B 90 -50.04 32.63 -23.24
C GLY B 90 -50.05 34.05 -23.77
N THR B 91 -48.97 34.77 -23.52
CA THR B 91 -48.90 36.20 -23.83
C THR B 91 -48.28 36.49 -25.19
N PRO B 92 -48.58 37.66 -25.76
CA PRO B 92 -47.92 38.11 -27.00
C PRO B 92 -46.40 38.13 -26.81
N CYS B 93 -45.67 37.99 -27.91
CA CYS B 93 -44.22 37.93 -27.85
C CYS B 93 -43.59 39.22 -27.33
N GLU B 94 -44.26 40.35 -27.53
CA GLU B 94 -43.77 41.63 -27.05
C GLU B 94 -43.95 41.73 -25.54
N ARG B 95 -45.02 41.09 -25.04
CA ARG B 95 -45.40 41.14 -23.64
C ARG B 95 -45.44 39.72 -23.07
N PRO B 96 -44.28 39.20 -22.66
CA PRO B 96 -44.25 37.90 -21.98
C PRO B 96 -44.84 38.00 -20.57
N VAL B 97 -45.17 36.86 -19.98
CA VAL B 97 -45.51 36.82 -18.56
C VAL B 97 -44.21 36.94 -17.79
N ARG B 98 -44.19 37.75 -16.72
CA ARG B 98 -42.96 37.93 -15.97
C ARG B 98 -43.03 37.28 -14.58
N VAL B 99 -42.08 36.41 -14.31
CA VAL B 99 -42.10 35.61 -13.08
C VAL B 99 -40.81 35.78 -12.28
N TYR B 100 -40.94 35.79 -10.96
CA TYR B 100 -39.81 36.00 -10.07
C TYR B 100 -39.61 34.82 -9.13
N ALA B 101 -38.45 34.18 -9.24
CA ALA B 101 -38.02 33.13 -8.32
C ALA B 101 -36.85 33.67 -7.50
N ASP B 102 -36.74 33.27 -6.23
CA ASP B 102 -35.75 33.84 -5.34
C ASP B 102 -35.13 32.81 -4.39
N GLY B 103 -33.99 33.14 -3.78
CA GLY B 103 -33.27 32.17 -2.94
C GLY B 103 -31.77 32.43 -2.85
N ILE B 104 -31.09 31.60 -2.08
CA ILE B 104 -29.65 31.76 -1.82
C ILE B 104 -28.82 31.22 -2.98
N PHE B 105 -29.27 30.10 -3.53
CA PHE B 105 -28.59 29.44 -4.64
C PHE B 105 -27.13 29.14 -4.32
N ASP B 106 -26.87 28.85 -3.05
CA ASP B 106 -25.54 28.43 -2.63
C ASP B 106 -25.24 27.06 -3.25
N LEU B 107 -23.99 26.82 -3.62
CA LEU B 107 -23.60 25.57 -4.25
C LEU B 107 -24.56 25.20 -5.38
N PHE B 108 -24.70 26.11 -6.36
CA PHE B 108 -25.76 26.00 -7.35
C PHE B 108 -25.82 24.59 -7.91
N HIS B 109 -27.00 23.99 -7.89
CA HIS B 109 -27.16 22.59 -8.26
C HIS B 109 -28.48 22.30 -8.99
N SER B 110 -28.67 21.03 -9.34
CA SER B 110 -29.81 20.59 -10.16
C SER B 110 -31.19 20.94 -9.59
N GLY B 111 -31.36 20.82 -8.28
CA GLY B 111 -32.63 21.15 -7.65
C GLY B 111 -33.04 22.58 -7.95
N HIS B 112 -32.12 23.50 -7.70
CA HIS B 112 -32.31 24.89 -8.05
C HIS B 112 -32.70 25.02 -9.51
N ALA B 113 -31.94 24.33 -10.36
CA ALA B 113 -31.98 24.53 -11.80
C ALA B 113 -33.31 24.11 -12.40
N ARG B 114 -33.80 22.95 -11.99
CA ARG B 114 -35.11 22.49 -12.45
C ARG B 114 -36.25 23.14 -11.66
N ALA B 115 -35.92 23.78 -10.54
CA ALA B 115 -36.90 24.63 -9.87
C ALA B 115 -37.16 25.82 -10.79
N LEU B 116 -36.07 26.43 -11.23
CA LEU B 116 -36.12 27.51 -12.21
C LEU B 116 -36.66 27.03 -13.57
N MET B 117 -36.53 25.73 -13.86
CA MET B 117 -37.07 25.21 -15.12
C MET B 117 -38.58 25.14 -15.00
N GLN B 118 -39.03 24.58 -13.89
CA GLN B 118 -40.43 24.53 -13.59
C GLN B 118 -40.94 25.93 -13.79
N ALA B 119 -40.30 26.87 -13.11
CA ALA B 119 -40.73 28.26 -13.11
C ALA B 119 -40.77 28.87 -14.51
N LYS B 120 -39.78 28.52 -15.34
CA LYS B 120 -39.67 29.07 -16.69
C LYS B 120 -40.81 28.54 -17.54
N ASN B 121 -41.26 27.34 -17.21
CA ASN B 121 -42.28 26.65 -17.99
C ASN B 121 -43.73 26.89 -17.53
N LEU B 122 -43.91 27.65 -16.45
CA LEU B 122 -45.24 27.89 -15.90
C LEU B 122 -46.24 28.34 -16.97
N PHE B 123 -45.79 29.15 -17.91
CA PHE B 123 -46.67 29.67 -18.94
C PHE B 123 -46.04 29.56 -20.33
N PRO B 124 -46.90 29.53 -21.38
CA PRO B 124 -46.45 29.40 -22.77
C PRO B 124 -45.40 30.44 -23.14
N ASN B 125 -45.64 31.70 -22.79
CA ASN B 125 -44.65 32.74 -22.94
C ASN B 125 -44.27 33.27 -21.56
N THR B 126 -43.00 33.23 -21.22
CA THR B 126 -42.57 33.57 -19.88
C THR B 126 -41.21 34.26 -19.88
N TYR B 127 -41.04 35.19 -18.95
CA TYR B 127 -39.78 35.85 -18.73
C TYR B 127 -39.36 35.60 -17.29
N LEU B 128 -38.21 34.94 -17.11
CA LEU B 128 -37.79 34.55 -15.76
C LEU B 128 -36.74 35.48 -15.17
N ILE B 129 -37.14 36.16 -14.10
CA ILE B 129 -36.23 36.98 -13.31
C ILE B 129 -35.98 36.22 -12.01
N VAL B 130 -34.74 36.16 -11.58
CA VAL B 130 -34.41 35.39 -10.38
C VAL B 130 -33.68 36.24 -9.35
N GLY B 131 -34.35 36.51 -8.24
CA GLY B 131 -33.72 37.20 -7.13
C GLY B 131 -32.73 36.33 -6.36
N VAL B 132 -31.50 36.82 -6.22
CA VAL B 132 -30.52 36.15 -5.39
C VAL B 132 -30.19 37.06 -4.20
N CYS B 133 -30.27 36.51 -3.00
CA CYS B 133 -30.06 37.28 -1.78
C CYS B 133 -28.58 37.56 -1.52
N SER B 134 -28.33 38.66 -0.82
CA SER B 134 -26.97 39.05 -0.44
C SER B 134 -26.40 38.13 0.63
N ASP B 135 -25.07 38.10 0.73
CA ASP B 135 -24.42 37.41 1.83
C ASP B 135 -24.93 37.95 3.18
N GLU B 136 -24.93 39.26 3.34
CA GLU B 136 -25.31 39.88 4.61
C GLU B 136 -26.66 39.38 5.11
N LEU B 137 -27.67 39.58 4.27
CA LEU B 137 -29.04 39.17 4.59
C LEU B 137 -29.09 37.67 4.93
N THR B 138 -28.40 36.88 4.12
CA THR B 138 -28.42 35.43 4.25
C THR B 138 -27.78 34.93 5.54
N HIS B 139 -26.73 35.61 5.99
CA HIS B 139 -26.08 35.24 7.24
C HIS B 139 -26.94 35.70 8.41
N ASN B 140 -27.60 36.84 8.23
CA ASN B 140 -28.56 37.33 9.21
C ASN B 140 -29.66 36.30 9.49
N PHE B 141 -30.49 36.07 8.47
CA PHE B 141 -31.71 35.27 8.64
C PHE B 141 -31.58 33.77 8.47
N LYS B 142 -30.47 33.29 7.93
CA LYS B 142 -30.41 31.88 7.53
C LYS B 142 -29.21 31.10 8.08
N GLY B 143 -28.03 31.49 7.63
CA GLY B 143 -26.80 30.82 8.03
C GLY B 143 -25.74 31.15 7.00
N PHE B 144 -24.63 30.42 7.04
CA PHE B 144 -23.51 30.72 6.14
C PHE B 144 -23.74 30.22 4.71
N THR B 145 -23.17 30.95 3.75
CA THR B 145 -23.02 30.43 2.40
C THR B 145 -21.58 29.97 2.25
N VAL B 146 -21.37 28.86 1.54
CA VAL B 146 -20.02 28.43 1.23
C VAL B 146 -19.48 29.31 0.12
N MET B 147 -20.38 29.73 -0.76
CA MET B 147 -20.04 30.61 -1.86
C MET B 147 -20.63 32.00 -1.62
N ASN B 148 -19.84 33.04 -1.80
CA ASN B 148 -20.35 34.40 -1.56
C ASN B 148 -21.24 34.87 -2.71
N GLU B 149 -21.83 36.05 -2.55
CA GLU B 149 -22.86 36.54 -3.46
C GLU B 149 -22.45 36.64 -4.94
N ASN B 150 -21.23 37.09 -5.21
CA ASN B 150 -20.77 37.21 -6.59
C ASN B 150 -20.74 35.87 -7.33
N GLU B 151 -20.10 34.87 -6.72
CA GLU B 151 -20.05 33.51 -7.26
C GLU B 151 -21.46 33.02 -7.59
N ARG B 152 -22.40 33.35 -6.73
CA ARG B 152 -23.78 32.91 -6.89
C ARG B 152 -24.49 33.68 -8.00
N TYR B 153 -24.21 34.97 -8.11
CA TYR B 153 -24.73 35.77 -9.21
C TYR B 153 -24.27 35.19 -10.55
N ASP B 154 -22.97 34.90 -10.63
CA ASP B 154 -22.41 34.29 -11.84
C ASP B 154 -23.14 32.97 -12.09
N ALA B 155 -23.17 32.14 -11.05
CA ALA B 155 -23.79 30.83 -11.06
C ALA B 155 -25.16 30.90 -11.71
N VAL B 156 -26.08 31.63 -11.07
CA VAL B 156 -27.45 31.76 -11.55
C VAL B 156 -27.50 32.38 -12.96
N GLN B 157 -26.57 33.30 -13.24
CA GLN B 157 -26.47 33.89 -14.58
C GLN B 157 -26.28 32.81 -15.62
N HIS B 158 -25.56 31.77 -15.24
CA HIS B 158 -25.19 30.73 -16.20
C HIS B 158 -26.24 29.63 -16.39
N CYS B 159 -27.36 29.73 -15.67
CA CYS B 159 -28.44 28.75 -15.79
C CYS B 159 -29.19 28.88 -17.13
N ARG B 160 -29.79 27.77 -17.58
CA ARG B 160 -30.34 27.70 -18.93
C ARG B 160 -31.69 28.40 -19.11
N TYR B 161 -32.50 28.39 -18.05
CA TYR B 161 -33.88 28.89 -18.12
C TYR B 161 -34.00 30.33 -17.62
N VAL B 162 -32.86 30.91 -17.22
CA VAL B 162 -32.84 32.23 -16.61
C VAL B 162 -32.72 33.33 -17.64
N ASP B 163 -33.74 34.20 -17.70
CA ASP B 163 -33.64 35.42 -18.52
C ASP B 163 -32.93 36.58 -17.84
N GLU B 164 -33.20 36.76 -16.55
CA GLU B 164 -32.71 37.95 -15.86
C GLU B 164 -32.33 37.64 -14.42
N VAL B 165 -31.25 38.25 -13.93
CA VAL B 165 -30.81 38.06 -12.55
C VAL B 165 -30.98 39.35 -11.74
N VAL B 166 -31.56 39.22 -10.55
CA VAL B 166 -31.71 40.35 -9.66
C VAL B 166 -30.78 40.22 -8.45
N ARG B 167 -29.78 41.09 -8.39
CA ARG B 167 -28.81 41.05 -7.30
C ARG B 167 -29.39 41.57 -6.01
N ASN B 168 -28.77 41.19 -4.89
CA ASN B 168 -29.07 41.81 -3.60
C ASN B 168 -30.57 41.86 -3.36
N ALA B 169 -31.25 40.75 -3.61
CA ALA B 169 -32.70 40.67 -3.50
C ALA B 169 -33.16 40.56 -2.05
N PRO B 170 -34.35 41.11 -1.75
CA PRO B 170 -34.90 41.25 -0.40
C PRO B 170 -35.42 39.94 0.17
N TRP B 171 -35.30 39.76 1.47
CA TRP B 171 -35.85 38.58 2.14
C TRP B 171 -37.35 38.54 1.93
N THR B 172 -38.01 39.64 2.30
CA THR B 172 -39.44 39.79 2.10
C THR B 172 -39.70 40.68 0.89
N LEU B 173 -40.66 40.30 0.05
CA LEU B 173 -41.00 41.08 -1.14
C LEU B 173 -42.04 42.16 -0.85
N THR B 174 -41.81 43.34 -1.41
CA THR B 174 -42.62 44.52 -1.13
C THR B 174 -43.40 44.93 -2.37
N PRO B 175 -44.51 45.65 -2.18
CA PRO B 175 -45.29 46.15 -3.32
C PRO B 175 -44.42 46.91 -4.33
N GLU B 176 -43.47 47.69 -3.83
CA GLU B 176 -42.63 48.51 -4.69
C GLU B 176 -41.59 47.68 -5.42
N PHE B 177 -41.20 46.55 -4.84
CA PHE B 177 -40.29 45.64 -5.52
C PHE B 177 -41.04 45.02 -6.70
N LEU B 178 -42.22 44.48 -6.41
CA LEU B 178 -43.07 43.85 -7.40
C LEU B 178 -43.45 44.81 -8.53
N ALA B 179 -43.61 46.08 -8.19
CA ALA B 179 -43.96 47.10 -9.18
C ALA B 179 -42.73 47.50 -9.98
N GLU B 180 -41.58 47.55 -9.30
CA GLU B 180 -40.35 47.97 -9.93
C GLU B 180 -39.99 46.98 -11.03
N HIS B 181 -40.03 45.70 -10.68
CA HIS B 181 -39.63 44.65 -11.59
C HIS B 181 -40.81 44.07 -12.38
N ARG B 182 -41.98 44.67 -12.19
CA ARG B 182 -43.16 44.36 -13.00
C ARG B 182 -43.60 42.90 -12.89
N ILE B 183 -43.41 42.31 -11.71
CA ILE B 183 -43.64 40.88 -11.50
C ILE B 183 -45.12 40.47 -11.56
N ASP B 184 -45.41 39.53 -12.45
CA ASP B 184 -46.75 38.95 -12.56
C ASP B 184 -46.98 37.84 -11.53
N PHE B 185 -45.99 36.98 -11.36
CA PHE B 185 -46.09 35.85 -10.42
C PHE B 185 -44.77 35.58 -9.72
N VAL B 186 -44.84 34.85 -8.61
CA VAL B 186 -43.66 34.53 -7.81
C VAL B 186 -43.54 33.03 -7.60
N ALA B 187 -42.50 32.43 -8.17
CA ALA B 187 -42.36 30.98 -8.14
C ALA B 187 -41.46 30.49 -7.00
N HIS B 188 -41.99 29.58 -6.17
CA HIS B 188 -41.16 28.93 -5.14
C HIS B 188 -41.88 27.68 -4.61
N ASP B 189 -41.23 26.92 -3.74
CA ASP B 189 -41.86 25.70 -3.21
C ASP B 189 -42.95 26.06 -2.19
N ASP B 190 -43.98 25.23 -2.09
CA ASP B 190 -45.20 25.59 -1.34
C ASP B 190 -45.09 25.36 0.17
N ILE B 191 -43.90 24.96 0.64
CA ILE B 191 -43.64 24.97 2.09
C ILE B 191 -43.65 26.41 2.60
N PRO B 192 -44.20 26.61 3.81
CA PRO B 192 -44.07 27.94 4.43
C PRO B 192 -42.60 28.24 4.70
N TYR B 193 -42.17 29.47 4.40
CA TYR B 193 -40.79 29.87 4.66
C TYR B 193 -40.78 30.69 5.94
N SER B 194 -40.22 30.14 7.01
CA SER B 194 -40.20 30.87 8.26
C SER B 194 -38.85 31.53 8.43
N SER B 195 -38.83 32.85 8.25
CA SER B 195 -37.63 33.65 8.46
C SER B 195 -38.02 34.75 9.43
N ALA B 196 -37.07 35.17 10.25
CA ALA B 196 -37.38 35.63 11.61
C ALA B 196 -38.55 36.60 11.68
N GLY B 197 -39.47 36.34 12.61
CA GLY B 197 -40.64 37.17 12.81
C GLY B 197 -41.86 36.78 11.99
N SER B 198 -41.65 35.92 10.99
CA SER B 198 -42.74 35.50 10.12
C SER B 198 -42.79 33.98 10.03
N ASP B 199 -44.00 33.44 10.08
CA ASP B 199 -44.17 32.00 9.95
C ASP B 199 -44.09 31.58 8.49
N ASP B 200 -44.58 32.45 7.61
CA ASP B 200 -44.37 32.33 6.17
C ASP B 200 -44.13 33.71 5.56
N VAL B 201 -43.04 33.88 4.84
CA VAL B 201 -42.74 35.18 4.23
C VAL B 201 -43.37 35.30 2.82
N TYR B 202 -43.97 34.21 2.37
CA TYR B 202 -44.71 34.21 1.11
C TYR B 202 -46.22 34.35 1.28
N LYS B 203 -46.67 34.47 2.54
CA LYS B 203 -48.10 34.48 2.85
C LYS B 203 -48.88 35.45 1.98
N HIS B 204 -48.46 36.71 1.99
CA HIS B 204 -49.16 37.76 1.25
C HIS B 204 -49.13 37.56 -0.28
N ILE B 205 -48.04 37.00 -0.79
CA ILE B 205 -47.94 36.73 -2.22
C ILE B 205 -48.84 35.56 -2.60
N LYS B 206 -48.98 34.62 -1.65
CA LYS B 206 -49.89 33.50 -1.83
C LYS B 206 -51.31 34.04 -1.88
N GLU B 207 -51.59 34.98 -0.98
CA GLU B 207 -52.92 35.59 -0.87
C GLU B 207 -53.29 36.46 -2.07
N ALA B 208 -52.31 37.17 -2.63
CA ALA B 208 -52.52 38.00 -3.80
C ALA B 208 -52.97 37.17 -5.00
N GLY B 209 -52.82 35.85 -4.88
CA GLY B 209 -53.07 34.95 -6.00
C GLY B 209 -51.87 34.96 -6.91
N MET B 210 -50.81 35.60 -6.43
CA MET B 210 -49.58 35.76 -7.20
C MET B 210 -48.68 34.51 -7.17
N PHE B 211 -48.74 33.76 -6.08
CA PHE B 211 -47.79 32.66 -5.86
C PHE B 211 -47.95 31.49 -6.83
N ALA B 212 -46.82 31.01 -7.36
CA ALA B 212 -46.78 29.76 -8.12
C ALA B 212 -45.88 28.73 -7.42
N PRO B 213 -46.48 27.65 -6.90
CA PRO B 213 -45.71 26.59 -6.24
C PRO B 213 -44.83 25.84 -7.22
N THR B 214 -43.76 25.25 -6.71
CA THR B 214 -42.92 24.39 -7.52
C THR B 214 -42.57 23.15 -6.71
N GLN B 215 -41.86 22.22 -7.33
CA GLN B 215 -41.51 20.97 -6.65
C GLN B 215 -40.02 20.87 -6.41
N ARG B 216 -39.65 20.42 -5.21
CA ARG B 216 -38.25 20.23 -4.88
C ARG B 216 -37.75 18.88 -5.35
N THR B 217 -36.58 18.89 -5.99
CA THR B 217 -35.86 17.66 -6.29
C THR B 217 -35.43 16.97 -5.00
N GLU B 218 -35.49 15.64 -4.99
CA GLU B 218 -35.09 14.85 -3.83
C GLU B 218 -33.70 14.27 -4.05
N GLY B 219 -32.93 14.15 -2.96
CA GLY B 219 -31.58 13.64 -3.04
C GLY B 219 -30.56 14.74 -3.23
N ILE B 220 -31.02 15.89 -3.70
CA ILE B 220 -30.13 17.03 -3.92
C ILE B 220 -30.47 18.17 -2.97
N SER B 221 -29.43 18.79 -2.42
CA SER B 221 -29.55 19.99 -1.61
C SER B 221 -28.15 20.38 -1.15
N THR B 222 -27.98 21.65 -0.78
CA THR B 222 -26.66 22.15 -0.40
C THR B 222 -26.18 21.47 0.89
N SER B 223 -27.11 21.21 1.80
CA SER B 223 -26.79 20.52 3.05
C SER B 223 -26.19 19.14 2.75
N ASP B 224 -26.75 18.47 1.74
CA ASP B 224 -26.27 17.16 1.34
C ASP B 224 -24.85 17.26 0.81
N ILE B 225 -24.67 18.17 -0.14
CA ILE B 225 -23.37 18.38 -0.77
C ILE B 225 -22.30 18.70 0.28
N ILE B 226 -22.70 19.38 1.35
CA ILE B 226 -21.76 19.72 2.42
C ILE B 226 -21.48 18.49 3.28
N THR B 227 -22.53 17.76 3.62
CA THR B 227 -22.44 16.62 4.51
C THR B 227 -21.69 15.42 3.92
N ARG B 228 -21.67 15.28 2.59
CA ARG B 228 -20.85 14.22 2.01
C ARG B 228 -19.38 14.49 2.32
N ILE B 229 -18.95 15.70 1.94
CA ILE B 229 -17.58 16.13 2.14
C ILE B 229 -17.18 16.06 3.62
N VAL B 230 -17.94 16.74 4.46
CA VAL B 230 -17.67 16.72 5.89
C VAL B 230 -17.61 15.29 6.44
N ARG B 231 -18.57 14.47 6.03
CA ARG B 231 -18.61 13.07 6.46
C ARG B 231 -17.29 12.38 6.16
N ASP B 232 -16.85 12.47 4.91
CA ASP B 232 -15.60 11.83 4.50
C ASP B 232 -14.39 12.38 5.28
N TYR B 233 -14.27 13.71 5.31
CA TYR B 233 -13.12 14.35 5.94
C TYR B 233 -13.03 14.05 7.43
N ASP B 234 -14.16 13.89 8.11
CA ASP B 234 -14.15 13.59 9.53
C ASP B 234 -13.43 12.28 9.82
N VAL B 235 -13.91 11.20 9.24
CA VAL B 235 -13.34 9.87 9.44
C VAL B 235 -11.94 9.79 8.88
N TYR B 236 -11.70 10.44 7.74
CA TYR B 236 -10.35 10.45 7.18
C TYR B 236 -9.34 11.10 8.12
N ALA B 237 -9.69 12.27 8.63
CA ALA B 237 -8.83 13.01 9.55
C ALA B 237 -8.59 12.24 10.86
N ARG B 238 -9.68 11.88 11.53
CA ARG B 238 -9.57 11.11 12.76
C ARG B 238 -8.72 9.86 12.51
N ARG B 239 -8.88 9.26 11.33
CA ARG B 239 -8.10 8.09 10.99
C ARG B 239 -6.62 8.42 10.89
N ASN B 240 -6.30 9.56 10.27
CA ASN B 240 -4.90 9.96 10.10
C ASN B 240 -4.32 10.58 11.38
N LEU B 241 -5.14 10.64 12.43
CA LEU B 241 -4.62 11.00 13.74
C LEU B 241 -3.95 9.80 14.40
N GLN B 242 -4.75 8.79 14.71
CA GLN B 242 -4.27 7.62 15.44
C GLN B 242 -3.04 7.01 14.78
N ARG B 243 -2.85 7.27 13.49
CA ARG B 243 -1.62 6.87 12.81
C ARG B 243 -0.44 7.66 13.36
N THR B 246 -0.74 4.16 16.95
CA THR B 246 -1.43 2.87 16.99
C THR B 246 -1.22 2.21 18.36
N ALA B 247 0.04 2.22 18.78
CA ALA B 247 0.47 1.63 20.06
C ALA B 247 -0.30 2.29 21.21
N LYS B 248 -0.32 3.63 21.12
CA LYS B 248 -1.01 4.48 22.11
C LYS B 248 -2.48 4.10 22.20
N GLU B 249 -3.09 3.97 21.05
CA GLU B 249 -4.52 3.62 20.92
C GLU B 249 -4.79 2.30 21.63
N LEU B 250 -3.89 1.34 21.36
CA LEU B 250 -3.95 0.00 21.94
C LEU B 250 -3.87 0.09 23.47
N ASN B 251 -2.91 0.90 23.90
CA ASN B 251 -2.66 1.15 25.33
C ASN B 251 -3.92 1.72 25.99
N VAL B 252 -4.50 2.68 25.38
CA VAL B 252 -5.70 3.36 25.88
C VAL B 252 -6.82 2.34 26.12
N SER B 253 -6.99 1.47 25.14
CA SER B 253 -8.00 0.40 25.18
C SER B 253 -7.75 -0.51 26.40
N PHE B 254 -6.41 -0.83 26.49
CA PHE B 254 -5.88 -1.66 27.59
C PHE B 254 -6.15 -0.99 28.93
N ILE B 255 -5.80 0.30 28.96
CA ILE B 255 -5.94 1.14 30.14
C ILE B 255 -7.38 1.13 30.64
N ASN B 256 -8.30 1.28 29.80
CA ASN B 256 -9.73 1.29 30.12
C ASN B 256 -10.13 -0.02 30.82
N GLU B 257 -9.60 -1.11 30.26
CA GLU B 257 -9.83 -2.47 30.78
C GLU B 257 -9.28 -2.59 32.19
N LYS B 258 -8.01 -2.04 32.27
CA LYS B 258 -7.25 -2.02 33.54
C LYS B 258 -8.03 -1.23 34.59
N LYS B 259 -8.50 -0.08 34.17
CA LYS B 259 -9.28 0.84 35.01
C LYS B 259 -10.52 0.12 35.56
N TYR B 260 -11.20 -0.55 34.64
CA TYR B 260 -12.43 -1.29 34.95
C TYR B 260 -12.16 -2.32 36.05
N HIS B 261 -11.07 -3.03 35.85
CA HIS B 261 -10.63 -4.08 36.80
C HIS B 261 -10.41 -3.49 38.19
N LEU B 262 -9.74 -2.35 38.18
CA LEU B 262 -9.44 -1.59 39.40
C LEU B 262 -10.74 -1.19 40.10
N GLN B 263 -11.65 -0.67 39.32
CA GLN B 263 -12.97 -0.22 39.81
C GLN B 263 -13.68 -1.37 40.52
N GLU B 264 -13.67 -2.50 39.88
CA GLU B 264 -14.31 -3.73 40.39
C GLU B 264 -13.73 -4.09 41.76
N ARG B 265 -12.42 -4.05 41.82
CA ARG B 265 -11.65 -4.35 43.04
C ARG B 265 -12.08 -3.40 44.17
N VAL B 266 -12.15 -2.15 43.85
CA VAL B 266 -12.52 -1.08 44.78
C VAL B 266 -13.91 -1.37 45.37
N ASP B 267 -14.82 -1.73 44.50
CA ASP B 267 -16.21 -2.06 44.86
C ASP B 267 -16.21 -3.23 45.85
N LYS B 268 -15.44 -4.24 45.50
CA LYS B 268 -15.31 -5.45 46.31
C LYS B 268 -14.82 -5.10 47.72
N VAL B 269 -13.81 -4.26 47.75
CA VAL B 269 -13.19 -3.79 49.00
C VAL B 269 -14.24 -3.11 49.88
N LYS B 270 -15.00 -2.24 49.22
CA LYS B 270 -16.07 -1.47 49.87
C LYS B 270 -17.08 -2.41 50.51
N LYS B 271 -17.47 -3.41 49.72
CA LYS B 271 -18.43 -4.43 50.14
C LYS B 271 -17.93 -5.15 51.41
N LYS B 272 -16.67 -5.52 51.34
CA LYS B 272 -15.99 -6.22 52.44
C LYS B 272 -16.04 -5.38 53.72
N VAL B 273 -15.73 -4.11 53.54
CA VAL B 273 -15.72 -3.13 54.63
C VAL B 273 -17.09 -3.06 55.28
N LYS B 274 -18.10 -2.98 54.43
CA LYS B 274 -19.51 -2.91 54.84
C LYS B 274 -19.87 -4.13 55.69
N ASP B 275 -19.46 -5.27 55.18
CA ASP B 275 -19.70 -6.57 55.83
C ASP B 275 -19.10 -6.57 57.24
N VAL B 276 -17.86 -6.11 57.30
CA VAL B 276 -17.09 -6.01 58.55
C VAL B 276 -17.84 -5.15 59.56
N GLU B 277 -18.30 -4.01 59.06
CA GLU B 277 -19.05 -3.03 59.87
C GLU B 277 -20.30 -3.69 60.47
N GLU B 278 -20.99 -4.41 59.60
CA GLU B 278 -22.23 -5.12 59.97
C GLU B 278 -21.95 -6.12 61.10
N LYS B 279 -20.86 -6.86 60.91
CA LYS B 279 -20.42 -7.87 61.88
C LYS B 279 -20.16 -7.22 63.24
N SER B 280 -19.46 -6.11 63.18
CA SER B 280 -19.11 -5.32 64.38
C SER B 280 -20.38 -4.91 65.13
N LYS B 281 -21.33 -4.41 64.34
CA LYS B 281 -22.63 -3.95 64.87
C LYS B 281 -23.34 -5.10 65.59
N GLU B 282 -23.33 -6.24 64.93
CA GLU B 282 -23.95 -7.47 65.45
C GLU B 282 -23.34 -7.84 66.80
N PHE B 283 -22.01 -7.79 66.82
CA PHE B 283 -21.22 -8.11 68.02
C PHE B 283 -21.63 -7.19 69.18
N VAL B 284 -21.71 -5.92 68.85
CA VAL B 284 -22.10 -4.87 69.80
C VAL B 284 -23.47 -5.17 70.41
N GLN B 285 -24.38 -5.51 69.52
CA GLN B 285 -25.77 -5.84 69.88
C GLN B 285 -25.78 -7.01 70.87
N LYS B 286 -25.01 -8.02 70.52
CA LYS B 286 -24.87 -9.24 71.33
C LYS B 286 -24.39 -8.88 72.75
N VAL B 287 -23.37 -8.05 72.77
CA VAL B 287 -22.76 -7.57 74.02
C VAL B 287 -23.81 -6.89 74.90
N GLU B 288 -24.57 -6.02 74.25
CA GLU B 288 -25.63 -5.25 74.89
C GLU B 288 -26.64 -6.20 75.53
N GLU B 289 -27.02 -7.19 74.76
CA GLU B 289 -27.99 -8.22 75.17
C GLU B 289 -27.49 -8.94 76.42
N LYS B 290 -26.22 -9.31 76.36
CA LYS B 290 -25.54 -10.01 77.46
C LYS B 290 -25.60 -9.16 78.74
N SER B 291 -25.29 -7.89 78.56
CA SER B 291 -25.28 -6.91 79.66
C SER B 291 -26.67 -6.85 80.31
N ILE B 292 -27.66 -6.77 79.44
CA ILE B 292 -29.07 -6.69 79.86
C ILE B 292 -29.43 -7.91 80.71
N ASP B 293 -29.02 -9.06 80.20
CA ASP B 293 -29.27 -10.36 80.86
C ASP B 293 -28.65 -10.35 82.27
N LEU B 294 -27.42 -9.89 82.32
CA LEU B 294 -26.65 -9.80 83.58
C LEU B 294 -27.41 -8.94 84.58
N ILE B 295 -27.86 -7.80 84.09
CA ILE B 295 -28.61 -6.82 84.89
C ILE B 295 -29.85 -7.48 85.49
N TRP B 298 -26.89 -13.51 88.99
CA TRP B 298 -26.77 -14.30 90.23
C TRP B 298 -27.57 -15.60 90.07
N GLU B 299 -28.75 -15.48 89.46
CA GLU B 299 -29.57 -16.63 89.16
C GLU B 299 -28.76 -17.64 88.36
N GLU B 300 -28.00 -17.14 87.39
CA GLU B 300 -27.14 -17.98 86.58
C GLU B 300 -25.90 -18.46 87.34
N LYS B 301 -25.18 -17.52 87.94
CA LYS B 301 -23.85 -17.78 88.51
C LYS B 301 -23.84 -18.35 89.93
N SER B 302 -25.00 -18.61 90.50
CA SER B 302 -25.07 -19.19 91.83
C SER B 302 -24.53 -20.61 91.84
N ARG B 303 -25.00 -21.41 90.88
CA ARG B 303 -24.55 -22.78 90.71
C ARG B 303 -23.02 -22.86 90.68
N GLU B 304 -22.41 -21.90 89.99
CA GLU B 304 -20.95 -21.83 89.89
C GLU B 304 -20.33 -21.28 91.17
N PHE B 305 -21.05 -20.38 91.85
CA PHE B 305 -20.57 -19.76 93.07
C PHE B 305 -20.41 -20.79 94.19
N ILE B 306 -21.41 -21.65 94.36
CA ILE B 306 -21.43 -22.61 95.45
C ILE B 306 -20.30 -23.65 95.35
N GLY B 307 -20.23 -24.33 94.21
CA GLY B 307 -19.20 -25.34 94.01
C GLY B 307 -17.82 -24.74 94.24
N SER B 308 -17.61 -23.55 93.70
CA SER B 308 -16.33 -22.86 93.87
C SER B 308 -16.06 -22.63 95.34
N PHE B 309 -17.07 -22.11 96.04
CA PHE B 309 -16.98 -21.88 97.47
C PHE B 309 -16.56 -23.14 98.21
N LEU B 310 -17.13 -24.27 97.81
CA LEU B 310 -16.82 -25.54 98.46
C LEU B 310 -15.50 -26.17 98.01
N GLU B 311 -14.92 -25.65 96.94
CA GLU B 311 -13.59 -26.08 96.54
C GLU B 311 -12.63 -25.77 97.68
N MET B 312 -12.86 -24.61 98.30
CA MET B 312 -12.05 -24.13 99.41
C MET B 312 -11.93 -25.14 100.55
N PHE B 313 -12.94 -25.99 100.71
CA PHE B 313 -12.95 -26.97 101.81
C PHE B 313 -12.35 -28.34 101.47
N GLY B 314 -11.74 -28.44 100.28
CA GLY B 314 -11.10 -29.66 99.80
C GLY B 314 -11.70 -30.36 98.59
N PRO B 315 -10.94 -31.31 98.03
CA PRO B 315 -10.95 -31.88 96.67
C PRO B 315 -12.27 -31.68 95.95
N GLY C 60 -11.93 -52.81 124.47
CA GLY C 60 -12.86 -51.70 124.40
C GLY C 60 -14.22 -52.10 123.86
N LEU C 61 -14.70 -51.38 122.84
CA LEU C 61 -15.96 -51.72 122.21
C LEU C 61 -15.82 -51.86 120.69
N ARG C 62 -16.00 -53.09 120.21
CA ARG C 62 -15.89 -53.39 118.79
C ARG C 62 -17.24 -53.24 118.06
N GLN C 63 -18.31 -53.09 118.82
CA GLN C 63 -19.66 -53.17 118.25
C GLN C 63 -20.51 -51.91 118.50
N PRO C 64 -21.36 -51.55 117.52
CA PRO C 64 -22.26 -50.40 117.61
C PRO C 64 -23.32 -50.62 118.67
N ALA C 65 -24.18 -49.63 118.85
CA ALA C 65 -25.22 -49.67 119.87
C ALA C 65 -26.48 -50.30 119.29
N PRO C 66 -27.10 -51.21 120.06
CA PRO C 66 -28.38 -51.79 119.63
C PRO C 66 -29.44 -50.70 119.44
N PHE C 67 -30.47 -50.98 118.66
CA PHE C 67 -31.67 -50.16 118.73
C PHE C 67 -32.58 -50.80 119.77
N SER C 68 -33.73 -50.18 120.01
CA SER C 68 -34.67 -50.71 120.99
C SER C 68 -35.33 -52.01 120.48
N ASP C 69 -35.68 -52.03 119.20
CA ASP C 69 -36.37 -53.19 118.61
C ASP C 69 -35.43 -54.38 118.36
N GLU C 70 -34.14 -54.09 118.25
CA GLU C 70 -33.15 -55.16 118.19
C GLU C 70 -33.14 -55.96 119.50
N ILE C 71 -33.74 -55.39 120.53
CA ILE C 71 -33.53 -55.88 121.90
C ILE C 71 -34.72 -56.61 122.50
N GLU C 72 -34.42 -57.70 123.23
CA GLU C 72 -35.43 -58.44 123.99
C GLU C 72 -35.68 -57.78 125.35
N VAL C 73 -36.91 -57.88 125.81
CA VAL C 73 -37.28 -57.32 127.11
C VAL C 73 -38.28 -58.21 127.84
N ASP C 74 -38.04 -58.43 129.13
CA ASP C 74 -38.90 -59.27 129.95
C ASP C 74 -40.00 -58.44 130.58
N PHE C 75 -41.24 -58.69 130.19
CA PHE C 75 -42.37 -57.95 130.75
C PHE C 75 -43.00 -58.72 131.91
N SER C 76 -42.43 -59.88 132.22
CA SER C 76 -42.81 -60.62 133.42
C SER C 76 -42.15 -59.93 134.59
N LYS C 77 -41.32 -58.96 134.27
CA LYS C 77 -40.79 -58.01 135.23
C LYS C 77 -41.62 -56.73 135.13
N PRO C 78 -42.35 -56.42 136.22
CA PRO C 78 -43.19 -55.22 136.28
C PRO C 78 -42.36 -53.94 136.19
N TYR C 79 -43.01 -52.82 135.93
CA TYR C 79 -42.27 -51.59 135.73
C TYR C 79 -42.09 -50.90 137.08
N VAL C 80 -40.85 -50.88 137.55
CA VAL C 80 -40.55 -50.33 138.86
C VAL C 80 -39.35 -49.42 138.79
N ARG C 81 -39.55 -48.12 139.05
CA ARG C 81 -38.48 -47.17 138.99
C ARG C 81 -37.62 -47.20 140.24
N VAL C 82 -36.63 -46.32 140.29
CA VAL C 82 -35.66 -46.32 141.38
C VAL C 82 -35.40 -44.87 141.83
N THR C 83 -35.12 -44.70 143.13
CA THR C 83 -34.90 -43.38 143.70
C THR C 83 -33.52 -42.81 143.36
N MET C 84 -33.42 -41.48 143.39
CA MET C 84 -32.13 -40.81 143.27
C MET C 84 -31.15 -41.44 144.26
N GLU C 85 -31.63 -41.59 145.49
CA GLU C 85 -30.80 -42.14 146.56
C GLU C 85 -30.27 -43.55 146.24
N GLU C 86 -31.15 -44.55 146.23
CA GLU C 86 -30.73 -45.93 146.04
C GLU C 86 -30.11 -46.16 144.66
N ALA C 87 -30.27 -45.20 143.76
CA ALA C 87 -29.59 -45.25 142.46
C ALA C 87 -28.16 -44.80 142.62
N CYS C 88 -27.97 -43.72 143.38
CA CYS C 88 -26.66 -43.17 143.63
C CYS C 88 -25.86 -44.02 144.62
N ARG C 89 -26.54 -44.89 145.36
CA ARG C 89 -25.84 -45.87 146.20
C ARG C 89 -25.16 -46.85 145.27
N GLY C 90 -25.64 -46.88 144.03
CA GLY C 90 -25.13 -47.77 143.01
C GLY C 90 -26.05 -48.97 142.86
N THR C 91 -26.19 -49.45 141.63
CA THR C 91 -27.21 -50.46 141.32
C THR C 91 -26.59 -51.78 140.92
N PRO C 92 -26.94 -52.85 141.67
CA PRO C 92 -26.28 -54.15 141.45
C PRO C 92 -26.27 -54.48 139.95
N CYS C 93 -25.20 -55.11 139.48
CA CYS C 93 -24.87 -55.13 138.04
C CYS C 93 -26.07 -55.40 137.15
N GLU C 94 -26.87 -56.40 137.51
CA GLU C 94 -27.99 -56.83 136.68
C GLU C 94 -29.20 -55.86 136.69
N ARG C 95 -29.19 -54.88 137.57
CA ARG C 95 -30.20 -53.82 137.55
C ARG C 95 -29.53 -52.45 137.41
N PRO C 96 -29.05 -52.13 136.21
CA PRO C 96 -28.54 -50.76 136.04
C PRO C 96 -29.68 -49.75 136.16
N VAL C 97 -29.33 -48.50 136.45
CA VAL C 97 -30.30 -47.42 136.33
C VAL C 97 -30.50 -47.19 134.85
N ARG C 98 -31.72 -46.92 134.41
CA ARG C 98 -31.94 -46.70 132.99
C ARG C 98 -32.31 -45.24 132.71
N VAL C 99 -31.45 -44.55 131.95
CA VAL C 99 -31.64 -43.12 131.70
C VAL C 99 -31.95 -42.83 130.23
N TYR C 100 -32.84 -41.88 130.00
CA TYR C 100 -33.27 -41.52 128.65
C TYR C 100 -32.85 -40.09 128.30
N ALA C 101 -32.15 -39.94 127.19
CA ALA C 101 -31.81 -38.62 126.65
C ALA C 101 -32.29 -38.55 125.19
N ASP C 102 -32.76 -37.38 124.77
CA ASP C 102 -33.46 -37.25 123.50
C ASP C 102 -33.03 -35.99 122.75
N GLY C 103 -33.25 -35.97 121.44
CA GLY C 103 -32.80 -34.86 120.61
C GLY C 103 -32.70 -35.23 119.14
N ILE C 104 -32.45 -34.21 118.32
CA ILE C 104 -32.34 -34.38 116.87
C ILE C 104 -30.98 -34.97 116.56
N PHE C 105 -29.95 -34.43 117.22
CA PHE C 105 -28.57 -34.85 116.98
C PHE C 105 -28.19 -34.61 115.53
N ASP C 106 -28.82 -33.61 114.91
CA ASP C 106 -28.45 -33.15 113.59
C ASP C 106 -26.99 -32.71 113.62
N LEU C 107 -26.23 -33.06 112.58
CA LEU C 107 -24.80 -32.75 112.55
C LEU C 107 -24.10 -33.19 113.83
N PHE C 108 -24.25 -34.47 114.16
CA PHE C 108 -23.89 -34.97 115.49
C PHE C 108 -22.51 -34.46 115.84
N HIS C 109 -22.38 -33.87 117.03
CA HIS C 109 -21.15 -33.20 117.43
C HIS C 109 -20.77 -33.44 118.88
N SER C 110 -19.75 -32.72 119.35
CA SER C 110 -19.17 -32.96 120.67
C SER C 110 -20.03 -32.45 121.82
N GLY C 111 -20.85 -31.43 121.57
CA GLY C 111 -21.78 -30.98 122.59
C GLY C 111 -22.74 -32.10 122.92
N HIS C 112 -23.30 -32.69 121.87
CA HIS C 112 -24.14 -33.87 121.98
C HIS C 112 -23.42 -34.94 122.79
N ALA C 113 -22.22 -35.29 122.33
CA ALA C 113 -21.48 -36.42 122.90
C ALA C 113 -21.21 -36.25 124.37
N ARG C 114 -20.77 -35.05 124.75
CA ARG C 114 -20.50 -34.78 126.15
C ARG C 114 -21.79 -34.78 126.96
N ALA C 115 -22.88 -34.30 126.35
CA ALA C 115 -24.20 -34.39 126.98
C ALA C 115 -24.52 -35.84 127.32
N LEU C 116 -24.24 -36.72 126.37
CA LEU C 116 -24.43 -38.16 126.54
C LEU C 116 -23.46 -38.72 127.57
N MET C 117 -22.28 -38.11 127.72
CA MET C 117 -21.31 -38.61 128.67
C MET C 117 -21.81 -38.31 130.08
N GLN C 118 -22.30 -37.09 130.26
CA GLN C 118 -22.91 -36.69 131.52
C GLN C 118 -24.03 -37.68 131.80
N ALA C 119 -24.88 -37.87 130.80
CA ALA C 119 -26.01 -38.78 130.92
C ALA C 119 -25.56 -40.13 131.42
N LYS C 120 -24.48 -40.65 130.85
CA LYS C 120 -23.98 -41.97 131.17
C LYS C 120 -23.41 -42.01 132.59
N ASN C 121 -22.88 -40.88 133.04
CA ASN C 121 -22.20 -40.83 134.33
C ASN C 121 -23.05 -40.42 135.53
N LEU C 122 -24.34 -40.14 135.29
CA LEU C 122 -25.23 -39.70 136.36
C LEU C 122 -25.25 -40.65 137.57
N PHE C 123 -24.95 -41.93 137.35
CA PHE C 123 -24.91 -42.90 138.43
C PHE C 123 -23.76 -43.88 138.26
N PRO C 124 -23.39 -44.59 139.34
CA PRO C 124 -22.31 -45.59 139.30
C PRO C 124 -22.61 -46.70 138.29
N ASN C 125 -23.84 -47.19 138.29
CA ASN C 125 -24.28 -48.15 137.30
C ASN C 125 -25.45 -47.57 136.51
N THR C 126 -25.23 -47.32 135.22
CA THR C 126 -26.21 -46.60 134.41
C THR C 126 -26.35 -47.17 133.00
N TYR C 127 -27.60 -47.36 132.58
CA TYR C 127 -27.88 -47.83 131.22
C TYR C 127 -28.43 -46.69 130.37
N LEU C 128 -27.72 -46.33 129.31
CA LEU C 128 -28.09 -45.17 128.51
C LEU C 128 -28.88 -45.53 127.25
N ILE C 129 -30.15 -45.14 127.24
CA ILE C 129 -31.02 -45.26 126.08
C ILE C 129 -31.18 -43.85 125.52
N VAL C 130 -31.02 -43.67 124.21
CA VAL C 130 -31.11 -42.34 123.63
C VAL C 130 -32.07 -42.26 122.44
N GLY C 131 -33.16 -41.52 122.63
CA GLY C 131 -34.14 -41.29 121.58
C GLY C 131 -33.73 -40.29 120.52
N VAL C 132 -33.95 -40.64 119.26
CA VAL C 132 -33.63 -39.75 118.15
C VAL C 132 -34.92 -39.44 117.38
N CYS C 133 -35.34 -38.19 117.41
CA CYS C 133 -36.60 -37.79 116.77
C CYS C 133 -36.54 -37.86 115.26
N SER C 134 -37.69 -38.10 114.65
CA SER C 134 -37.81 -38.27 113.20
C SER C 134 -37.73 -36.97 112.42
N ASP C 135 -37.44 -37.09 111.12
CA ASP C 135 -37.46 -35.97 110.20
C ASP C 135 -38.82 -35.27 110.18
N GLU C 136 -39.90 -36.04 110.27
CA GLU C 136 -41.24 -35.48 110.22
C GLU C 136 -41.56 -34.68 111.49
N LEU C 137 -41.40 -35.32 112.64
CA LEU C 137 -41.57 -34.65 113.93
C LEU C 137 -40.71 -33.38 113.98
N THR C 138 -39.44 -33.50 113.60
CA THR C 138 -38.48 -32.41 113.69
C THR C 138 -38.77 -31.24 112.73
N HIS C 139 -39.06 -31.56 111.46
CA HIS C 139 -39.42 -30.54 110.49
C HIS C 139 -40.67 -29.83 110.99
N ASN C 140 -41.59 -30.61 111.53
CA ASN C 140 -42.81 -30.08 112.10
C ASN C 140 -42.57 -29.07 113.23
N PHE C 141 -42.09 -29.56 114.36
CA PHE C 141 -42.02 -28.76 115.60
C PHE C 141 -40.75 -27.95 115.80
N LYS C 142 -39.75 -28.12 114.93
CA LYS C 142 -38.48 -27.47 115.16
C LYS C 142 -37.94 -26.68 113.97
N GLY C 143 -37.57 -27.41 112.92
CA GLY C 143 -37.01 -26.83 111.72
C GLY C 143 -36.38 -27.94 110.89
N PHE C 144 -35.64 -27.58 109.86
CA PHE C 144 -35.05 -28.57 108.98
C PHE C 144 -33.91 -29.31 109.65
N THR C 145 -33.37 -30.29 108.94
CA THR C 145 -32.15 -30.99 109.33
C THR C 145 -31.34 -31.27 108.08
N VAL C 146 -30.03 -31.03 108.15
CA VAL C 146 -29.15 -31.35 107.03
C VAL C 146 -28.91 -32.85 107.06
N MET C 147 -28.88 -33.39 108.27
CA MET C 147 -28.79 -34.83 108.45
C MET C 147 -30.18 -35.45 108.36
N ASN C 148 -30.28 -36.63 107.79
CA ASN C 148 -31.57 -37.31 107.68
C ASN C 148 -31.66 -38.41 108.76
N GLU C 149 -32.88 -38.67 109.23
CA GLU C 149 -33.10 -39.48 110.44
C GLU C 149 -32.28 -40.75 110.52
N ASN C 150 -32.13 -41.45 109.39
CA ASN C 150 -31.27 -42.64 109.43
C ASN C 150 -29.81 -42.29 109.72
N GLU C 151 -29.30 -41.24 109.06
CA GLU C 151 -27.94 -40.76 109.32
C GLU C 151 -27.70 -40.49 110.79
N ARG C 152 -28.68 -39.85 111.44
CA ARG C 152 -28.56 -39.47 112.84
C ARG C 152 -28.74 -40.67 113.78
N TYR C 153 -29.53 -41.64 113.32
CA TYR C 153 -29.65 -42.89 114.04
C TYR C 153 -28.27 -43.52 114.11
N ASP C 154 -27.60 -43.55 112.97
CA ASP C 154 -26.25 -44.12 112.89
C ASP C 154 -25.27 -43.33 113.77
N ALA C 155 -25.30 -42.01 113.57
CA ALA C 155 -24.48 -41.09 114.35
C ALA C 155 -24.54 -41.48 115.83
N VAL C 156 -25.74 -41.40 116.40
CA VAL C 156 -25.91 -41.74 117.81
C VAL C 156 -25.42 -43.16 118.11
N GLN C 157 -25.66 -44.06 117.16
CA GLN C 157 -25.23 -45.45 117.28
C GLN C 157 -23.73 -45.56 117.54
N HIS C 158 -22.95 -44.64 116.97
CA HIS C 158 -21.49 -44.72 117.08
C HIS C 158 -20.88 -43.94 118.23
N CYS C 159 -21.74 -43.38 119.09
CA CYS C 159 -21.29 -42.68 120.28
C CYS C 159 -20.76 -43.66 121.33
N ARG C 160 -19.88 -43.18 122.20
CA ARG C 160 -19.16 -44.03 123.14
C ARG C 160 -19.93 -44.38 124.42
N TYR C 161 -20.75 -43.44 124.88
CA TYR C 161 -21.43 -43.56 126.17
C TYR C 161 -22.83 -44.15 126.02
N VAL C 162 -23.17 -44.52 124.80
CA VAL C 162 -24.54 -44.94 124.46
C VAL C 162 -24.71 -46.45 124.36
N ASP C 163 -25.52 -47.02 125.25
CA ASP C 163 -25.82 -48.45 125.24
C ASP C 163 -26.88 -48.86 124.22
N GLU C 164 -27.96 -48.08 124.12
CA GLU C 164 -29.06 -48.41 123.22
C GLU C 164 -29.72 -47.18 122.61
N VAL C 165 -30.04 -47.26 121.32
CA VAL C 165 -30.66 -46.15 120.61
C VAL C 165 -32.13 -46.41 120.31
N VAL C 166 -32.97 -45.39 120.54
CA VAL C 166 -34.39 -45.51 120.26
C VAL C 166 -34.79 -44.64 119.08
N ARG C 167 -35.10 -45.28 117.96
CA ARG C 167 -35.50 -44.58 116.74
C ARG C 167 -36.89 -43.99 116.86
N ASN C 168 -37.19 -43.02 116.00
CA ASN C 168 -38.52 -42.43 115.93
C ASN C 168 -39.04 -42.09 117.33
N ALA C 169 -38.40 -41.11 117.96
CA ALA C 169 -38.72 -40.74 119.34
C ALA C 169 -39.85 -39.72 119.39
N PRO C 170 -40.60 -39.68 120.50
CA PRO C 170 -41.69 -38.74 120.76
C PRO C 170 -41.18 -37.34 121.09
N TRP C 171 -41.93 -36.31 120.69
CA TRP C 171 -41.56 -34.94 121.03
C TRP C 171 -41.88 -34.69 122.50
N THR C 172 -42.91 -35.38 122.98
CA THR C 172 -43.28 -35.32 124.40
C THR C 172 -43.34 -36.73 124.96
N LEU C 173 -42.88 -36.91 126.21
CA LEU C 173 -42.76 -38.25 126.79
C LEU C 173 -43.95 -38.67 127.64
N THR C 174 -44.40 -39.91 127.42
CA THR C 174 -45.65 -40.38 127.99
C THR C 174 -45.45 -41.46 129.03
N PRO C 175 -46.40 -41.58 129.96
CA PRO C 175 -46.38 -42.63 130.98
C PRO C 175 -46.10 -44.00 130.38
N GLU C 176 -46.74 -44.28 129.25
CA GLU C 176 -46.59 -45.56 128.57
C GLU C 176 -45.22 -45.70 127.91
N PHE C 177 -44.72 -44.61 127.32
CA PHE C 177 -43.39 -44.64 126.72
C PHE C 177 -42.38 -44.95 127.83
N LEU C 178 -42.48 -44.20 128.93
CA LEU C 178 -41.64 -44.41 130.10
C LEU C 178 -41.83 -45.81 130.67
N ALA C 179 -42.99 -46.40 130.41
CA ALA C 179 -43.30 -47.75 130.89
C ALA C 179 -42.60 -48.84 130.08
N GLU C 180 -42.74 -48.77 128.75
CA GLU C 180 -42.25 -49.84 127.89
C GLU C 180 -40.73 -49.86 127.82
N HIS C 181 -40.12 -48.71 128.00
CA HIS C 181 -38.67 -48.63 127.98
C HIS C 181 -38.10 -48.70 129.39
N ARG C 182 -39.00 -48.82 130.37
CA ARG C 182 -38.63 -48.95 131.78
C ARG C 182 -37.69 -47.83 132.23
N ILE C 183 -37.97 -46.60 131.81
CA ILE C 183 -37.06 -45.48 132.00
C ILE C 183 -37.05 -44.94 133.44
N ASP C 184 -35.89 -44.97 134.08
CA ASP C 184 -35.73 -44.49 135.45
C ASP C 184 -35.58 -42.98 135.55
N PHE C 185 -34.80 -42.38 134.66
CA PHE C 185 -34.58 -40.95 134.68
C PHE C 185 -34.47 -40.38 133.27
N VAL C 186 -34.34 -39.07 133.18
CA VAL C 186 -34.31 -38.39 131.89
C VAL C 186 -33.20 -37.34 131.91
N ALA C 187 -32.28 -37.41 130.96
CA ALA C 187 -31.18 -36.47 130.92
C ALA C 187 -31.31 -35.48 129.78
N HIS C 188 -31.38 -34.20 130.12
CA HIS C 188 -31.36 -33.14 129.12
C HIS C 188 -30.94 -31.84 129.80
N ASP C 189 -30.74 -30.79 129.02
CA ASP C 189 -30.32 -29.51 129.57
C ASP C 189 -31.48 -28.90 130.38
N ASP C 190 -31.20 -28.02 131.33
CA ASP C 190 -32.28 -27.52 132.21
C ASP C 190 -32.99 -26.28 131.66
N ILE C 191 -32.65 -25.85 130.45
CA ILE C 191 -33.42 -24.79 129.79
C ILE C 191 -34.80 -25.32 129.38
N PRO C 192 -35.87 -24.70 129.91
CA PRO C 192 -37.21 -25.18 129.57
C PRO C 192 -37.41 -25.22 128.06
N TYR C 193 -37.95 -26.32 127.55
CA TYR C 193 -38.05 -26.55 126.11
C TYR C 193 -39.42 -26.14 125.59
N SER C 194 -39.47 -25.09 124.78
CA SER C 194 -40.73 -24.63 124.25
C SER C 194 -40.94 -25.06 122.80
N SER C 195 -41.83 -26.01 122.60
CA SER C 195 -42.31 -26.33 121.26
C SER C 195 -43.76 -26.75 121.42
N ALA C 196 -44.45 -26.98 120.29
CA ALA C 196 -45.88 -27.14 120.35
C ALA C 196 -46.45 -25.92 121.07
N GLY C 197 -47.42 -26.14 121.96
CA GLY C 197 -47.96 -25.06 122.76
C GLY C 197 -47.40 -25.11 124.16
N SER C 198 -46.62 -26.16 124.43
CA SER C 198 -45.99 -26.32 125.72
C SER C 198 -44.89 -25.29 125.85
N ASP C 199 -44.83 -24.58 126.97
CA ASP C 199 -43.72 -23.66 127.18
C ASP C 199 -42.54 -24.39 127.84
N ASP C 200 -42.80 -25.57 128.39
CA ASP C 200 -41.75 -26.57 128.63
C ASP C 200 -42.32 -27.98 128.45
N VAL C 201 -41.63 -28.82 127.70
CA VAL C 201 -42.12 -30.18 127.45
C VAL C 201 -41.59 -31.18 128.48
N TYR C 202 -40.61 -30.74 129.28
CA TYR C 202 -40.03 -31.58 130.32
C TYR C 202 -40.62 -31.32 131.71
N LYS C 203 -41.47 -30.31 131.82
CA LYS C 203 -41.98 -29.87 133.11
C LYS C 203 -42.64 -31.00 133.90
N HIS C 204 -43.41 -31.85 133.20
CA HIS C 204 -44.11 -32.94 133.86
C HIS C 204 -43.16 -34.05 134.26
N ILE C 205 -42.03 -34.13 133.56
CA ILE C 205 -40.97 -35.06 133.92
C ILE C 205 -40.20 -34.49 135.11
N LYS C 206 -40.05 -33.17 135.11
CA LYS C 206 -39.47 -32.47 136.25
C LYS C 206 -40.26 -32.80 137.52
N GLU C 207 -41.53 -32.41 137.49
CA GLU C 207 -42.45 -32.57 138.62
C GLU C 207 -42.43 -33.98 139.21
N ALA C 208 -42.24 -34.99 138.36
CA ALA C 208 -42.16 -36.37 138.86
C ALA C 208 -40.84 -36.61 139.59
N GLY C 209 -39.95 -35.62 139.55
CA GLY C 209 -38.62 -35.78 140.10
C GLY C 209 -37.80 -36.77 139.30
N MET C 210 -38.26 -37.06 138.09
CA MET C 210 -37.58 -38.04 137.23
C MET C 210 -36.52 -37.41 136.33
N PHE C 211 -36.31 -36.10 136.46
CA PHE C 211 -35.41 -35.38 135.54
C PHE C 211 -33.97 -35.27 136.06
N ALA C 212 -33.00 -35.54 135.18
CA ALA C 212 -31.59 -35.27 135.49
C ALA C 212 -31.04 -34.24 134.50
N PRO C 213 -30.76 -33.02 134.98
CA PRO C 213 -30.23 -31.98 134.11
C PRO C 213 -28.85 -32.34 133.58
N THR C 214 -28.47 -31.72 132.46
CA THR C 214 -27.10 -31.81 131.97
C THR C 214 -26.65 -30.43 131.54
N GLN C 215 -25.39 -30.32 131.12
CA GLN C 215 -24.80 -29.02 130.78
C GLN C 215 -24.45 -28.93 129.29
N ARG C 216 -24.91 -27.87 128.63
CA ARG C 216 -24.55 -27.63 127.24
C ARG C 216 -23.06 -27.38 127.14
N THR C 217 -22.41 -27.92 126.11
CA THR C 217 -21.01 -27.57 125.86
C THR C 217 -20.98 -26.16 125.26
N GLU C 218 -19.79 -25.64 124.98
CA GLU C 218 -19.66 -24.24 124.62
C GLU C 218 -18.95 -24.02 123.28
N GLY C 219 -19.41 -23.01 122.54
CA GLY C 219 -18.80 -22.68 121.26
C GLY C 219 -19.13 -23.65 120.15
N ILE C 220 -19.84 -24.72 120.49
CA ILE C 220 -20.30 -25.66 119.49
C ILE C 220 -21.81 -25.86 119.59
N SER C 221 -22.42 -26.02 118.42
CA SER C 221 -23.81 -26.43 118.31
C SER C 221 -24.12 -26.49 116.83
N THR C 222 -25.15 -27.25 116.47
CA THR C 222 -25.40 -27.57 115.07
C THR C 222 -25.56 -26.31 114.21
N SER C 223 -26.00 -25.22 114.84
CA SER C 223 -26.19 -23.97 114.11
C SER C 223 -24.88 -23.31 113.69
N ASP C 224 -23.86 -23.38 114.55
CA ASP C 224 -22.57 -22.78 114.23
C ASP C 224 -21.95 -23.42 113.01
N ILE C 225 -21.89 -24.74 113.02
CA ILE C 225 -21.36 -25.51 111.91
C ILE C 225 -22.02 -25.07 110.61
N ILE C 226 -23.30 -24.75 110.67
CA ILE C 226 -24.03 -24.25 109.53
C ILE C 226 -23.48 -22.87 109.16
N THR C 227 -23.46 -22.00 110.15
CA THR C 227 -23.13 -20.59 109.98
C THR C 227 -21.75 -20.34 109.36
N ARG C 228 -20.74 -21.09 109.78
CA ARG C 228 -19.41 -20.92 109.19
C ARG C 228 -19.45 -21.10 107.67
N ILE C 229 -19.83 -22.30 107.26
CA ILE C 229 -20.01 -22.64 105.84
C ILE C 229 -20.86 -21.59 105.11
N VAL C 230 -22.02 -21.29 105.67
CA VAL C 230 -22.90 -20.27 105.13
C VAL C 230 -22.13 -18.99 104.82
N ARG C 231 -21.57 -18.37 105.85
CA ARG C 231 -20.78 -17.15 105.70
C ARG C 231 -19.79 -17.26 104.56
N ASP C 232 -18.85 -18.20 104.70
CA ASP C 232 -17.80 -18.38 103.71
C ASP C 232 -18.36 -18.45 102.28
N TYR C 233 -19.45 -19.17 102.10
CA TYR C 233 -20.04 -19.31 100.77
C TYR C 233 -20.76 -18.04 100.30
N ASP C 234 -21.25 -17.26 101.25
CA ASP C 234 -21.91 -16.01 100.91
C ASP C 234 -20.87 -15.04 100.36
N VAL C 235 -19.81 -14.86 101.12
CA VAL C 235 -18.74 -13.96 100.70
C VAL C 235 -18.02 -14.46 99.45
N TYR C 236 -17.85 -15.78 99.33
CA TYR C 236 -17.18 -16.35 98.18
C TYR C 236 -18.04 -16.18 96.93
N ALA C 237 -19.32 -16.52 97.06
CA ALA C 237 -20.26 -16.36 95.97
C ALA C 237 -20.24 -14.92 95.50
N ARG C 238 -20.65 -14.01 96.37
CA ARG C 238 -20.68 -12.60 96.02
C ARG C 238 -19.36 -12.14 95.40
N ARG C 239 -18.24 -12.58 95.95
CA ARG C 239 -16.93 -12.14 95.42
C ARG C 239 -16.76 -12.59 93.94
N ASN C 240 -17.05 -13.87 93.73
CA ASN C 240 -16.99 -14.50 92.43
C ASN C 240 -17.95 -13.84 91.45
N LEU C 241 -19.11 -13.41 91.95
CA LEU C 241 -20.09 -12.77 91.09
C LEU C 241 -19.46 -11.51 90.46
N GLN C 242 -18.79 -10.72 91.29
CA GLN C 242 -18.12 -9.49 90.85
C GLN C 242 -16.97 -9.74 89.87
N ARG C 243 -16.20 -10.79 90.13
CA ARG C 243 -15.02 -11.09 89.32
C ARG C 243 -15.41 -11.39 87.87
N GLY C 244 -16.52 -12.12 87.70
CA GLY C 244 -17.01 -12.45 86.38
C GLY C 244 -17.44 -11.21 85.60
N TYR C 245 -18.07 -10.27 86.30
CA TYR C 245 -18.46 -9.00 85.68
C TYR C 245 -17.23 -8.22 85.23
N THR C 246 -16.19 -8.24 86.05
CA THR C 246 -14.93 -7.60 85.71
C THR C 246 -14.31 -8.25 84.47
N ALA C 247 -14.40 -9.57 84.39
CA ALA C 247 -13.93 -10.30 83.22
C ALA C 247 -14.70 -9.90 81.97
N LYS C 248 -16.01 -9.72 82.12
CA LYS C 248 -16.86 -9.26 81.02
C LYS C 248 -16.45 -7.86 80.57
N GLU C 249 -16.13 -7.00 81.53
CA GLU C 249 -15.65 -5.66 81.23
C GLU C 249 -14.33 -5.71 80.45
N LEU C 250 -13.46 -6.63 80.86
CA LEU C 250 -12.19 -6.84 80.16
C LEU C 250 -12.43 -7.30 78.72
N ASN C 251 -13.41 -8.17 78.54
CA ASN C 251 -13.80 -8.61 77.21
C ASN C 251 -14.33 -7.46 76.35
N VAL C 252 -15.11 -6.58 76.96
CA VAL C 252 -15.69 -5.45 76.25
C VAL C 252 -14.60 -4.51 75.72
N SER C 253 -13.58 -4.29 76.53
CA SER C 253 -12.40 -3.53 76.12
C SER C 253 -11.85 -4.12 74.84
N PHE C 254 -11.75 -5.46 74.82
CA PHE C 254 -11.15 -6.11 73.67
C PHE C 254 -12.00 -5.77 72.45
N ILE C 255 -13.31 -5.87 72.63
CA ILE C 255 -14.23 -5.68 71.51
C ILE C 255 -14.13 -4.26 70.96
N ASN C 256 -14.08 -3.29 71.86
CA ASN C 256 -14.05 -1.91 71.40
C ASN C 256 -12.77 -1.69 70.61
N GLU C 257 -11.67 -2.23 71.10
CA GLU C 257 -10.40 -2.02 70.41
C GLU C 257 -10.46 -2.61 69.00
N LYS C 258 -11.05 -3.79 68.91
CA LYS C 258 -11.15 -4.47 67.61
C LYS C 258 -11.98 -3.65 66.62
N LYS C 259 -13.07 -3.08 67.12
CA LYS C 259 -13.93 -2.23 66.30
C LYS C 259 -13.16 -1.01 65.80
N TYR C 260 -12.37 -0.40 66.67
CA TYR C 260 -11.59 0.77 66.26
C TYR C 260 -10.62 0.41 65.16
N HIS C 261 -9.96 -0.74 65.30
CA HIS C 261 -9.01 -1.17 64.29
C HIS C 261 -9.71 -1.40 62.95
N LEU C 262 -10.90 -1.99 63.02
CA LEU C 262 -11.65 -2.29 61.79
C LEU C 262 -11.99 -1.00 61.06
N GLN C 263 -12.39 -0.01 61.84
CA GLN C 263 -12.73 1.33 61.34
C GLN C 263 -11.52 1.94 60.62
N GLU C 264 -10.39 1.83 61.27
CA GLU C 264 -9.11 2.34 60.75
C GLU C 264 -8.81 1.71 59.39
N ARG C 265 -8.97 0.40 59.36
CA ARG C 265 -8.73 -0.40 58.15
C ARG C 265 -9.60 0.10 57.00
N VAL C 266 -10.87 0.29 57.34
CA VAL C 266 -11.89 0.77 56.39
C VAL C 266 -11.46 2.12 55.81
N ASP C 267 -11.04 2.99 56.70
CA ASP C 267 -10.59 4.34 56.35
C ASP C 267 -9.43 4.27 55.35
N LYS C 268 -8.49 3.40 55.69
CA LYS C 268 -7.29 3.17 54.87
C LYS C 268 -7.69 2.74 53.46
N VAL C 269 -8.62 1.80 53.43
CA VAL C 269 -9.15 1.24 52.17
C VAL C 269 -9.74 2.36 51.31
N LYS C 270 -10.53 3.17 51.97
CA LYS C 270 -11.21 4.32 51.33
C LYS C 270 -10.18 5.25 50.70
N LYS C 271 -9.15 5.53 51.48
CA LYS C 271 -8.04 6.42 51.07
C LYS C 271 -7.38 5.86 49.80
N LYS C 272 -7.13 4.57 49.86
CA LYS C 272 -6.49 3.84 48.75
C LYS C 272 -7.33 3.98 47.48
N VAL C 273 -8.62 3.78 47.65
CA VAL C 273 -9.61 3.87 46.57
C VAL C 273 -9.55 5.27 45.93
N LYS C 274 -9.54 6.25 46.79
CA LYS C 274 -9.49 7.67 46.39
C LYS C 274 -8.25 7.93 45.54
N ASP C 275 -7.14 7.42 46.04
CA ASP C 275 -5.83 7.55 45.38
C ASP C 275 -5.89 6.96 43.97
N VAL C 276 -6.46 5.77 43.91
CA VAL C 276 -6.63 5.03 42.65
C VAL C 276 -7.42 5.86 41.64
N GLU C 277 -8.52 6.42 42.15
CA GLU C 277 -9.42 7.26 41.36
C GLU C 277 -8.66 8.45 40.77
N GLU C 278 -7.88 9.07 41.64
CA GLU C 278 -7.06 10.23 41.29
C GLU C 278 -6.11 9.87 40.14
N LYS C 279 -5.47 8.74 40.32
CA LYS C 279 -4.50 8.20 39.35
C LYS C 279 -5.18 8.03 37.98
N SER C 280 -6.35 7.43 38.04
CA SER C 280 -7.16 7.16 36.84
C SER C 280 -7.47 8.47 36.10
N LYS C 281 -7.87 9.45 36.90
CA LYS C 281 -8.22 10.79 36.39
C LYS C 281 -7.01 11.40 35.66
N GLU C 282 -5.87 11.29 36.33
CA GLU C 282 -4.60 11.80 35.81
C GLU C 282 -4.29 11.17 34.44
N PHE C 283 -4.45 9.87 34.41
CA PHE C 283 -4.22 9.05 33.20
C PHE C 283 -5.10 9.56 32.05
N VAL C 284 -6.36 9.76 32.39
CA VAL C 284 -7.38 10.23 31.44
C VAL C 284 -6.95 11.59 30.86
N GLN C 285 -6.53 12.45 31.75
CA GLN C 285 -6.07 13.80 31.40
C GLN C 285 -4.91 13.72 30.41
N LYS C 286 -3.98 12.85 30.74
CA LYS C 286 -2.78 12.63 29.93
C LYS C 286 -3.17 12.20 28.51
N VAL C 287 -4.10 11.26 28.48
CA VAL C 287 -4.64 10.69 27.23
C VAL C 287 -5.23 11.82 26.37
N GLU C 288 -6.02 12.64 27.02
CA GLU C 288 -6.69 13.78 26.39
C GLU C 288 -5.67 14.72 25.75
N GLU C 289 -4.63 14.99 26.54
CA GLU C 289 -3.53 15.87 26.13
C GLU C 289 -2.88 15.31 24.86
N LYS C 290 -2.61 14.02 24.91
CA LYS C 290 -1.98 13.30 23.80
C LYS C 290 -2.82 13.44 22.52
N SER C 291 -4.12 13.24 22.71
CA SER C 291 -5.10 13.33 21.61
C SER C 291 -5.04 14.72 20.98
N ILE C 292 -5.03 15.72 21.85
CA ILE C 292 -4.97 17.13 21.45
C ILE C 292 -3.74 17.39 20.60
N ASP C 293 -2.62 16.88 21.09
CA ASP C 293 -1.32 17.00 20.43
C ASP C 293 -1.37 16.42 19.03
N LEU C 294 -1.95 15.23 18.97
CA LEU C 294 -2.12 14.49 17.71
C LEU C 294 -2.92 15.32 16.69
N TRP C 298 -2.13 18.79 16.68
CA TRP C 298 -2.40 18.31 15.32
C TRP C 298 -2.11 19.23 14.12
N GLU C 299 -1.84 20.52 14.34
CA GLU C 299 -1.92 21.48 13.22
C GLU C 299 -0.96 21.21 12.04
N GLU C 300 0.34 21.17 12.31
CA GLU C 300 1.32 20.96 11.23
C GLU C 300 0.98 19.72 10.41
N LYS C 301 0.78 18.60 11.10
CA LYS C 301 0.38 17.36 10.46
C LYS C 301 -1.01 17.50 9.86
N SER C 302 -1.72 18.57 10.23
CA SER C 302 -2.99 18.91 9.61
C SER C 302 -2.75 19.44 8.22
N ARG C 303 -1.85 20.43 8.13
CA ARG C 303 -1.55 21.04 6.86
C ARG C 303 -0.96 19.96 5.98
N GLU C 304 -0.39 18.95 6.62
CA GLU C 304 0.07 17.77 5.89
C GLU C 304 -1.13 16.98 5.37
N PHE C 305 -2.05 16.71 6.29
CA PHE C 305 -3.26 15.95 6.03
C PHE C 305 -4.04 16.46 4.82
N ILE C 306 -4.60 17.66 4.94
CA ILE C 306 -5.50 18.13 3.90
C ILE C 306 -4.90 17.94 2.51
N GLY C 307 -3.65 18.39 2.34
CA GLY C 307 -2.95 18.22 1.08
C GLY C 307 -2.91 16.77 0.65
N SER C 308 -2.45 15.91 1.56
CA SER C 308 -2.42 14.47 1.30
C SER C 308 -3.77 13.97 0.77
N PHE C 309 -4.85 14.45 1.39
CA PHE C 309 -6.20 14.03 1.04
C PHE C 309 -6.61 14.52 -0.34
N LEU C 310 -6.18 15.71 -0.71
CA LEU C 310 -6.47 16.25 -2.04
C LEU C 310 -5.57 15.64 -3.12
N GLU C 311 -4.50 14.96 -2.69
CA GLU C 311 -3.65 14.22 -3.62
C GLU C 311 -4.46 13.14 -4.33
N MET C 312 -5.35 12.50 -3.57
CA MET C 312 -6.13 11.36 -4.04
C MET C 312 -7.06 11.66 -5.23
N PHE C 313 -7.52 12.89 -5.35
CA PHE C 313 -8.43 13.25 -6.44
C PHE C 313 -7.65 13.74 -7.66
N GLY C 314 -6.35 13.96 -7.46
CA GLY C 314 -5.46 14.40 -8.52
C GLY C 314 -4.37 15.30 -7.98
N PRO C 315 -3.57 15.89 -8.87
CA PRO C 315 -2.57 16.88 -8.47
C PRO C 315 -3.20 18.22 -8.08
N GLY D 60 -20.42 -51.42 128.39
CA GLY D 60 -20.33 -50.07 127.85
C GLY D 60 -19.05 -49.36 128.26
N LEU D 61 -18.87 -48.14 127.75
CA LEU D 61 -17.70 -47.34 128.09
C LEU D 61 -18.04 -45.96 128.65
N ARG D 62 -17.54 -45.70 129.86
CA ARG D 62 -17.72 -44.42 130.55
C ARG D 62 -16.75 -43.33 130.10
N GLN D 63 -15.50 -43.71 129.83
CA GLN D 63 -14.46 -42.72 129.56
C GLN D 63 -13.91 -42.78 128.13
N PRO D 64 -13.43 -41.64 127.62
CA PRO D 64 -12.92 -41.46 126.25
C PRO D 64 -11.67 -42.28 125.96
N ALA D 65 -11.18 -42.20 124.72
CA ALA D 65 -10.02 -42.99 124.30
C ALA D 65 -8.73 -42.27 124.62
N PRO D 66 -7.80 -42.98 125.28
CA PRO D 66 -6.50 -42.43 125.66
C PRO D 66 -5.78 -41.85 124.44
N PHE D 67 -5.21 -40.66 124.58
CA PHE D 67 -4.28 -40.16 123.59
C PHE D 67 -3.01 -41.00 123.64
N SER D 68 -2.24 -40.98 122.57
CA SER D 68 -1.00 -41.73 122.50
C SER D 68 -0.14 -41.50 123.75
N ASP D 69 -0.03 -40.24 124.16
CA ASP D 69 0.85 -39.81 125.25
C ASP D 69 0.53 -40.41 126.64
N GLU D 70 -0.75 -40.48 126.98
CA GLU D 70 -1.19 -40.94 128.32
C GLU D 70 -0.68 -42.32 128.77
N ILE D 71 -0.24 -43.14 127.82
CA ILE D 71 -0.01 -44.55 128.12
C ILE D 71 1.45 -44.94 128.35
N GLU D 72 1.67 -45.83 129.32
CA GLU D 72 3.00 -46.38 129.54
C GLU D 72 3.30 -47.34 128.41
N VAL D 73 4.53 -47.28 127.90
CA VAL D 73 4.93 -48.19 126.85
C VAL D 73 6.32 -48.74 127.21
N ASP D 74 6.54 -50.03 126.94
CA ASP D 74 7.74 -50.72 127.41
C ASP D 74 8.70 -51.17 126.29
N PHE D 75 9.97 -50.82 126.44
CA PHE D 75 10.97 -51.17 125.46
C PHE D 75 11.80 -52.40 125.88
N SER D 76 11.48 -52.93 127.06
CA SER D 76 11.94 -54.26 127.46
C SER D 76 11.14 -55.27 126.64
N LYS D 77 10.16 -54.74 125.90
CA LYS D 77 9.50 -55.51 124.85
C LYS D 77 9.93 -55.01 123.47
N PRO D 78 10.69 -55.84 122.74
CA PRO D 78 11.17 -55.56 121.38
C PRO D 78 10.02 -55.37 120.41
N TYR D 79 10.29 -54.76 119.27
CA TYR D 79 9.24 -54.56 118.27
C TYR D 79 9.00 -55.84 117.50
N VAL D 80 7.80 -56.41 117.63
CA VAL D 80 7.45 -57.60 116.84
C VAL D 80 6.03 -57.53 116.27
N ARG D 81 5.94 -57.52 114.94
CA ARG D 81 4.66 -57.57 114.25
C ARG D 81 4.19 -59.02 114.19
N VAL D 82 2.88 -59.22 114.06
CA VAL D 82 2.35 -60.57 113.81
C VAL D 82 2.03 -60.67 112.32
N THR D 83 1.61 -61.85 111.87
CA THR D 83 1.20 -62.05 110.48
C THR D 83 -0.28 -62.41 110.43
N MET D 84 -0.89 -62.21 109.26
CA MET D 84 -2.33 -62.39 109.07
C MET D 84 -2.85 -63.68 109.69
N GLU D 85 -2.10 -64.76 109.52
CA GLU D 85 -2.51 -66.06 110.06
C GLU D 85 -2.65 -66.08 111.59
N GLU D 86 -1.58 -65.78 112.31
CA GLU D 86 -1.65 -65.84 113.77
C GLU D 86 -2.38 -64.64 114.37
N ALA D 87 -2.65 -63.62 113.56
CA ALA D 87 -3.45 -62.49 114.01
C ALA D 87 -4.93 -62.87 113.93
N CYS D 88 -5.26 -63.61 112.87
CA CYS D 88 -6.63 -64.05 112.64
C CYS D 88 -7.00 -65.24 113.51
N ARG D 89 -6.02 -66.04 113.92
CA ARG D 89 -6.26 -67.03 114.96
C ARG D 89 -6.67 -66.27 116.21
N GLY D 90 -6.21 -65.03 116.29
CA GLY D 90 -6.54 -64.13 117.37
C GLY D 90 -5.47 -64.18 118.44
N THR D 91 -5.17 -63.02 119.02
CA THR D 91 -4.06 -62.88 119.95
C THR D 91 -4.46 -63.05 121.42
N PRO D 92 -3.50 -63.40 122.28
CA PRO D 92 -3.74 -63.44 123.72
C PRO D 92 -4.24 -62.09 124.22
N CYS D 93 -4.98 -62.09 125.33
CA CYS D 93 -5.57 -60.87 125.85
C CYS D 93 -4.53 -59.85 126.29
N GLU D 94 -3.35 -60.32 126.70
CA GLU D 94 -2.27 -59.43 127.10
C GLU D 94 -1.64 -58.77 125.88
N ARG D 95 -1.64 -59.49 124.77
CA ARG D 95 -1.02 -59.05 123.53
C ARG D 95 -2.05 -59.02 122.41
N PRO D 96 -2.83 -57.93 122.32
CA PRO D 96 -3.76 -57.76 121.21
C PRO D 96 -3.01 -57.48 119.90
N VAL D 97 -3.70 -57.63 118.77
CA VAL D 97 -3.16 -57.16 117.51
C VAL D 97 -3.31 -55.63 117.48
N ARG D 98 -2.28 -54.92 117.03
CA ARG D 98 -2.36 -53.47 117.03
C ARG D 98 -2.46 -52.90 115.62
N VAL D 99 -3.50 -52.11 115.39
CA VAL D 99 -3.81 -51.61 114.05
C VAL D 99 -3.91 -50.09 114.03
N TYR D 100 -3.43 -49.49 112.95
CA TYR D 100 -3.41 -48.03 112.82
C TYR D 100 -4.22 -47.57 111.62
N ALA D 101 -5.25 -46.78 111.89
CA ALA D 101 -6.03 -46.11 110.85
C ALA D 101 -5.75 -44.61 110.94
N ASP D 102 -5.75 -43.91 109.81
CA ASP D 102 -5.35 -42.50 109.78
C ASP D 102 -6.19 -41.66 108.82
N GLY D 103 -6.15 -40.34 108.96
CA GLY D 103 -7.00 -39.46 108.16
C GLY D 103 -7.31 -38.13 108.83
N ILE D 104 -8.06 -37.29 108.12
CA ILE D 104 -8.39 -35.95 108.58
C ILE D 104 -9.54 -35.96 109.59
N PHE D 105 -10.52 -36.82 109.32
CA PHE D 105 -11.69 -36.96 110.18
C PHE D 105 -12.41 -35.64 110.38
N ASP D 106 -12.35 -34.79 109.37
CA ASP D 106 -13.10 -33.53 109.38
C ASP D 106 -14.60 -33.85 109.37
N LEU D 107 -15.40 -33.05 110.07
CA LEU D 107 -16.84 -33.29 110.14
C LEU D 107 -17.13 -34.75 110.47
N PHE D 108 -16.60 -35.23 111.59
CA PHE D 108 -16.60 -36.65 111.88
C PHE D 108 -17.98 -37.24 111.65
N HIS D 109 -18.05 -38.31 110.87
CA HIS D 109 -19.32 -38.88 110.45
C HIS D 109 -19.30 -40.40 110.34
N SER D 110 -20.45 -40.97 109.96
CA SER D 110 -20.65 -42.42 109.92
C SER D 110 -19.64 -43.19 109.08
N GLY D 111 -19.28 -42.66 107.91
CA GLY D 111 -18.32 -43.32 107.04
C GLY D 111 -17.01 -43.58 107.76
N HIS D 112 -16.47 -42.52 108.38
CA HIS D 112 -15.30 -42.62 109.22
C HIS D 112 -15.49 -43.71 110.25
N ALA D 113 -16.65 -43.65 110.92
CA ALA D 113 -16.90 -44.43 112.14
C ALA D 113 -16.95 -45.92 111.86
N ARG D 114 -17.66 -46.30 110.80
CA ARG D 114 -17.70 -47.71 110.40
C ARG D 114 -16.45 -48.11 109.62
N ALA D 115 -15.67 -47.14 109.17
CA ALA D 115 -14.35 -47.46 108.63
C ALA D 115 -13.50 -47.95 109.79
N LEU D 116 -13.53 -47.19 110.87
CA LEU D 116 -12.86 -47.58 112.11
C LEU D 116 -13.50 -48.82 112.73
N MET D 117 -14.77 -49.08 112.43
CA MET D 117 -15.42 -50.29 112.95
C MET D 117 -14.87 -51.49 112.21
N GLN D 118 -14.84 -51.36 110.88
CA GLN D 118 -14.26 -52.38 110.04
C GLN D 118 -12.90 -52.67 110.63
N ALA D 119 -12.11 -51.62 110.79
CA ALA D 119 -10.74 -51.74 111.26
C ALA D 119 -10.63 -52.41 112.63
N LYS D 120 -11.56 -52.10 113.52
CA LYS D 120 -11.55 -52.64 114.87
C LYS D 120 -11.85 -54.12 114.84
N ASN D 121 -12.63 -54.52 113.83
CA ASN D 121 -13.07 -55.90 113.71
C ASN D 121 -12.17 -56.82 112.86
N LEU D 122 -11.11 -56.25 112.29
CA LEU D 122 -10.23 -57.03 111.42
C LEU D 122 -9.78 -58.35 112.04
N PHE D 123 -9.54 -58.33 113.35
CA PHE D 123 -9.07 -59.53 114.03
C PHE D 123 -9.84 -59.78 115.33
N PRO D 124 -9.86 -61.04 115.78
CA PRO D 124 -10.58 -61.45 117.00
C PRO D 124 -10.18 -60.60 118.21
N ASN D 125 -8.88 -60.39 118.41
CA ASN D 125 -8.40 -59.47 119.43
C ASN D 125 -7.65 -58.35 118.73
N THR D 126 -8.07 -57.11 118.98
CA THR D 126 -7.52 -55.98 118.25
C THR D 126 -7.43 -54.73 119.13
N TYR D 127 -6.40 -53.95 118.90
CA TYR D 127 -6.24 -52.66 119.57
C TYR D 127 -6.16 -51.59 118.48
N LEU D 128 -7.11 -50.66 118.52
CA LEU D 128 -7.21 -49.66 117.46
C LEU D 128 -6.59 -48.32 117.85
N ILE D 129 -5.52 -47.95 117.15
CA ILE D 129 -4.92 -46.64 117.29
C ILE D 129 -5.26 -45.87 116.02
N VAL D 130 -5.65 -44.62 116.17
CA VAL D 130 -6.07 -43.84 115.01
C VAL D 130 -5.29 -42.54 114.90
N GLY D 131 -4.46 -42.45 113.87
CA GLY D 131 -3.75 -41.21 113.57
C GLY D 131 -4.65 -40.14 112.98
N VAL D 132 -4.64 -38.97 113.61
CA VAL D 132 -5.34 -37.82 113.05
C VAL D 132 -4.31 -36.76 112.67
N CYS D 133 -4.38 -36.27 111.43
CA CYS D 133 -3.40 -35.31 110.93
C CYS D 133 -3.63 -33.91 111.46
N SER D 134 -2.57 -33.13 111.52
CA SER D 134 -2.62 -31.74 111.97
C SER D 134 -3.31 -30.86 110.94
N ASP D 135 -3.80 -29.71 111.39
CA ASP D 135 -4.31 -28.70 110.47
C ASP D 135 -3.23 -28.31 109.46
N GLU D 136 -2.04 -28.00 109.94
CA GLU D 136 -0.95 -27.53 109.06
C GLU D 136 -0.72 -28.46 107.89
N LEU D 137 -0.43 -29.72 108.22
CA LEU D 137 -0.17 -30.74 107.21
C LEU D 137 -1.34 -30.86 106.24
N THR D 138 -2.55 -30.85 106.79
CA THR D 138 -3.76 -31.05 106.02
C THR D 138 -4.05 -29.91 105.05
N HIS D 139 -3.70 -28.70 105.43
CA HIS D 139 -3.90 -27.55 104.54
C HIS D 139 -2.81 -27.56 103.48
N ASN D 140 -1.62 -28.01 103.88
CA ASN D 140 -0.52 -28.19 102.93
C ASN D 140 -0.92 -29.13 101.79
N PHE D 141 -1.11 -30.40 102.13
CA PHE D 141 -1.29 -31.46 101.14
C PHE D 141 -2.70 -31.69 100.62
N LYS D 142 -3.71 -31.14 101.29
CA LYS D 142 -5.09 -31.54 100.97
C LYS D 142 -6.05 -30.39 100.68
N GLY D 143 -6.30 -29.58 101.71
CA GLY D 143 -7.22 -28.47 101.59
C GLY D 143 -7.66 -28.08 102.99
N PHE D 144 -8.70 -27.27 103.09
CA PHE D 144 -9.15 -26.77 104.39
C PHE D 144 -9.95 -27.81 105.19
N THR D 145 -9.83 -27.72 106.51
CA THR D 145 -10.75 -28.42 107.40
C THR D 145 -11.75 -27.38 107.91
N VAL D 146 -13.01 -27.78 108.03
CA VAL D 146 -13.99 -26.89 108.64
C VAL D 146 -13.78 -26.89 110.14
N MET D 147 -13.34 -28.04 110.66
CA MET D 147 -13.05 -28.19 112.07
C MET D 147 -11.54 -28.33 112.26
N ASN D 148 -10.98 -27.59 113.23
CA ASN D 148 -9.53 -27.65 113.45
C ASN D 148 -9.14 -28.93 114.20
N GLU D 149 -7.84 -29.13 114.38
CA GLU D 149 -7.31 -30.39 114.89
C GLU D 149 -7.83 -30.82 116.27
N ASN D 150 -7.99 -29.87 117.18
CA ASN D 150 -8.49 -30.22 118.51
C ASN D 150 -9.90 -30.82 118.49
N GLU D 151 -10.83 -30.12 117.82
CA GLU D 151 -12.20 -30.60 117.63
C GLU D 151 -12.19 -32.03 117.09
N ARG D 152 -11.28 -32.29 116.17
CA ARG D 152 -11.19 -33.60 115.53
C ARG D 152 -10.59 -34.65 116.46
N TYR D 153 -9.61 -34.25 117.25
CA TYR D 153 -9.05 -35.14 118.28
C TYR D 153 -10.15 -35.56 119.24
N ASP D 154 -10.92 -34.59 119.72
CA ASP D 154 -12.04 -34.88 120.61
C ASP D 154 -12.99 -35.83 119.91
N ALA D 155 -13.38 -35.43 118.69
CA ALA D 155 -14.29 -36.18 117.84
C ALA D 155 -13.92 -37.66 117.81
N VAL D 156 -12.73 -37.94 117.26
CA VAL D 156 -12.24 -39.32 117.15
C VAL D 156 -12.12 -40.01 118.52
N GLN D 157 -11.76 -39.24 119.54
CA GLN D 157 -11.70 -39.76 120.90
C GLN D 157 -13.04 -40.36 121.29
N HIS D 158 -14.11 -39.72 120.83
CA HIS D 158 -15.45 -40.11 121.25
C HIS D 158 -16.06 -41.27 120.46
N CYS D 159 -15.32 -41.79 119.47
CA CYS D 159 -15.81 -42.92 118.67
C CYS D 159 -15.84 -44.22 119.47
N ARG D 160 -16.70 -45.16 119.08
CA ARG D 160 -16.98 -46.35 119.88
C ARG D 160 -15.91 -47.44 119.78
N TYR D 161 -15.29 -47.55 118.61
CA TYR D 161 -14.35 -48.64 118.32
C TYR D 161 -12.89 -48.23 118.54
N VAL D 162 -12.69 -46.98 118.96
CA VAL D 162 -11.37 -46.40 119.09
C VAL D 162 -10.76 -46.67 120.47
N ASP D 163 -9.65 -47.40 120.50
CA ASP D 163 -8.88 -47.56 121.74
C ASP D 163 -7.93 -46.41 122.03
N GLU D 164 -7.25 -45.91 120.99
CA GLU D 164 -6.19 -44.93 121.20
C GLU D 164 -6.17 -43.89 120.07
N VAL D 165 -5.89 -42.63 120.43
CA VAL D 165 -5.79 -41.58 119.43
C VAL D 165 -4.35 -41.06 119.32
N VAL D 166 -3.87 -40.92 118.08
CA VAL D 166 -2.55 -40.37 117.84
C VAL D 166 -2.64 -38.98 117.21
N ARG D 167 -2.25 -37.98 117.98
CA ARG D 167 -2.31 -36.60 117.52
C ARG D 167 -1.24 -36.29 116.50
N ASN D 168 -1.46 -35.24 115.71
CA ASN D 168 -0.40 -34.71 114.86
C ASN D 168 0.30 -35.81 114.06
N ALA D 169 -0.51 -36.69 113.46
CA ALA D 169 0.01 -37.85 112.74
C ALA D 169 0.54 -37.47 111.36
N PRO D 170 1.57 -38.20 110.90
CA PRO D 170 2.33 -37.91 109.67
C PRO D 170 1.56 -38.26 108.40
N TRP D 171 1.75 -37.49 107.34
CA TRP D 171 1.14 -37.79 106.05
C TRP D 171 1.62 -39.15 105.57
N THR D 172 2.93 -39.31 105.52
CA THR D 172 3.54 -40.57 105.15
C THR D 172 4.05 -41.29 106.40
N LEU D 173 3.82 -42.60 106.49
CA LEU D 173 4.25 -43.38 107.64
C LEU D 173 5.68 -43.90 107.48
N THR D 174 6.44 -43.82 108.56
CA THR D 174 7.86 -44.14 108.55
C THR D 174 8.13 -45.37 109.40
N PRO D 175 9.24 -46.07 109.12
CA PRO D 175 9.63 -47.24 109.92
C PRO D 175 9.64 -46.94 111.42
N GLU D 176 10.12 -45.74 111.78
CA GLU D 176 10.24 -45.37 113.18
C GLU D 176 8.90 -45.04 113.81
N PHE D 177 7.94 -44.59 112.99
CA PHE D 177 6.60 -44.37 113.48
C PHE D 177 5.98 -45.72 113.80
N LEU D 178 6.05 -46.63 112.84
CA LEU D 178 5.51 -47.98 112.98
C LEU D 178 6.13 -48.74 114.15
N ALA D 179 7.41 -48.47 114.40
CA ALA D 179 8.12 -49.11 115.51
C ALA D 179 7.76 -48.44 116.83
N GLU D 180 7.58 -47.13 116.79
CA GLU D 180 7.27 -46.38 117.99
C GLU D 180 5.94 -46.83 118.55
N HIS D 181 4.95 -46.91 117.67
CA HIS D 181 3.59 -47.23 118.07
C HIS D 181 3.29 -48.73 117.93
N ARG D 182 4.32 -49.49 117.57
CA ARG D 182 4.24 -50.95 117.58
C ARG D 182 3.17 -51.51 116.64
N ILE D 183 2.96 -50.83 115.52
CA ILE D 183 1.87 -51.14 114.59
C ILE D 183 2.05 -52.46 113.85
N ASP D 184 1.06 -53.35 113.99
CA ASP D 184 1.03 -54.61 113.25
C ASP D 184 0.48 -54.44 111.84
N PHE D 185 -0.60 -53.66 111.72
CA PHE D 185 -1.26 -53.44 110.43
C PHE D 185 -1.77 -52.03 110.30
N VAL D 186 -2.04 -51.62 109.06
CA VAL D 186 -2.51 -50.27 108.77
C VAL D 186 -3.80 -50.31 107.96
N ALA D 187 -4.90 -49.85 108.56
CA ALA D 187 -6.21 -49.96 107.92
C ALA D 187 -6.63 -48.70 107.17
N HIS D 188 -6.96 -48.85 105.89
CA HIS D 188 -7.52 -47.72 105.13
C HIS D 188 -8.16 -48.23 103.84
N ASP D 189 -8.81 -47.36 103.06
CA ASP D 189 -9.47 -47.81 101.83
C ASP D 189 -8.42 -48.11 100.75
N ASP D 190 -8.72 -49.04 99.85
CA ASP D 190 -7.71 -49.59 98.93
C ASP D 190 -7.49 -48.72 97.68
N ILE D 191 -8.13 -47.56 97.62
CA ILE D 191 -7.78 -46.57 96.60
C ILE D 191 -6.37 -46.06 96.86
N PRO D 192 -5.60 -45.83 95.77
CA PRO D 192 -4.31 -45.18 95.95
C PRO D 192 -4.51 -43.76 96.50
N TYR D 193 -3.70 -43.36 97.46
CA TYR D 193 -3.78 -42.01 98.01
C TYR D 193 -2.69 -41.17 97.39
N SER D 194 -3.05 -40.23 96.52
CA SER D 194 -2.03 -39.43 95.88
C SER D 194 -1.91 -38.10 96.62
N SER D 195 -0.83 -37.96 97.38
CA SER D 195 -0.51 -36.71 98.07
C SER D 195 0.89 -36.34 97.66
N ALA D 196 1.16 -35.04 97.59
CA ALA D 196 2.09 -34.50 96.61
C ALA D 196 3.40 -35.26 96.52
N GLY D 197 3.81 -35.56 95.29
CA GLY D 197 5.04 -36.28 95.04
C GLY D 197 4.90 -37.80 94.99
N SER D 198 3.77 -38.31 95.47
CA SER D 198 3.56 -39.75 95.51
C SER D 198 2.22 -40.09 94.86
N ASP D 199 2.22 -41.16 94.07
CA ASP D 199 0.98 -41.61 93.44
C ASP D 199 0.13 -42.41 94.43
N ASP D 200 0.81 -43.13 95.31
CA ASP D 200 0.17 -43.74 96.48
C ASP D 200 1.10 -43.65 97.69
N VAL D 201 0.61 -43.09 98.79
CA VAL D 201 1.44 -42.96 99.99
C VAL D 201 1.35 -44.20 100.89
N TYR D 202 0.48 -45.13 100.50
CA TYR D 202 0.37 -46.42 101.18
C TYR D 202 1.13 -47.55 100.48
N LYS D 203 1.78 -47.23 99.37
CA LYS D 203 2.43 -48.25 98.53
C LYS D 203 3.31 -49.19 99.34
N HIS D 204 4.25 -48.63 100.08
CA HIS D 204 5.20 -49.42 100.87
C HIS D 204 4.54 -50.24 101.98
N ILE D 205 3.48 -49.71 102.58
CA ILE D 205 2.75 -50.44 103.63
C ILE D 205 1.96 -51.58 103.00
N LYS D 206 1.49 -51.36 101.77
CA LYS D 206 0.81 -52.39 101.03
C LYS D 206 1.81 -53.51 100.72
N GLU D 207 3.01 -53.10 100.33
CA GLU D 207 4.07 -54.04 99.96
C GLU D 207 4.60 -54.84 101.16
N ALA D 208 4.68 -54.20 102.32
CA ALA D 208 5.12 -54.86 103.55
C ALA D 208 4.18 -56.01 103.92
N GLY D 209 3.02 -56.05 103.28
CA GLY D 209 1.98 -57.01 103.64
C GLY D 209 1.25 -56.50 104.87
N MET D 210 1.56 -55.26 105.23
CA MET D 210 1.00 -54.62 106.41
C MET D 210 -0.42 -54.08 106.18
N PHE D 211 -0.73 -53.67 104.95
CA PHE D 211 -1.97 -52.96 104.66
C PHE D 211 -3.24 -53.81 104.82
N ALA D 212 -4.25 -53.24 105.48
CA ALA D 212 -5.58 -53.81 105.52
C ALA D 212 -6.61 -52.87 104.88
N PRO D 213 -7.15 -53.27 103.72
CA PRO D 213 -8.17 -52.47 103.03
C PRO D 213 -9.46 -52.39 103.82
N THR D 214 -10.23 -51.34 103.59
CA THR D 214 -11.55 -51.21 104.18
C THR D 214 -12.51 -50.69 103.11
N GLN D 215 -13.79 -50.60 103.46
CA GLN D 215 -14.79 -50.17 102.50
C GLN D 215 -15.36 -48.82 102.88
N ARG D 216 -15.53 -47.95 101.88
CA ARG D 216 -16.12 -46.64 102.12
C ARG D 216 -17.63 -46.71 102.08
N THR D 217 -18.27 -46.08 103.07
CA THR D 217 -19.71 -45.86 103.03
C THR D 217 -20.07 -44.93 101.88
N GLU D 218 -21.20 -45.20 101.23
CA GLU D 218 -21.68 -44.38 100.12
C GLU D 218 -22.79 -43.44 100.61
N GLY D 219 -22.84 -42.25 100.02
CA GLY D 219 -23.83 -41.26 100.40
C GLY D 219 -23.32 -40.33 101.48
N ILE D 220 -22.28 -40.77 102.19
CA ILE D 220 -21.70 -39.95 103.24
C ILE D 220 -20.27 -39.53 102.88
N SER D 221 -19.96 -38.27 103.17
CA SER D 221 -18.62 -37.74 103.05
C SER D 221 -18.66 -36.27 103.44
N THR D 222 -17.51 -35.71 103.80
CA THR D 222 -17.45 -34.33 104.28
C THR D 222 -17.83 -33.37 103.15
N SER D 223 -17.41 -33.68 101.94
CA SER D 223 -17.75 -32.88 100.77
C SER D 223 -19.27 -32.77 100.62
N ASP D 224 -19.96 -33.88 100.87
CA ASP D 224 -21.41 -33.92 100.77
C ASP D 224 -22.03 -33.02 101.83
N ILE D 225 -21.59 -33.22 103.08
CA ILE D 225 -22.10 -32.45 104.19
C ILE D 225 -21.91 -30.95 103.96
N ILE D 226 -20.83 -30.60 103.27
CA ILE D 226 -20.55 -29.19 102.97
C ILE D 226 -21.46 -28.69 101.85
N THR D 227 -21.60 -29.52 100.82
CA THR D 227 -22.35 -29.15 99.62
C THR D 227 -23.87 -29.05 99.85
N ARG D 228 -24.41 -29.76 100.84
CA ARG D 228 -25.82 -29.58 101.14
C ARG D 228 -26.05 -28.15 101.63
N ILE D 229 -25.28 -27.80 102.66
CA ILE D 229 -25.35 -26.48 103.27
C ILE D 229 -25.12 -25.37 102.25
N VAL D 230 -23.96 -25.43 101.58
CA VAL D 230 -23.64 -24.44 100.56
C VAL D 230 -24.74 -24.35 99.50
N ARG D 231 -25.22 -25.50 99.04
CA ARG D 231 -26.29 -25.54 98.05
C ARG D 231 -27.49 -24.72 98.51
N ASP D 232 -27.96 -25.01 99.72
CA ASP D 232 -29.12 -24.31 100.26
C ASP D 232 -28.86 -22.80 100.40
N TYR D 233 -27.75 -22.45 101.04
CA TYR D 233 -27.43 -21.06 101.31
C TYR D 233 -27.25 -20.23 100.04
N ASP D 234 -26.75 -20.84 98.97
CA ASP D 234 -26.57 -20.13 97.71
C ASP D 234 -27.90 -19.58 97.18
N VAL D 235 -28.84 -20.48 96.94
CA VAL D 235 -30.15 -20.12 96.40
C VAL D 235 -30.93 -19.28 97.39
N TYR D 236 -30.80 -19.57 98.68
CA TYR D 236 -31.48 -18.77 99.70
C TYR D 236 -31.01 -17.32 99.66
N ALA D 237 -29.69 -17.13 99.66
CA ALA D 237 -29.09 -15.80 99.64
C ALA D 237 -29.44 -15.04 98.36
N ARG D 238 -29.13 -15.64 97.21
CA ARG D 238 -29.47 -15.03 95.93
C ARG D 238 -30.96 -14.66 95.90
N ARG D 239 -31.79 -15.52 96.48
CA ARG D 239 -33.21 -15.27 96.54
C ARG D 239 -33.51 -14.04 97.38
N ASN D 240 -32.83 -13.90 98.52
CA ASN D 240 -33.08 -12.78 99.43
C ASN D 240 -32.36 -11.51 98.95
N LEU D 241 -31.67 -11.61 97.82
CA LEU D 241 -31.13 -10.42 97.16
C LEU D 241 -32.23 -9.71 96.37
N GLN D 242 -32.73 -10.38 95.33
CA GLN D 242 -33.70 -9.79 94.41
C GLN D 242 -34.90 -9.23 95.17
N ARG D 243 -35.15 -9.73 96.37
CA ARG D 243 -36.16 -9.13 97.23
C ARG D 243 -35.75 -7.73 97.64
N TYR D 245 -38.63 -4.11 94.36
CA TYR D 245 -38.04 -5.10 93.44
C TYR D 245 -38.65 -4.96 92.05
N THR D 246 -39.96 -4.88 92.05
CA THR D 246 -40.77 -4.75 90.82
C THR D 246 -40.33 -3.49 90.06
N ALA D 247 -40.23 -2.42 90.81
CA ALA D 247 -39.83 -1.10 90.28
C ALA D 247 -38.46 -1.20 89.60
N LYS D 248 -37.55 -1.85 90.31
CA LYS D 248 -36.17 -2.06 89.85
C LYS D 248 -36.18 -2.81 88.52
N GLU D 249 -36.97 -3.87 88.50
CA GLU D 249 -37.13 -4.72 87.31
C GLU D 249 -37.59 -3.89 86.11
N LEU D 250 -38.60 -3.08 86.39
CA LEU D 250 -39.20 -2.19 85.38
C LEU D 250 -38.14 -1.26 84.79
N ASN D 251 -37.37 -0.68 85.70
CA ASN D 251 -36.28 0.25 85.36
C ASN D 251 -35.28 -0.44 84.43
N VAL D 252 -34.92 -1.65 84.82
CA VAL D 252 -33.98 -2.48 84.06
C VAL D 252 -34.49 -2.71 82.63
N SER D 253 -35.74 -3.06 82.55
CA SER D 253 -36.42 -3.32 81.27
C SER D 253 -36.32 -2.10 80.35
N PHE D 254 -36.61 -0.96 80.95
CA PHE D 254 -36.58 0.33 80.25
C PHE D 254 -35.18 0.59 79.68
N ILE D 255 -34.20 0.34 80.52
CA ILE D 255 -32.78 0.52 80.18
C ILE D 255 -32.43 -0.34 78.96
N ASN D 256 -32.87 -1.58 79.05
CA ASN D 256 -32.65 -2.59 78.00
C ASN D 256 -33.22 -2.09 76.67
N GLU D 257 -34.45 -1.61 76.76
CA GLU D 257 -35.19 -1.08 75.60
C GLU D 257 -34.40 0.06 74.95
N LYS D 258 -33.94 0.95 75.81
CA LYS D 258 -33.15 2.13 75.40
C LYS D 258 -31.91 1.67 74.62
N LYS D 259 -31.24 0.69 75.21
CA LYS D 259 -30.02 0.12 74.64
C LYS D 259 -30.30 -0.42 73.23
N TYR D 260 -31.39 -1.16 73.15
CA TYR D 260 -31.85 -1.77 71.88
C TYR D 260 -32.06 -0.69 70.82
N HIS D 261 -32.74 0.36 71.25
CA HIS D 261 -33.05 1.51 70.39
C HIS D 261 -31.76 2.11 69.83
N LEU D 262 -30.82 2.30 70.74
CA LEU D 262 -29.50 2.88 70.43
C LEU D 262 -28.80 2.02 69.36
N GLN D 263 -28.85 0.73 69.60
CA GLN D 263 -28.24 -0.27 68.69
C GLN D 263 -28.83 -0.14 67.29
N GLU D 264 -30.13 -0.06 67.25
CA GLU D 264 -30.89 0.06 65.99
C GLU D 264 -30.42 1.29 65.21
N ARG D 265 -30.32 2.38 65.95
CA ARG D 265 -29.90 3.68 65.40
C ARG D 265 -28.51 3.55 64.76
N VAL D 266 -27.63 2.91 65.52
CA VAL D 266 -26.25 2.66 65.10
C VAL D 266 -26.22 1.89 63.77
N ASP D 267 -27.03 0.86 63.75
CA ASP D 267 -27.17 -0.03 62.58
C ASP D 267 -27.59 0.79 61.35
N LYS D 268 -28.60 1.62 61.58
CA LYS D 268 -29.15 2.49 60.54
C LYS D 268 -28.06 3.40 59.97
N VAL D 269 -27.31 3.98 60.89
CA VAL D 269 -26.20 4.89 60.56
C VAL D 269 -25.19 4.17 59.66
N LYS D 270 -24.85 2.97 60.09
CA LYS D 270 -23.90 2.11 59.37
C LYS D 270 -24.38 1.86 57.94
N LYS D 271 -25.64 1.52 57.85
CA LYS D 271 -26.31 1.25 56.56
C LYS D 271 -26.19 2.46 55.63
N LYS D 272 -26.49 3.61 56.21
CA LYS D 272 -26.43 4.90 55.51
C LYS D 272 -25.03 5.14 54.94
N VAL D 273 -24.06 4.89 55.81
CA VAL D 273 -22.64 5.06 55.47
C VAL D 273 -22.27 4.17 54.28
N LYS D 274 -22.73 2.94 54.37
CA LYS D 274 -22.49 1.93 53.33
C LYS D 274 -23.05 2.41 51.98
N ASP D 275 -24.28 2.91 52.06
CA ASP D 275 -25.00 3.42 50.90
C ASP D 275 -24.20 4.56 50.24
N VAL D 276 -23.73 5.45 51.09
CA VAL D 276 -22.93 6.61 50.67
C VAL D 276 -21.68 6.15 49.92
N GLU D 277 -21.03 5.17 50.52
CA GLU D 277 -19.80 4.57 49.97
C GLU D 277 -20.07 4.02 48.57
N GLU D 278 -21.17 3.29 48.48
CA GLU D 278 -21.61 2.67 47.22
C GLU D 278 -21.80 3.74 46.14
N LYS D 279 -22.47 4.80 46.55
CA LYS D 279 -22.78 5.94 45.66
C LYS D 279 -21.47 6.53 45.13
N SER D 280 -20.54 6.73 46.05
CA SER D 280 -19.21 7.28 45.74
C SER D 280 -18.51 6.42 44.69
N LYS D 281 -18.56 5.12 44.94
CA LYS D 281 -17.95 4.12 44.07
C LYS D 281 -18.53 4.23 42.65
N GLU D 282 -19.85 4.33 42.61
CA GLU D 282 -20.61 4.45 41.36
C GLU D 282 -20.14 5.68 40.58
N PHE D 283 -20.04 6.77 41.31
CA PHE D 283 -19.60 8.07 40.77
C PHE D 283 -18.22 7.94 40.13
N VAL D 284 -17.34 7.29 40.88
CA VAL D 284 -15.96 7.05 40.46
C VAL D 284 -15.93 6.27 39.14
N GLN D 285 -16.74 5.24 39.12
CA GLN D 285 -16.89 4.36 37.95
C GLN D 285 -17.30 5.17 36.72
N LYS D 286 -18.31 6.00 36.95
CA LYS D 286 -18.87 6.88 35.91
C LYS D 286 -17.78 7.78 35.33
N VAL D 287 -17.02 8.36 36.25
CA VAL D 287 -15.91 9.27 35.92
C VAL D 287 -14.90 8.55 35.03
N GLU D 288 -14.56 7.35 35.45
CA GLU D 288 -13.61 6.48 34.75
C GLU D 288 -14.09 6.25 33.31
N GLU D 289 -15.36 5.92 33.21
CA GLU D 289 -16.02 5.64 31.93
C GLU D 289 -15.90 6.85 31.00
N LYS D 290 -16.20 8.00 31.58
CA LYS D 290 -16.15 9.29 30.87
C LYS D 290 -14.74 9.51 30.31
N SER D 291 -13.77 9.28 31.18
CA SER D 291 -12.35 9.43 30.84
C SER D 291 -11.98 8.56 29.64
N ILE D 292 -12.44 7.32 29.74
CA ILE D 292 -12.20 6.31 28.70
C ILE D 292 -12.76 6.80 27.36
N ASP D 293 -13.99 7.29 27.43
CA ASP D 293 -14.71 7.82 26.26
C ASP D 293 -13.91 8.94 25.60
N LEU D 294 -13.44 9.83 26.46
CA LEU D 294 -12.64 11.00 26.04
C LEU D 294 -11.39 10.53 25.29
N ILE D 295 -10.74 9.55 25.89
CA ILE D 295 -9.51 8.96 25.33
C ILE D 295 -9.78 8.40 23.94
N TRP D 298 -13.48 10.65 19.60
CA TRP D 298 -13.72 11.21 18.27
C TRP D 298 -14.54 10.24 17.46
N GLU D 299 -14.24 8.95 17.61
CA GLU D 299 -15.01 7.90 16.96
C GLU D 299 -16.48 8.05 17.34
N GLU D 300 -16.72 8.32 18.61
CA GLU D 300 -18.08 8.53 19.11
C GLU D 300 -18.66 9.89 18.69
N LYS D 301 -17.91 10.95 18.94
CA LYS D 301 -18.41 12.33 18.81
C LYS D 301 -18.33 12.93 17.40
N SER D 302 -17.89 12.14 16.42
CA SER D 302 -17.82 12.64 15.04
C SER D 302 -19.22 12.86 14.48
N ARG D 303 -20.08 11.87 14.66
CA ARG D 303 -21.47 11.94 14.22
C ARG D 303 -22.12 13.22 14.73
N GLU D 304 -21.82 13.59 15.97
CA GLU D 304 -22.35 14.81 16.57
C GLU D 304 -21.63 16.06 16.06
N PHE D 305 -20.35 15.90 15.77
CA PHE D 305 -19.53 17.01 15.27
C PHE D 305 -20.01 17.51 13.92
N ILE D 306 -20.28 16.58 13.01
CA ILE D 306 -20.66 16.93 11.64
C ILE D 306 -21.99 17.67 11.55
N GLY D 307 -23.04 17.08 12.12
CA GLY D 307 -24.35 17.71 12.10
C GLY D 307 -24.29 19.09 12.69
N SER D 308 -23.57 19.23 13.81
CA SER D 308 -23.42 20.52 14.46
C SER D 308 -22.74 21.50 13.51
N PHE D 309 -21.67 21.05 12.89
CA PHE D 309 -20.94 21.84 11.91
C PHE D 309 -21.87 22.35 10.82
N LEU D 310 -22.77 21.49 10.36
CA LEU D 310 -23.68 21.84 9.29
C LEU D 310 -24.88 22.66 9.75
N GLU D 311 -25.09 22.74 11.07
CA GLU D 311 -26.11 23.62 11.59
C GLU D 311 -25.76 25.04 11.18
N MET D 312 -24.47 25.34 11.22
CA MET D 312 -23.94 26.65 10.87
C MET D 312 -24.39 27.12 9.49
N PHE D 313 -24.65 26.19 8.59
CA PHE D 313 -25.04 26.54 7.21
C PHE D 313 -26.55 26.67 6.97
N GLY D 314 -27.32 26.61 8.06
CA GLY D 314 -28.78 26.73 8.02
C GLY D 314 -29.61 25.51 8.40
N PRO D 315 -30.93 25.74 8.60
CA PRO D 315 -31.94 24.99 9.37
C PRO D 315 -31.54 23.53 9.61
N GLY E 60 -3.55 28.60 -132.39
CA GLY E 60 -2.18 28.20 -132.09
C GLY E 60 -1.96 26.70 -132.22
N LEU E 61 -1.40 26.10 -131.17
CA LEU E 61 -1.21 24.65 -131.15
C LEU E 61 -1.80 24.01 -129.89
N ARG E 62 -2.84 23.22 -130.09
CA ARG E 62 -3.52 22.54 -128.99
C ARG E 62 -2.91 21.16 -128.70
N GLN E 63 -2.04 20.69 -129.59
CA GLN E 63 -1.57 19.29 -129.53
C GLN E 63 -0.04 19.15 -129.42
N PRO E 64 0.42 18.15 -128.67
CA PRO E 64 1.85 17.85 -128.49
C PRO E 64 2.48 17.42 -129.79
N ALA E 65 3.78 17.15 -129.74
CA ALA E 65 4.54 16.75 -130.92
C ALA E 65 4.51 15.25 -131.09
N PRO E 66 4.29 14.78 -132.32
CA PRO E 66 4.34 13.34 -132.59
C PRO E 66 5.72 12.78 -132.24
N PHE E 67 5.80 11.48 -132.01
CA PHE E 67 7.10 10.82 -132.05
C PHE E 67 7.31 10.34 -133.48
N SER E 68 8.46 9.74 -133.74
CA SER E 68 8.77 9.23 -135.07
C SER E 68 7.91 8.01 -135.42
N ASP E 69 7.72 7.13 -134.45
CA ASP E 69 6.96 5.88 -134.66
C ASP E 69 5.45 6.10 -134.72
N GLU E 70 4.99 7.20 -134.13
CA GLU E 70 3.61 7.62 -134.26
C GLU E 70 3.28 7.95 -135.73
N ILE E 71 4.33 8.14 -136.53
CA ILE E 71 4.19 8.77 -137.84
C ILE E 71 4.35 7.83 -139.02
N GLU E 72 3.50 8.03 -140.04
CA GLU E 72 3.60 7.31 -141.30
C GLU E 72 4.61 7.96 -142.23
N VAL E 73 5.30 7.15 -143.02
CA VAL E 73 6.29 7.65 -143.97
C VAL E 73 6.25 6.86 -145.28
N ASP E 74 6.29 7.58 -146.40
CA ASP E 74 6.25 6.96 -147.72
C ASP E 74 7.67 6.66 -148.20
N PHE E 75 7.98 5.37 -148.34
CA PHE E 75 9.30 4.97 -148.80
C PHE E 75 9.30 4.73 -150.31
N SER E 76 8.14 4.93 -150.93
CA SER E 76 8.03 4.92 -152.38
C SER E 76 8.58 6.24 -152.88
N LYS E 77 8.88 7.11 -151.92
CA LYS E 77 9.64 8.32 -152.16
C LYS E 77 11.09 8.05 -151.74
N PRO E 78 12.01 8.08 -152.72
CA PRO E 78 13.43 7.84 -152.49
C PRO E 78 14.03 8.92 -151.60
N TYR E 79 15.21 8.67 -151.05
CA TYR E 79 15.80 9.62 -150.11
C TYR E 79 16.63 10.63 -150.88
N VAL E 80 16.14 11.87 -150.93
CA VAL E 80 16.79 12.91 -151.70
C VAL E 80 16.90 14.18 -150.87
N ARG E 81 18.14 14.57 -150.58
CA ARG E 81 18.37 15.76 -149.78
C ARG E 81 18.24 17.02 -150.60
N VAL E 82 18.47 18.17 -149.96
CA VAL E 82 18.27 19.46 -150.60
C VAL E 82 19.45 20.38 -150.27
N THR E 83 19.78 21.28 -151.20
CA THR E 83 20.91 22.19 -151.01
C THR E 83 20.59 23.35 -150.08
N MET E 84 21.63 23.92 -149.48
CA MET E 84 21.50 25.14 -148.70
C MET E 84 20.76 26.17 -149.54
N GLU E 85 21.20 26.31 -150.79
CA GLU E 85 20.60 27.29 -151.69
C GLU E 85 19.11 27.08 -151.90
N GLU E 86 18.73 26.00 -152.59
CA GLU E 86 17.33 25.78 -152.94
C GLU E 86 16.46 25.55 -151.70
N ALA E 87 17.10 25.34 -150.55
CA ALA E 87 16.37 25.27 -149.28
C ALA E 87 16.05 26.67 -148.80
N CYS E 88 17.05 27.55 -148.89
CA CYS E 88 16.90 28.94 -148.48
C CYS E 88 16.05 29.74 -149.47
N ARG E 89 15.89 29.23 -150.68
CA ARG E 89 14.95 29.84 -151.63
C ARG E 89 13.55 29.62 -151.09
N GLY E 90 13.43 28.64 -150.20
CA GLY E 90 12.17 28.27 -149.59
C GLY E 90 11.62 27.03 -150.27
N THR E 91 10.97 26.17 -149.49
CA THR E 91 10.58 24.85 -149.98
C THR E 91 9.07 24.69 -150.06
N PRO E 92 8.57 24.39 -151.27
CA PRO E 92 7.12 24.36 -151.47
C PRO E 92 6.44 23.55 -150.36
N CYS E 93 5.26 23.99 -149.94
CA CYS E 93 4.69 23.59 -148.64
C CYS E 93 4.84 22.09 -148.36
N GLU E 94 4.52 21.26 -149.35
CA GLU E 94 4.52 19.82 -149.15
C GLU E 94 5.92 19.18 -149.07
N ARG E 95 6.96 19.94 -149.37
CA ARG E 95 8.34 19.48 -149.17
C ARG E 95 9.08 20.45 -148.25
N PRO E 96 8.80 20.39 -146.94
CA PRO E 96 9.60 21.20 -146.04
C PRO E 96 11.04 20.70 -146.01
N VAL E 97 11.98 21.54 -145.60
CA VAL E 97 13.32 21.08 -145.29
C VAL E 97 13.22 20.31 -143.99
N ARG E 98 13.94 19.21 -143.86
CA ARG E 98 13.86 18.45 -142.61
C ARG E 98 15.17 18.52 -141.82
N VAL E 99 15.10 19.11 -140.62
CA VAL E 99 16.29 19.35 -139.82
C VAL E 99 16.30 18.52 -138.54
N TYR E 100 17.48 18.01 -138.18
CA TYR E 100 17.63 17.17 -136.99
C TYR E 100 18.51 17.85 -135.94
N ALA E 101 17.98 17.95 -134.72
CA ALA E 101 18.75 18.43 -133.58
C ALA E 101 18.66 17.40 -132.45
N ASP E 102 19.74 17.23 -131.71
CA ASP E 102 19.88 16.11 -130.78
C ASP E 102 20.49 16.56 -129.45
N GLY E 103 20.26 15.77 -128.40
CA GLY E 103 20.73 16.15 -127.07
C GLY E 103 19.99 15.41 -125.96
N ILE E 104 20.49 15.59 -124.74
CA ILE E 104 19.91 14.95 -123.57
C ILE E 104 18.64 15.71 -123.17
N PHE E 105 18.74 17.03 -123.19
CA PHE E 105 17.65 17.90 -122.77
C PHE E 105 17.25 17.62 -121.33
N ASP E 106 18.23 17.17 -120.55
CA ASP E 106 18.07 17.01 -119.11
C ASP E 106 17.71 18.37 -118.52
N LEU E 107 16.76 18.39 -117.58
CA LEU E 107 16.29 19.63 -116.99
C LEU E 107 15.90 20.64 -118.08
N PHE E 108 15.01 20.22 -118.99
CA PHE E 108 14.77 20.96 -120.22
C PHE E 108 14.59 22.43 -119.89
N HIS E 109 15.33 23.29 -120.59
CA HIS E 109 15.36 24.71 -120.26
C HIS E 109 15.35 25.62 -121.49
N SER E 110 15.56 26.91 -121.27
CA SER E 110 15.41 27.91 -122.32
C SER E 110 16.56 27.93 -123.32
N GLY E 111 17.75 27.51 -122.89
CA GLY E 111 18.86 27.39 -123.80
C GLY E 111 18.51 26.36 -124.87
N HIS E 112 18.03 25.21 -124.41
CA HIS E 112 17.52 24.17 -125.28
C HIS E 112 16.50 24.75 -126.24
N ALA E 113 15.48 25.40 -125.67
CA ALA E 113 14.33 25.86 -126.44
C ALA E 113 14.73 26.83 -127.52
N ARG E 114 15.59 27.78 -127.18
CA ARG E 114 16.03 28.75 -128.16
C ARG E 114 16.91 28.07 -129.22
N ALA E 115 17.69 27.07 -128.80
CA ALA E 115 18.45 26.26 -129.75
C ALA E 115 17.51 25.65 -130.79
N LEU E 116 16.40 25.12 -130.30
CA LEU E 116 15.36 24.55 -131.15
C LEU E 116 14.68 25.62 -131.99
N MET E 117 14.63 26.86 -131.50
CA MET E 117 13.96 27.92 -132.25
C MET E 117 14.84 28.27 -133.45
N GLN E 118 16.14 28.38 -133.19
CA GLN E 118 17.11 28.61 -134.25
C GLN E 118 16.95 27.50 -135.25
N ALA E 119 16.95 26.27 -134.75
CA ALA E 119 16.81 25.08 -135.57
C ALA E 119 15.60 25.20 -136.49
N LYS E 120 14.49 25.64 -135.92
CA LYS E 120 13.22 25.73 -136.65
C LYS E 120 13.28 26.83 -137.71
N ASN E 121 14.06 27.88 -137.42
CA ASN E 121 14.10 29.05 -138.29
C ASN E 121 15.18 29.05 -139.36
N LEU E 122 15.99 28.00 -139.41
CA LEU E 122 17.09 27.92 -140.37
C LEU E 122 16.64 28.13 -141.82
N PHE E 123 15.39 27.83 -142.13
CA PHE E 123 14.86 28.03 -143.47
C PHE E 123 13.41 28.53 -143.43
N PRO E 124 12.94 29.09 -144.55
CA PRO E 124 11.56 29.60 -144.66
C PRO E 124 10.54 28.50 -144.39
N ASN E 125 10.76 27.32 -144.97
CA ASN E 125 9.92 26.16 -144.69
C ASN E 125 10.79 25.04 -144.10
N THR E 126 10.54 24.72 -142.83
CA THR E 126 11.42 23.80 -142.12
C THR E 126 10.64 22.83 -141.23
N TYR E 127 11.00 21.55 -141.30
CA TYR E 127 10.40 20.53 -140.45
C TYR E 127 11.40 20.09 -139.38
N LEU E 128 11.04 20.28 -138.12
CA LEU E 128 11.97 20.03 -137.02
C LEU E 128 11.74 18.68 -136.35
N ILE E 129 12.71 17.78 -136.54
CA ILE E 129 12.74 16.50 -135.86
C ILE E 129 13.84 16.59 -134.80
N VAL E 130 13.55 16.18 -133.57
CA VAL E 130 14.53 16.29 -132.49
C VAL E 130 14.77 14.99 -131.73
N GLY E 131 15.98 14.45 -131.87
CA GLY E 131 16.38 13.24 -131.18
C GLY E 131 16.72 13.45 -129.71
N VAL E 132 16.21 12.55 -128.87
CA VAL E 132 16.48 12.60 -127.44
C VAL E 132 17.18 11.31 -127.02
N CYS E 133 18.44 11.42 -126.60
CA CYS E 133 19.22 10.25 -126.25
C CYS E 133 18.75 9.56 -124.98
N SER E 134 18.96 8.25 -124.91
CA SER E 134 18.50 7.43 -123.80
C SER E 134 19.32 7.59 -122.52
N ASP E 135 18.73 7.18 -121.41
CA ASP E 135 19.42 7.12 -120.12
C ASP E 135 20.69 6.26 -120.19
N GLU E 136 20.62 5.16 -120.92
CA GLU E 136 21.74 4.23 -121.01
C GLU E 136 22.90 4.84 -121.81
N LEU E 137 22.60 5.29 -123.03
CA LEU E 137 23.57 5.98 -123.86
C LEU E 137 24.19 7.15 -123.09
N THR E 138 23.35 7.96 -122.46
CA THR E 138 23.79 9.17 -121.76
C THR E 138 24.64 8.89 -120.50
N HIS E 139 24.19 7.96 -119.66
CA HIS E 139 24.95 7.57 -118.48
C HIS E 139 26.30 7.04 -118.94
N ASN E 140 26.26 6.27 -120.02
CA ASN E 140 27.48 5.72 -120.62
C ASN E 140 28.48 6.79 -121.05
N PHE E 141 28.13 7.55 -122.09
CA PHE E 141 29.07 8.46 -122.75
C PHE E 141 29.15 9.87 -122.19
N LYS E 142 28.28 10.21 -121.25
CA LYS E 142 28.23 11.60 -120.78
C LYS E 142 28.29 11.74 -119.26
N GLY E 143 27.22 11.31 -118.60
CA GLY E 143 27.10 11.40 -117.15
C GLY E 143 25.65 11.14 -116.79
N PHE E 144 25.30 11.39 -115.53
CA PHE E 144 23.95 11.11 -115.07
C PHE E 144 22.94 12.09 -115.64
N THR E 145 21.67 11.85 -115.31
CA THR E 145 20.59 12.79 -115.61
C THR E 145 19.62 12.76 -114.45
N VAL E 146 19.18 13.94 -114.02
CA VAL E 146 18.17 14.02 -112.96
C VAL E 146 16.83 13.71 -113.58
N MET E 147 16.68 14.10 -114.85
CA MET E 147 15.51 13.76 -115.63
C MET E 147 15.69 12.38 -116.23
N ASN E 148 14.61 11.61 -116.31
CA ASN E 148 14.68 10.28 -116.90
C ASN E 148 14.10 10.31 -118.33
N GLU E 149 14.63 9.45 -119.20
CA GLU E 149 14.40 9.55 -120.64
C GLU E 149 12.95 9.80 -121.05
N ASN E 150 12.01 9.17 -120.37
CA ASN E 150 10.61 9.45 -120.69
C ASN E 150 10.24 10.90 -120.35
N GLU E 151 10.67 11.37 -119.18
CA GLU E 151 10.44 12.77 -118.79
C GLU E 151 10.94 13.74 -119.83
N ARG E 152 12.12 13.47 -120.38
CA ARG E 152 12.75 14.36 -121.36
C ARG E 152 12.10 14.23 -122.74
N TYR E 153 11.58 13.04 -123.02
CA TYR E 153 10.81 12.82 -124.23
C TYR E 153 9.61 13.76 -124.18
N ASP E 154 8.95 13.77 -123.03
CA ASP E 154 7.78 14.62 -122.83
C ASP E 154 8.15 16.10 -122.93
N ALA E 155 9.20 16.46 -122.19
CA ALA E 155 9.74 17.80 -122.19
C ALA E 155 9.85 18.30 -123.62
N VAL E 156 10.68 17.63 -124.42
CA VAL E 156 10.85 18.03 -125.81
C VAL E 156 9.52 18.06 -126.56
N GLN E 157 8.65 17.11 -126.24
CA GLN E 157 7.32 17.04 -126.84
C GLN E 157 6.54 18.33 -126.68
N HIS E 158 6.75 19.01 -125.56
CA HIS E 158 5.98 20.23 -125.26
C HIS E 158 6.62 21.53 -125.71
N CYS E 159 7.74 21.43 -126.43
CA CYS E 159 8.40 22.60 -126.99
C CYS E 159 7.62 23.17 -128.18
N ARG E 160 7.79 24.46 -128.43
CA ARG E 160 6.97 25.19 -129.40
C ARG E 160 7.42 25.05 -130.85
N TYR E 161 8.72 24.92 -131.06
CA TYR E 161 9.30 24.92 -132.40
C TYR E 161 9.49 23.50 -132.95
N VAL E 162 9.04 22.52 -132.17
CA VAL E 162 9.29 21.11 -132.47
C VAL E 162 8.11 20.40 -133.12
N ASP E 163 8.30 19.95 -134.36
CA ASP E 163 7.27 19.20 -135.09
C ASP E 163 7.20 17.71 -134.71
N GLU E 164 8.36 17.07 -134.59
CA GLU E 164 8.41 15.64 -134.31
C GLU E 164 9.59 15.26 -133.42
N VAL E 165 9.34 14.36 -132.46
CA VAL E 165 10.38 13.92 -131.53
C VAL E 165 10.83 12.50 -131.83
N VAL E 166 12.14 12.28 -131.80
CA VAL E 166 12.70 10.95 -132.03
C VAL E 166 13.31 10.39 -130.75
N ARG E 167 12.64 9.38 -130.19
CA ARG E 167 13.10 8.74 -128.95
C ARG E 167 14.31 7.87 -129.19
N ASN E 168 15.03 7.56 -128.12
CA ASN E 168 16.17 6.66 -128.18
C ASN E 168 17.08 7.00 -129.36
N ALA E 169 17.74 8.16 -129.27
CA ALA E 169 18.57 8.68 -130.36
C ALA E 169 20.00 8.15 -130.26
N PRO E 170 20.69 8.06 -131.41
CA PRO E 170 22.09 7.62 -131.51
C PRO E 170 23.07 8.69 -131.01
N TRP E 171 24.19 8.25 -130.43
CA TRP E 171 25.22 9.19 -130.00
C TRP E 171 25.96 9.70 -131.22
N THR E 172 26.06 8.86 -132.23
CA THR E 172 26.66 9.23 -133.51
C THR E 172 25.68 8.94 -134.64
N LEU E 173 25.63 9.84 -135.64
CA LEU E 173 24.62 9.74 -136.69
C LEU E 173 25.10 9.01 -137.94
N THR E 174 24.27 8.11 -138.45
CA THR E 174 24.66 7.19 -139.50
C THR E 174 23.94 7.47 -140.81
N PRO E 175 24.57 7.08 -141.92
CA PRO E 175 23.97 7.21 -143.26
C PRO E 175 22.55 6.66 -143.28
N GLU E 176 22.34 5.52 -142.64
CA GLU E 176 21.02 4.89 -142.60
C GLU E 176 20.05 5.64 -141.70
N PHE E 177 20.53 6.16 -140.58
CA PHE E 177 19.68 6.95 -139.70
C PHE E 177 19.21 8.17 -140.48
N LEU E 178 20.16 8.87 -141.10
CA LEU E 178 19.87 10.02 -141.94
C LEU E 178 18.98 9.64 -143.11
N ALA E 179 19.01 8.37 -143.50
CA ALA E 179 18.19 7.87 -144.59
C ALA E 179 16.72 7.69 -144.20
N GLU E 180 16.49 6.97 -143.10
CA GLU E 180 15.14 6.59 -142.69
C GLU E 180 14.33 7.79 -142.22
N HIS E 181 15.02 8.78 -141.65
CA HIS E 181 14.35 9.97 -141.19
C HIS E 181 14.37 11.05 -142.26
N ARG E 182 14.99 10.74 -143.40
CA ARG E 182 15.07 11.66 -144.54
C ARG E 182 15.64 13.02 -144.15
N ILE E 183 16.68 13.02 -143.32
CA ILE E 183 17.18 14.25 -142.70
C ILE E 183 18.01 15.12 -143.67
N ASP E 184 17.56 16.35 -143.89
CA ASP E 184 18.24 17.28 -144.80
C ASP E 184 19.43 17.98 -144.16
N PHE E 185 19.28 18.41 -142.90
CA PHE E 185 20.36 19.10 -142.21
C PHE E 185 20.39 18.74 -140.73
N VAL E 186 21.39 19.26 -140.03
CA VAL E 186 21.58 18.93 -138.62
C VAL E 186 21.89 20.20 -137.85
N ALA E 187 21.12 20.48 -136.81
CA ALA E 187 21.32 21.70 -136.04
C ALA E 187 21.90 21.40 -134.65
N HIS E 188 23.08 21.95 -134.40
CA HIS E 188 23.68 21.88 -133.08
C HIS E 188 24.69 22.99 -132.94
N ASP E 189 25.26 23.16 -131.73
CA ASP E 189 26.25 24.21 -131.52
C ASP E 189 27.54 23.85 -132.26
N ASP E 190 28.38 24.83 -132.58
CA ASP E 190 29.56 24.54 -133.41
C ASP E 190 30.79 24.15 -132.59
N ILE E 191 30.65 24.00 -131.27
CA ILE E 191 31.73 23.44 -130.46
C ILE E 191 31.90 21.95 -130.76
N PRO E 192 33.08 21.54 -131.24
CA PRO E 192 33.28 20.12 -131.55
C PRO E 192 32.94 19.25 -130.35
N TYR E 193 32.18 18.18 -130.58
CA TYR E 193 31.67 17.36 -129.48
C TYR E 193 32.55 16.14 -129.26
N SER E 194 33.23 16.10 -128.11
CA SER E 194 34.11 14.98 -127.83
C SER E 194 33.47 13.99 -126.85
N SER E 195 33.09 12.83 -127.37
CA SER E 195 32.72 11.71 -126.52
C SER E 195 33.14 10.45 -127.26
N ALA E 196 33.01 9.30 -126.61
CA ALA E 196 33.62 8.10 -127.14
C ALA E 196 35.10 8.41 -127.37
N GLY E 197 35.65 7.95 -128.50
CA GLY E 197 37.02 8.26 -128.85
C GLY E 197 37.06 9.36 -129.89
N SER E 198 35.88 9.75 -130.36
CA SER E 198 35.76 10.81 -131.36
C SER E 198 36.08 12.12 -130.68
N ASP E 199 36.95 12.93 -131.28
CA ASP E 199 37.19 14.25 -130.74
C ASP E 199 36.17 15.27 -131.27
N ASP E 200 35.48 14.90 -132.35
CA ASP E 200 34.18 15.51 -132.70
C ASP E 200 33.27 14.47 -133.34
N VAL E 201 32.03 14.38 -132.88
CA VAL E 201 31.09 13.40 -133.44
C VAL E 201 30.28 13.96 -134.61
N TYR E 202 30.36 15.27 -134.79
CA TYR E 202 29.65 15.93 -135.89
C TYR E 202 30.53 16.19 -137.11
N LYS E 203 31.83 15.90 -136.99
CA LYS E 203 32.79 16.26 -138.03
C LYS E 203 32.40 15.68 -139.40
N HIS E 204 31.91 14.44 -139.40
CA HIS E 204 31.53 13.78 -140.66
C HIS E 204 30.25 14.36 -141.23
N ILE E 205 29.42 14.92 -140.36
CA ILE E 205 28.22 15.63 -140.77
C ILE E 205 28.62 17.01 -141.28
N LYS E 206 29.63 17.60 -140.66
CA LYS E 206 30.21 18.84 -141.13
C LYS E 206 30.67 18.67 -142.57
N GLU E 207 31.63 17.76 -142.75
CA GLU E 207 32.25 17.49 -144.04
C GLU E 207 31.25 17.28 -145.17
N ALA E 208 30.10 16.68 -144.86
CA ALA E 208 29.06 16.50 -145.86
C ALA E 208 28.40 17.82 -146.23
N GLY E 209 28.73 18.87 -145.48
CA GLY E 209 28.08 20.17 -145.63
C GLY E 209 26.64 20.11 -145.17
N MET E 210 26.31 19.07 -144.39
CA MET E 210 24.94 18.87 -143.93
C MET E 210 24.68 19.53 -142.57
N PHE E 211 25.68 20.23 -142.03
CA PHE E 211 25.59 20.79 -140.68
C PHE E 211 25.08 22.23 -140.65
N ALA E 212 24.12 22.51 -139.75
CA ALA E 212 23.73 23.90 -139.47
C ALA E 212 24.02 24.26 -138.01
N PRO E 213 25.01 25.13 -137.80
CA PRO E 213 25.37 25.52 -136.43
C PRO E 213 24.24 26.27 -135.74
N THR E 214 24.25 26.27 -134.41
CA THR E 214 23.36 27.13 -133.64
C THR E 214 24.15 27.79 -132.52
N GLN E 215 23.49 28.66 -131.76
CA GLN E 215 24.17 29.42 -130.71
C GLN E 215 23.67 29.04 -129.32
N ARG E 216 24.60 28.75 -128.41
CA ARG E 216 24.24 28.47 -127.03
C ARG E 216 23.67 29.73 -126.40
N THR E 217 22.63 29.58 -125.58
CA THR E 217 22.14 30.72 -124.82
C THR E 217 23.11 30.96 -123.66
N GLU E 218 22.87 31.99 -122.85
CA GLU E 218 23.86 32.42 -121.88
C GLU E 218 23.33 32.45 -120.45
N GLY E 219 24.19 32.08 -119.50
CA GLY E 219 23.82 32.10 -118.09
C GLY E 219 22.90 30.97 -117.68
N ILE E 220 22.47 30.18 -118.66
CA ILE E 220 21.65 29.01 -118.37
C ILE E 220 22.28 27.75 -118.97
N SER E 221 22.16 26.66 -118.23
CA SER E 221 22.49 25.34 -118.74
C SER E 221 22.20 24.38 -117.59
N THR E 222 22.01 23.11 -117.93
CA THR E 222 21.51 22.14 -116.97
C THR E 222 22.39 22.05 -115.73
N SER E 223 23.67 22.37 -115.88
CA SER E 223 24.61 22.31 -114.77
C SER E 223 24.37 23.41 -113.73
N ASP E 224 24.02 24.61 -114.20
CA ASP E 224 23.77 25.73 -113.28
C ASP E 224 22.61 25.44 -112.36
N ILE E 225 21.50 25.02 -112.95
CA ILE E 225 20.32 24.68 -112.20
C ILE E 225 20.67 23.69 -111.09
N ILE E 226 21.59 22.78 -111.39
CA ILE E 226 22.07 21.84 -110.39
C ILE E 226 22.82 22.60 -109.29
N THR E 227 23.80 23.37 -109.74
CA THR E 227 24.73 24.07 -108.86
C THR E 227 24.08 24.99 -107.83
N ARG E 228 23.05 25.74 -108.24
CA ARG E 228 22.38 26.61 -107.27
C ARG E 228 21.84 25.79 -106.09
N ILE E 229 20.94 24.87 -106.39
CA ILE E 229 20.37 23.96 -105.39
C ILE E 229 21.47 23.30 -104.55
N VAL E 230 22.46 22.71 -105.23
CA VAL E 230 23.60 22.10 -104.56
C VAL E 230 24.18 23.03 -103.49
N ARG E 231 24.67 24.20 -103.92
CA ARG E 231 25.24 25.19 -103.03
C ARG E 231 24.35 25.43 -101.82
N ASP E 232 23.15 25.93 -102.10
CA ASP E 232 22.19 26.25 -101.04
C ASP E 232 22.05 25.12 -100.02
N TYR E 233 21.96 23.88 -100.51
CA TYR E 233 21.79 22.74 -99.62
C TYR E 233 23.06 22.39 -98.86
N ASP E 234 24.21 22.71 -99.45
CA ASP E 234 25.48 22.44 -98.79
C ASP E 234 25.61 23.37 -97.59
N VAL E 235 25.41 24.66 -97.85
CA VAL E 235 25.50 25.66 -96.78
C VAL E 235 24.39 25.48 -95.73
N TYR E 236 23.20 25.10 -96.18
CA TYR E 236 22.08 24.89 -95.27
C TYR E 236 22.32 23.68 -94.39
N ALA E 237 22.72 22.58 -95.01
CA ALA E 237 23.04 21.36 -94.30
C ALA E 237 24.09 21.67 -93.24
N ARG E 238 25.28 22.05 -93.70
CA ARG E 238 26.36 22.37 -92.77
C ARG E 238 25.91 23.31 -91.65
N ARG E 239 25.12 24.33 -91.98
CA ARG E 239 24.69 25.27 -90.94
C ARG E 239 23.82 24.58 -89.86
N ASN E 240 22.86 23.80 -90.35
CA ASN E 240 21.92 23.05 -89.52
C ASN E 240 22.63 22.03 -88.64
N LEU E 241 23.67 21.40 -89.19
CA LEU E 241 24.49 20.48 -88.44
C LEU E 241 25.19 21.22 -87.26
N GLN E 242 25.71 22.41 -87.57
CA GLN E 242 26.30 23.31 -86.57
C GLN E 242 25.30 23.81 -85.53
N ARG E 243 24.09 24.15 -85.98
CA ARG E 243 23.01 24.56 -85.08
C ARG E 243 22.67 23.41 -84.15
N GLY E 244 22.72 22.21 -84.71
CA GLY E 244 22.46 20.98 -83.99
C GLY E 244 23.46 20.77 -82.86
N TYR E 245 24.71 21.13 -83.09
CA TYR E 245 25.72 21.01 -82.05
C TYR E 245 25.39 21.90 -80.85
N THR E 246 24.93 23.12 -81.14
CA THR E 246 24.67 24.10 -80.10
C THR E 246 23.56 23.62 -79.16
N ALA E 247 22.52 23.03 -79.74
CA ALA E 247 21.42 22.49 -78.96
C ALA E 247 21.89 21.38 -78.03
N LYS E 248 22.76 20.52 -78.55
CA LYS E 248 23.34 19.45 -77.75
C LYS E 248 24.15 20.00 -76.59
N GLU E 249 24.90 21.07 -76.87
CA GLU E 249 25.69 21.73 -75.83
C GLU E 249 24.78 22.29 -74.75
N LEU E 250 23.65 22.88 -75.18
CA LEU E 250 22.67 23.42 -74.24
C LEU E 250 22.10 22.31 -73.37
N ASN E 251 21.83 21.16 -73.98
CA ASN E 251 21.33 20.01 -73.25
C ASN E 251 22.35 19.52 -72.22
N VAL E 252 23.61 19.53 -72.60
CA VAL E 252 24.68 19.16 -71.67
C VAL E 252 24.74 20.13 -70.50
N SER E 253 24.56 21.41 -70.79
CA SER E 253 24.53 22.43 -69.74
C SER E 253 23.36 22.18 -68.79
N PHE E 254 22.21 21.81 -69.35
CA PHE E 254 21.04 21.51 -68.54
C PHE E 254 21.31 20.31 -67.64
N ILE E 255 22.00 19.30 -68.18
CA ILE E 255 22.36 18.12 -67.40
C ILE E 255 23.28 18.50 -66.25
N ASN E 256 24.22 19.41 -66.53
CA ASN E 256 25.11 19.91 -65.50
C ASN E 256 24.36 20.65 -64.40
N GLU E 257 23.36 21.43 -64.80
CA GLU E 257 22.50 22.13 -63.84
C GLU E 257 21.74 21.13 -62.98
N LYS E 258 21.27 20.05 -63.59
CA LYS E 258 20.58 19.00 -62.86
C LYS E 258 21.52 18.34 -61.85
N LYS E 259 22.77 18.13 -62.25
CA LYS E 259 23.78 17.57 -61.36
C LYS E 259 24.03 18.50 -60.18
N TYR E 260 24.06 19.81 -60.45
CA TYR E 260 24.21 20.80 -59.40
C TYR E 260 23.03 20.76 -58.42
N HIS E 261 21.83 20.58 -58.95
CA HIS E 261 20.63 20.55 -58.12
C HIS E 261 20.66 19.37 -57.15
N LEU E 262 21.14 18.23 -57.64
CA LEU E 262 20.97 16.96 -56.95
C LEU E 262 22.02 16.83 -55.86
N GLN E 263 23.22 17.25 -56.19
CA GLN E 263 24.36 17.25 -55.26
C GLN E 263 24.05 18.11 -54.03
N GLU E 264 23.52 19.28 -54.32
CA GLU E 264 23.14 20.26 -53.28
C GLU E 264 22.13 19.64 -52.33
N ARG E 265 21.14 19.00 -52.92
CA ARG E 265 20.05 18.33 -52.20
C ARG E 265 20.63 17.27 -51.24
N VAL E 266 21.53 16.49 -51.81
CA VAL E 266 22.22 15.41 -51.07
C VAL E 266 22.94 15.99 -49.85
N ASP E 267 23.65 17.07 -50.10
CA ASP E 267 24.43 17.77 -49.08
C ASP E 267 23.51 18.21 -47.93
N LYS E 268 22.39 18.79 -48.34
CA LYS E 268 21.36 19.30 -47.41
C LYS E 268 20.87 18.15 -46.52
N VAL E 269 20.58 17.04 -47.17
CA VAL E 269 20.09 15.83 -46.51
C VAL E 269 21.09 15.37 -45.45
N LYS E 270 22.34 15.34 -45.87
CA LYS E 270 23.47 14.93 -45.00
C LYS E 270 23.52 15.82 -43.76
N LYS E 271 23.41 17.11 -44.00
CA LYS E 271 23.44 18.13 -42.95
C LYS E 271 22.32 17.87 -41.93
N LYS E 272 21.15 17.61 -42.48
CA LYS E 272 19.94 17.33 -41.70
C LYS E 272 20.18 16.13 -40.78
N VAL E 273 20.74 15.09 -41.39
CA VAL E 273 21.05 13.83 -40.71
C VAL E 273 21.99 14.09 -39.52
N LYS E 274 23.01 14.88 -39.82
CA LYS E 274 24.03 15.27 -38.83
C LYS E 274 23.38 15.96 -37.64
N ASP E 275 22.50 16.90 -37.98
CA ASP E 275 21.76 17.69 -36.99
C ASP E 275 20.96 16.76 -36.07
N VAL E 276 20.28 15.83 -36.71
CA VAL E 276 19.43 14.83 -36.02
C VAL E 276 20.28 14.04 -35.02
N GLU E 277 21.43 13.60 -35.51
CA GLU E 277 22.39 12.82 -34.72
C GLU E 277 22.81 13.61 -33.47
N GLU E 278 23.12 14.86 -33.71
CA GLU E 278 23.55 15.79 -32.66
C GLU E 278 22.47 15.90 -31.58
N LYS E 279 21.25 16.07 -32.06
CA LYS E 279 20.07 16.19 -31.19
C LYS E 279 19.93 14.95 -30.30
N SER E 280 20.07 13.81 -30.96
CA SER E 280 19.98 12.50 -30.29
C SER E 280 21.01 12.41 -29.17
N LYS E 281 22.23 12.81 -29.51
CA LYS E 281 23.37 12.80 -28.58
C LYS E 281 23.05 13.65 -27.36
N GLU E 282 22.53 14.83 -27.64
CA GLU E 282 22.15 15.81 -26.61
C GLU E 282 21.13 15.18 -25.65
N PHE E 283 20.14 14.56 -26.25
CA PHE E 283 19.06 13.88 -25.52
C PHE E 283 19.63 12.83 -24.57
N VAL E 284 20.54 12.04 -25.13
CA VAL E 284 21.23 10.96 -24.39
C VAL E 284 21.95 11.54 -23.17
N GLN E 285 22.66 12.61 -23.43
CA GLN E 285 23.43 13.33 -22.40
C GLN E 285 22.50 13.76 -21.25
N LYS E 286 21.39 14.34 -21.66
CA LYS E 286 20.37 14.84 -20.74
C LYS E 286 19.86 13.70 -19.85
N VAL E 287 19.58 12.59 -20.50
CA VAL E 287 19.10 11.37 -19.83
C VAL E 287 20.09 10.91 -18.77
N GLU E 288 21.34 10.89 -19.19
CA GLU E 288 22.47 10.48 -18.33
C GLU E 288 22.53 11.37 -17.08
N GLU E 289 22.42 12.65 -17.33
CA GLU E 289 22.44 13.68 -16.27
C GLU E 289 21.33 13.41 -15.26
N LYS E 290 20.15 13.16 -15.81
CA LYS E 290 18.95 12.88 -15.02
C LYS E 290 19.19 11.67 -14.11
N SER E 291 19.74 10.65 -14.72
CA SER E 291 20.06 9.38 -14.03
C SER E 291 20.99 9.64 -12.85
N ILE E 292 22.01 10.43 -13.14
CA ILE E 292 23.04 10.82 -12.15
C ILE E 292 22.38 11.52 -10.96
N ASP E 293 21.51 12.45 -11.30
CA ASP E 293 20.76 13.24 -10.31
C ASP E 293 19.95 12.31 -9.39
N LEU E 294 19.28 11.38 -10.03
CA LEU E 294 18.44 10.38 -9.35
C LEU E 294 19.29 9.59 -8.34
N TRP E 298 21.98 11.52 -6.41
CA TRP E 298 21.38 10.50 -5.55
C TRP E 298 21.67 10.50 -4.04
N GLU E 299 22.64 11.29 -3.57
CA GLU E 299 23.17 11.05 -2.21
C GLU E 299 22.16 11.18 -1.07
N GLU E 300 21.52 12.33 -0.94
CA GLU E 300 20.57 12.56 0.16
C GLU E 300 19.51 11.44 0.21
N LYS E 301 18.89 11.20 -0.94
CA LYS E 301 17.91 10.13 -1.06
C LYS E 301 18.60 8.78 -0.89
N SER E 302 19.92 8.77 -0.93
CA SER E 302 20.70 7.58 -0.61
C SER E 302 20.65 7.32 0.87
N ARG E 303 20.97 8.35 1.63
CA ARG E 303 20.99 8.22 3.08
C ARG E 303 19.57 7.90 3.52
N GLU E 304 18.62 8.29 2.67
CA GLU E 304 17.24 7.90 2.90
C GLU E 304 17.08 6.41 2.64
N PHE E 305 17.56 5.99 1.48
CA PHE E 305 17.50 4.60 1.02
C PHE E 305 18.00 3.61 2.04
N ILE E 306 19.30 3.65 2.31
CA ILE E 306 19.89 2.60 3.15
C ILE E 306 19.06 2.38 4.42
N GLY E 307 18.74 3.46 5.11
CA GLY E 307 17.92 3.38 6.31
C GLY E 307 16.60 2.70 6.03
N SER E 308 15.89 3.17 5.00
CA SER E 308 14.64 2.55 4.59
C SER E 308 14.78 1.04 4.42
N PHE E 309 15.89 0.63 3.80
CA PHE E 309 16.14 -0.78 3.52
C PHE E 309 16.40 -1.58 4.80
N LEU E 310 17.06 -0.96 5.77
CA LEU E 310 17.31 -1.63 7.05
C LEU E 310 16.07 -1.62 7.95
N GLU E 311 15.09 -0.81 7.59
CA GLU E 311 13.80 -0.81 8.28
C GLU E 311 13.15 -2.19 8.17
N MET E 312 13.28 -2.79 6.99
CA MET E 312 12.63 -4.05 6.66
C MET E 312 13.04 -5.24 7.52
N PHE E 313 14.26 -5.23 8.05
CA PHE E 313 14.74 -6.34 8.87
C PHE E 313 14.42 -6.11 10.34
N GLY E 314 13.99 -4.89 10.65
CA GLY E 314 13.61 -4.51 12.00
C GLY E 314 13.94 -3.05 12.25
N PRO E 315 13.76 -2.59 13.50
CA PRO E 315 14.17 -1.24 13.91
C PRO E 315 15.69 -1.09 13.99
N GLY F 60 3.80 24.84 -137.50
CA GLY F 60 4.71 25.08 -136.40
C GLY F 60 4.84 26.55 -136.06
N LEU F 61 5.61 26.85 -135.02
CA LEU F 61 5.84 28.24 -134.61
C LEU F 61 7.32 28.63 -134.56
N ARG F 62 7.67 29.67 -135.32
CA ARG F 62 9.02 30.21 -135.37
C ARG F 62 9.35 31.15 -134.21
N GLN F 63 8.38 31.98 -133.82
CA GLN F 63 8.64 33.03 -132.84
C GLN F 63 7.91 32.83 -131.51
N PRO F 64 8.49 33.36 -130.42
CA PRO F 64 8.00 33.24 -129.03
C PRO F 64 6.65 33.90 -128.80
N ALA F 65 6.12 33.78 -127.59
CA ALA F 65 4.80 34.33 -127.26
C ALA F 65 4.90 35.78 -126.84
N PRO F 66 4.07 36.63 -127.46
CA PRO F 66 4.04 38.06 -127.16
C PRO F 66 3.82 38.30 -125.67
N PHE F 67 4.60 39.21 -125.09
CA PHE F 67 4.30 39.70 -123.76
C PHE F 67 3.02 40.53 -123.83
N SER F 68 2.36 40.71 -122.69
CA SER F 68 1.14 41.50 -122.64
C SER F 68 1.30 42.84 -123.34
N ASP F 69 2.43 43.50 -123.08
CA ASP F 69 2.71 44.86 -123.56
C ASP F 69 2.76 45.03 -125.09
N GLU F 70 3.40 44.08 -125.78
CA GLU F 70 3.61 44.18 -127.23
C GLU F 70 2.36 44.38 -128.10
N ILE F 71 1.19 44.07 -127.55
CA ILE F 71 -0.02 43.97 -128.38
C ILE F 71 -0.94 45.18 -128.34
N GLU F 72 -1.51 45.52 -129.49
CA GLU F 72 -2.51 46.57 -129.56
C GLU F 72 -3.80 46.02 -128.95
N VAL F 73 -4.46 46.84 -128.15
CA VAL F 73 -5.72 46.43 -127.57
C VAL F 73 -6.72 47.58 -127.73
N ASP F 74 -7.97 47.25 -128.02
CA ASP F 74 -8.96 48.26 -128.40
C ASP F 74 -10.11 48.43 -127.40
N PHE F 75 -10.36 49.68 -127.00
CA PHE F 75 -11.42 49.97 -126.05
C PHE F 75 -12.70 50.47 -126.72
N SER F 76 -12.65 50.57 -128.06
CA SER F 76 -13.86 50.72 -128.88
C SER F 76 -14.56 49.38 -128.87
N LYS F 77 -13.90 48.38 -128.27
CA LYS F 77 -14.54 47.11 -127.93
C LYS F 77 -14.72 47.01 -126.41
N PRO F 78 -15.99 47.08 -125.96
CA PRO F 78 -16.38 46.96 -124.55
C PRO F 78 -15.98 45.61 -123.97
N TYR F 79 -15.92 45.52 -122.65
CA TYR F 79 -15.58 44.26 -122.02
C TYR F 79 -16.76 43.32 -122.02
N VAL F 80 -16.64 42.19 -122.72
CA VAL F 80 -17.70 41.18 -122.70
C VAL F 80 -17.17 39.75 -122.58
N ARG F 81 -17.50 39.08 -121.48
CA ARG F 81 -17.16 37.68 -121.29
C ARG F 81 -18.16 36.82 -122.03
N VAL F 82 -17.77 35.60 -122.39
CA VAL F 82 -18.72 34.63 -122.93
C VAL F 82 -19.11 33.66 -121.80
N THR F 83 -20.02 32.74 -122.09
CA THR F 83 -20.40 31.73 -121.12
C THR F 83 -20.04 30.34 -121.66
N MET F 84 -19.94 29.37 -120.76
CA MET F 84 -19.48 28.02 -121.08
C MET F 84 -20.13 27.46 -122.34
N GLU F 85 -21.43 27.68 -122.48
CA GLU F 85 -22.17 27.18 -123.64
C GLU F 85 -21.67 27.74 -124.98
N GLU F 86 -21.69 29.05 -125.15
CA GLU F 86 -21.27 29.63 -126.44
C GLU F 86 -19.76 29.65 -126.59
N ALA F 87 -19.03 29.38 -125.52
CA ALA F 87 -17.58 29.25 -125.62
C ALA F 87 -17.24 27.87 -126.14
N CYS F 88 -18.01 26.88 -125.68
CA CYS F 88 -17.82 25.49 -126.07
C CYS F 88 -18.38 25.20 -127.46
N ARG F 89 -19.38 25.97 -127.88
CA ARG F 89 -19.78 25.92 -129.28
C ARG F 89 -18.60 26.38 -130.11
N GLY F 90 -17.75 27.18 -129.48
CA GLY F 90 -16.52 27.66 -130.08
C GLY F 90 -16.74 29.03 -130.69
N THR F 91 -15.74 29.89 -130.57
CA THR F 91 -15.86 31.28 -130.98
C THR F 91 -15.38 31.54 -132.41
N PRO F 92 -15.87 32.63 -133.02
CA PRO F 92 -15.36 33.06 -134.33
C PRO F 92 -13.86 33.27 -134.27
N CYS F 93 -13.18 33.14 -135.41
CA CYS F 93 -11.74 33.26 -135.47
C CYS F 93 -11.23 34.65 -135.08
N GLU F 94 -12.06 35.67 -135.30
CA GLU F 94 -11.70 37.03 -134.94
C GLU F 94 -11.80 37.23 -133.42
N ARG F 95 -12.73 36.50 -132.82
CA ARG F 95 -13.01 36.61 -131.39
C ARG F 95 -12.84 35.25 -130.72
N PRO F 96 -11.59 34.89 -130.37
CA PRO F 96 -11.36 33.66 -129.62
C PRO F 96 -11.84 33.79 -128.18
N VAL F 97 -11.99 32.67 -127.49
CA VAL F 97 -12.21 32.70 -126.05
C VAL F 97 -10.90 33.03 -125.39
N ARG F 98 -10.91 33.91 -124.39
CA ARG F 98 -9.66 34.30 -123.75
C ARG F 98 -9.55 33.74 -122.32
N VAL F 99 -8.47 33.02 -122.07
CA VAL F 99 -8.32 32.32 -120.80
C VAL F 99 -7.00 32.69 -120.11
N TYR F 100 -7.04 32.79 -118.78
CA TYR F 100 -5.88 33.21 -118.01
C TYR F 100 -5.47 32.13 -117.01
N ALA F 101 -4.25 31.62 -117.17
CA ALA F 101 -3.63 30.71 -116.21
C ALA F 101 -2.49 31.45 -115.53
N ASP F 102 -2.24 31.16 -114.25
CA ASP F 102 -1.25 31.92 -113.47
C ASP F 102 -0.45 31.04 -112.51
N GLY F 103 0.69 31.53 -112.01
CA GLY F 103 1.57 30.74 -111.18
C GLY F 103 3.02 31.17 -111.23
N ILE F 104 3.86 30.50 -110.46
CA ILE F 104 5.27 30.84 -110.32
C ILE F 104 6.09 30.32 -111.51
N PHE F 105 5.74 29.11 -111.96
CA PHE F 105 6.43 28.46 -113.07
C PHE F 105 7.93 28.37 -112.84
N ASP F 106 8.32 28.21 -111.58
CA ASP F 106 9.71 27.98 -111.23
C ASP F 106 10.13 26.62 -111.78
N LEU F 107 11.38 26.50 -112.23
CA LEU F 107 11.87 25.25 -112.82
C LEU F 107 10.89 24.71 -113.85
N PHE F 108 10.57 25.51 -114.85
CA PHE F 108 9.46 25.20 -115.75
C PHE F 108 9.55 23.76 -116.21
N HIS F 109 8.45 23.03 -116.06
CA HIS F 109 8.44 21.59 -116.33
C HIS F 109 7.12 21.08 -116.93
N SER F 110 7.07 19.78 -117.18
CA SER F 110 5.94 19.14 -117.88
C SER F 110 4.58 19.37 -117.23
N GLY F 111 4.52 19.32 -115.90
CA GLY F 111 3.25 19.54 -115.20
C GLY F 111 2.64 20.88 -115.56
N HIS F 112 3.46 21.93 -115.43
CA HIS F 112 3.08 23.27 -115.86
C HIS F 112 2.57 23.23 -117.29
N ALA F 113 3.35 22.58 -118.14
CA ALA F 113 3.18 22.67 -119.59
C ALA F 113 1.88 22.05 -120.05
N ARG F 114 1.57 20.86 -119.53
CA ARG F 114 0.30 20.22 -119.86
C ARG F 114 -0.85 20.79 -119.02
N ALA F 115 -0.53 21.55 -117.98
CA ALA F 115 -1.56 22.31 -117.29
C ALA F 115 -2.03 23.39 -118.27
N LEU F 116 -1.06 24.09 -118.84
CA LEU F 116 -1.33 25.08 -119.88
C LEU F 116 -1.88 24.44 -121.15
N MET F 117 -1.61 23.15 -121.37
CA MET F 117 -2.16 22.47 -122.53
C MET F 117 -3.64 22.23 -122.31
N GLN F 118 -3.94 21.71 -121.12
CA GLN F 118 -5.30 21.51 -120.70
C GLN F 118 -6.00 22.83 -120.96
N ALA F 119 -5.43 23.89 -120.39
CA ALA F 119 -6.04 25.20 -120.45
C ALA F 119 -6.25 25.71 -121.88
N LYS F 120 -5.29 25.41 -122.75
CA LYS F 120 -5.34 25.87 -124.15
C LYS F 120 -6.45 25.14 -124.88
N ASN F 121 -6.72 23.92 -124.42
CA ASN F 121 -7.71 23.06 -125.07
C ASN F 121 -9.14 23.16 -124.52
N LEU F 122 -9.34 23.97 -123.48
CA LEU F 122 -10.65 24.08 -122.85
C LEU F 122 -11.77 24.33 -123.85
N PHE F 123 -11.48 25.12 -124.88
CA PHE F 123 -12.50 25.46 -125.87
C PHE F 123 -11.97 25.31 -127.30
N PRO F 124 -12.88 25.11 -128.27
CA PRO F 124 -12.52 24.93 -129.68
C PRO F 124 -11.64 26.05 -130.20
N ASN F 125 -12.01 27.30 -129.90
CA ASN F 125 -11.16 28.44 -130.20
C ASN F 125 -10.77 29.11 -128.90
N THR F 126 -9.47 29.25 -128.67
CA THR F 126 -9.00 29.74 -127.38
C THR F 126 -7.74 30.59 -127.53
N TYR F 127 -7.63 31.59 -126.68
CA TYR F 127 -6.43 32.42 -126.62
C TYR F 127 -5.89 32.32 -125.19
N LEU F 128 -4.66 31.83 -125.06
CA LEU F 128 -4.11 31.58 -123.73
C LEU F 128 -3.14 32.68 -123.29
N ILE F 129 -3.53 33.39 -122.23
CA ILE F 129 -2.69 34.37 -121.57
C ILE F 129 -2.26 33.74 -120.25
N VAL F 130 -0.98 33.86 -119.91
CA VAL F 130 -0.49 33.23 -118.69
C VAL F 130 0.20 34.23 -117.80
N GLY F 131 -0.42 34.50 -116.64
CA GLY F 131 0.20 35.35 -115.64
C GLY F 131 1.34 34.66 -114.90
N VAL F 132 2.51 35.30 -114.89
CA VAL F 132 3.62 34.82 -114.09
C VAL F 132 3.91 35.84 -113.00
N CYS F 133 3.99 35.38 -111.76
CA CYS F 133 4.19 36.27 -110.61
C CYS F 133 5.63 36.74 -110.49
N SER F 134 5.80 37.91 -109.89
CA SER F 134 7.12 38.50 -109.65
C SER F 134 7.87 37.72 -108.56
N ASP F 135 9.19 37.86 -108.56
CA ASP F 135 10.00 37.34 -107.47
C ASP F 135 9.52 37.91 -106.13
N GLU F 136 9.37 39.22 -106.06
CA GLU F 136 9.01 39.89 -104.80
C GLU F 136 7.76 39.27 -104.17
N LEU F 137 6.67 39.27 -104.93
CA LEU F 137 5.41 38.73 -104.48
C LEU F 137 5.56 37.27 -104.04
N THR F 138 6.29 36.51 -104.85
CA THR F 138 6.46 35.08 -104.63
C THR F 138 7.26 34.75 -103.36
N HIS F 139 8.23 35.59 -103.04
CA HIS F 139 9.01 35.39 -101.82
C HIS F 139 8.18 35.82 -100.63
N ASN F 140 7.37 36.87 -100.83
CA ASN F 140 6.44 37.31 -99.80
C ASN F 140 5.50 36.18 -99.38
N PHE F 141 4.63 35.76 -100.31
CA PHE F 141 3.53 34.86 -99.99
C PHE F 141 3.84 33.35 -100.06
N LYS F 142 4.96 32.99 -100.67
CA LYS F 142 5.17 31.57 -100.96
C LYS F 142 6.49 30.98 -100.47
N GLY F 143 7.59 31.47 -101.04
CA GLY F 143 8.91 30.99 -100.68
C GLY F 143 9.85 31.37 -101.82
N PHE F 144 11.04 30.79 -101.83
CA PHE F 144 12.04 31.14 -102.82
C PHE F 144 11.79 30.52 -104.19
N THR F 145 12.20 31.24 -105.24
CA THR F 145 12.31 30.64 -106.57
C THR F 145 13.78 30.35 -106.81
N VAL F 146 14.07 29.22 -107.45
CA VAL F 146 15.45 28.94 -107.84
C VAL F 146 15.79 29.79 -109.05
N MET F 147 14.78 30.03 -109.88
CA MET F 147 14.94 30.87 -111.05
C MET F 147 14.19 32.18 -110.85
N ASN F 148 14.83 33.30 -111.17
CA ASN F 148 14.17 34.60 -110.97
C ASN F 148 13.15 34.87 -112.08
N GLU F 149 12.43 35.99 -111.96
CA GLU F 149 11.27 36.28 -112.81
C GLU F 149 11.58 36.32 -114.31
N ASN F 150 12.71 36.89 -114.70
CA ASN F 150 13.04 36.95 -116.13
C ASN F 150 13.20 35.58 -116.78
N GLU F 151 14.00 34.71 -116.16
CA GLU F 151 14.18 33.33 -116.62
C GLU F 151 12.83 32.65 -116.79
N ARG F 152 11.91 32.93 -115.88
CA ARG F 152 10.59 32.31 -115.91
C ARG F 152 9.71 32.91 -117.01
N TYR F 153 9.82 34.21 -117.22
CA TYR F 153 9.12 34.86 -118.33
C TYR F 153 9.57 34.24 -119.65
N ASP F 154 10.88 34.10 -119.83
CA ASP F 154 11.42 33.47 -121.02
C ASP F 154 10.85 32.07 -121.14
N ALA F 155 11.00 31.32 -120.04
CA ALA F 155 10.54 29.95 -119.92
C ALA F 155 9.14 29.79 -120.46
N VAL F 156 8.18 30.45 -119.80
CA VAL F 156 6.78 30.39 -120.18
C VAL F 156 6.55 30.89 -121.61
N GLN F 157 7.33 31.89 -122.03
CA GLN F 157 7.27 32.39 -123.41
C GLN F 157 7.51 31.27 -124.38
N HIS F 158 8.39 30.35 -124.00
CA HIS F 158 8.82 29.29 -124.92
C HIS F 158 7.89 28.06 -124.95
N CYS F 159 6.84 28.09 -124.14
CA CYS F 159 5.87 26.97 -124.11
C CYS F 159 5.04 26.90 -125.40
N ARG F 160 4.54 25.71 -125.73
CA ARG F 160 3.90 25.47 -127.03
C ARG F 160 2.48 25.99 -127.15
N TYR F 161 1.74 25.96 -126.03
CA TYR F 161 0.32 26.29 -126.02
C TYR F 161 0.05 27.74 -125.60
N VAL F 162 1.13 28.46 -125.34
CA VAL F 162 1.03 29.83 -124.81
C VAL F 162 0.93 30.86 -125.92
N ASP F 163 -0.18 31.59 -125.96
CA ASP F 163 -0.31 32.73 -126.87
C ASP F 163 0.31 34.02 -126.32
N GLU F 164 0.11 34.28 -125.02
CA GLU F 164 0.49 35.56 -124.45
C GLU F 164 1.01 35.40 -123.02
N VAL F 165 2.03 36.17 -122.68
CA VAL F 165 2.58 36.15 -121.31
C VAL F 165 2.31 37.46 -120.58
N VAL F 166 1.84 37.35 -119.34
CA VAL F 166 1.61 38.52 -118.51
C VAL F 166 2.63 38.59 -117.38
N ARG F 167 3.51 39.58 -117.46
CA ARG F 167 4.57 39.74 -116.46
C ARG F 167 4.01 40.28 -115.15
N ASN F 168 4.76 40.06 -114.06
CA ASN F 168 4.47 40.73 -112.80
C ASN F 168 2.99 40.62 -112.44
N ALA F 169 2.44 39.41 -112.56
CA ALA F 169 1.02 39.17 -112.33
C ALA F 169 0.68 39.11 -110.85
N PRO F 170 -0.54 39.54 -110.50
CA PRO F 170 -1.01 39.72 -109.11
C PRO F 170 -1.33 38.40 -108.42
N TRP F 171 -1.09 38.32 -107.12
CA TRP F 171 -1.42 37.14 -106.34
C TRP F 171 -2.93 36.92 -106.42
N THR F 172 -3.68 37.94 -106.08
CA THR F 172 -5.14 37.91 -106.17
C THR F 172 -5.60 38.67 -107.41
N LEU F 173 -6.56 38.10 -108.15
CA LEU F 173 -7.07 38.74 -109.35
C LEU F 173 -8.22 39.72 -109.05
N THR F 174 -8.18 40.87 -109.71
CA THR F 174 -9.11 41.96 -109.45
C THR F 174 -10.01 42.19 -110.65
N PRO F 175 -11.19 42.78 -110.42
CA PRO F 175 -12.11 43.10 -111.51
C PRO F 175 -11.41 43.86 -112.64
N GLU F 176 -10.54 44.80 -112.27
CA GLU F 176 -9.87 45.65 -113.24
C GLU F 176 -8.78 44.90 -114.00
N PHE F 177 -8.21 43.87 -113.38
CA PHE F 177 -7.25 43.03 -114.07
C PHE F 177 -7.99 42.23 -115.14
N LEU F 178 -9.08 41.58 -114.72
CA LEU F 178 -9.92 40.78 -115.60
C LEU F 178 -10.49 41.59 -116.76
N ALA F 179 -10.77 42.86 -116.49
CA ALA F 179 -11.31 43.76 -117.52
C ALA F 179 -10.21 44.25 -118.43
N GLU F 180 -9.04 44.48 -117.85
CA GLU F 180 -7.91 45.00 -118.61
C GLU F 180 -7.52 43.99 -119.66
N HIS F 181 -7.37 42.74 -119.23
CA HIS F 181 -6.90 41.68 -120.09
C HIS F 181 -8.05 40.91 -120.75
N ARG F 182 -9.27 41.37 -120.51
CA ARG F 182 -10.45 40.86 -121.20
C ARG F 182 -10.70 39.37 -120.96
N ILE F 183 -10.36 38.90 -119.76
CA ILE F 183 -10.39 37.47 -119.43
C ILE F 183 -11.80 36.88 -119.36
N ASP F 184 -12.04 35.85 -120.16
CA ASP F 184 -13.30 35.10 -120.12
C ASP F 184 -13.31 34.06 -119.01
N PHE F 185 -12.21 33.34 -118.85
CA PHE F 185 -12.10 32.28 -117.85
C PHE F 185 -10.71 32.22 -117.24
N VAL F 186 -10.62 31.57 -116.08
CA VAL F 186 -9.35 31.46 -115.36
C VAL F 186 -9.03 30.00 -115.05
N ALA F 187 -7.97 29.48 -115.66
CA ALA F 187 -7.64 28.07 -115.54
C ALA F 187 -6.61 27.77 -114.45
N HIS F 188 -6.96 26.87 -113.54
CA HIS F 188 -5.98 26.40 -112.53
C HIS F 188 -6.49 25.13 -111.86
N ASP F 189 -5.70 24.50 -110.99
CA ASP F 189 -6.15 23.27 -110.34
C ASP F 189 -7.19 23.57 -109.26
N ASP F 190 -8.11 22.63 -109.03
CA ASP F 190 -9.29 22.89 -108.21
C ASP F 190 -9.04 22.80 -106.70
N ILE F 191 -7.79 22.58 -106.30
CA ILE F 191 -7.43 22.73 -104.89
C ILE F 191 -7.59 24.18 -104.47
N PRO F 192 -8.07 24.41 -103.23
CA PRO F 192 -8.07 25.78 -102.72
C PRO F 192 -6.63 26.29 -102.59
N TYR F 193 -6.38 27.53 -103.00
CA TYR F 193 -5.06 28.11 -102.87
C TYR F 193 -5.05 29.02 -101.65
N SER F 194 -4.35 28.61 -100.60
CA SER F 194 -4.35 29.44 -99.41
C SER F 194 -3.08 30.27 -99.39
N SER F 195 -3.23 31.56 -99.66
CA SER F 195 -2.13 32.52 -99.59
C SER F 195 -2.59 33.63 -98.67
N ALA F 196 -1.65 34.22 -97.95
CA ALA F 196 -1.92 34.74 -96.61
C ALA F 196 -3.19 35.56 -96.51
N GLY F 197 -3.99 35.27 -95.49
CA GLY F 197 -5.24 35.96 -95.25
C GLY F 197 -6.46 35.36 -95.95
N SER F 198 -6.22 34.47 -96.90
CA SER F 198 -7.30 33.85 -97.65
C SER F 198 -7.17 32.35 -97.64
N ASP F 199 -8.29 31.65 -97.46
CA ASP F 199 -8.28 30.20 -97.47
C ASP F 199 -8.25 29.68 -98.91
N ASP F 200 -8.92 30.43 -99.81
CA ASP F 200 -8.79 30.23 -101.25
C ASP F 200 -8.78 31.58 -101.97
N VAL F 201 -7.76 31.83 -102.79
CA VAL F 201 -7.67 33.10 -103.50
C VAL F 201 -8.41 33.03 -104.84
N TYR F 202 -8.90 31.85 -105.18
CA TYR F 202 -9.72 31.68 -106.38
C TYR F 202 -11.23 31.64 -106.09
N LYS F 203 -11.60 31.79 -104.82
CA LYS F 203 -12.99 31.66 -104.40
C LYS F 203 -13.95 32.46 -105.26
N HIS F 204 -13.69 33.76 -105.37
CA HIS F 204 -14.57 34.65 -106.12
C HIS F 204 -14.62 34.35 -107.62
N ILE F 205 -13.51 33.89 -108.19
CA ILE F 205 -13.46 33.52 -109.61
C ILE F 205 -14.24 32.23 -109.82
N LYS F 206 -14.19 31.36 -108.81
CA LYS F 206 -14.95 30.13 -108.85
C LYS F 206 -16.44 30.48 -108.82
N GLU F 207 -16.79 31.45 -107.96
CA GLU F 207 -18.16 31.89 -107.79
C GLU F 207 -18.73 32.63 -109.01
N ALA F 208 -17.88 33.41 -109.68
CA ALA F 208 -18.28 34.13 -110.89
C ALA F 208 -18.69 33.16 -112.00
N GLY F 209 -18.38 31.87 -111.80
CA GLY F 209 -18.59 30.86 -112.83
C GLY F 209 -17.47 30.96 -113.84
N MET F 210 -16.45 31.75 -113.48
CA MET F 210 -15.31 32.01 -114.36
C MET F 210 -14.28 30.89 -114.32
N PHE F 211 -14.16 30.20 -113.18
CA PHE F 211 -13.07 29.25 -112.97
C PHE F 211 -13.14 27.99 -113.84
N ALA F 212 -12.00 27.62 -114.41
CA ALA F 212 -11.85 26.33 -115.09
C ALA F 212 -10.78 25.48 -114.41
N PRO F 213 -11.21 24.38 -113.78
CA PRO F 213 -10.28 23.46 -113.11
C PRO F 213 -9.38 22.75 -114.11
N THR F 214 -8.20 22.33 -113.65
CA THR F 214 -7.31 21.52 -114.46
C THR F 214 -6.77 20.40 -113.60
N GLN F 215 -5.99 19.52 -114.21
CA GLN F 215 -5.44 18.37 -113.49
C GLN F 215 -3.93 18.48 -113.36
N ARG F 216 -3.43 18.16 -112.16
CA ARG F 216 -1.99 18.17 -111.93
C ARG F 216 -1.36 16.85 -112.37
N THR F 217 -0.25 16.96 -113.08
CA THR F 217 0.60 15.80 -113.36
C THR F 217 1.20 15.27 -112.07
N GLU F 218 1.31 13.94 -111.97
CA GLU F 218 1.88 13.29 -110.79
C GLU F 218 3.32 12.88 -111.08
N GLY F 219 4.17 12.94 -110.06
CA GLY F 219 5.56 12.58 -110.21
C GLY F 219 6.42 13.78 -110.55
N ILE F 220 5.79 14.83 -111.05
CA ILE F 220 6.51 16.05 -111.40
C ILE F 220 6.09 17.20 -110.51
N SER F 221 7.09 17.98 -110.09
CA SER F 221 6.87 19.22 -109.36
C SER F 221 8.24 19.81 -109.03
N THR F 222 8.28 21.11 -108.76
CA THR F 222 9.54 21.79 -108.52
C THR F 222 10.20 21.28 -107.23
N SER F 223 9.38 20.99 -106.24
CA SER F 223 9.86 20.42 -104.98
C SER F 223 10.61 19.12 -105.23
N ASP F 224 10.08 18.30 -106.14
CA ASP F 224 10.69 17.03 -106.49
C ASP F 224 12.04 17.26 -107.14
N ILE F 225 12.03 18.12 -108.17
CA ILE F 225 13.24 18.44 -108.91
C ILE F 225 14.34 18.95 -107.97
N ILE F 226 13.94 19.66 -106.91
CA ILE F 226 14.89 20.19 -105.95
C ILE F 226 15.39 19.08 -105.03
N THR F 227 14.46 18.24 -104.57
CA THR F 227 14.76 17.19 -103.61
C THR F 227 15.62 16.05 -104.19
N ARG F 228 15.56 15.82 -105.49
CA ARG F 228 16.47 14.82 -106.07
C ARG F 228 17.90 15.30 -105.90
N ILE F 229 18.15 16.51 -106.38
CA ILE F 229 19.47 17.12 -106.32
C ILE F 229 19.97 17.20 -104.89
N VAL F 230 19.20 17.86 -104.02
CA VAL F 230 19.58 17.98 -102.61
C VAL F 230 19.85 16.60 -101.99
N ARG F 231 18.97 15.64 -102.27
CA ARG F 231 19.14 14.29 -101.75
C ARG F 231 20.51 13.74 -102.10
N ASP F 232 20.85 13.80 -103.38
CA ASP F 232 22.14 13.28 -103.85
C ASP F 232 23.31 14.02 -103.21
N TYR F 233 23.27 15.35 -103.27
CA TYR F 233 24.37 16.17 -102.78
C TYR F 233 24.61 16.01 -101.28
N ASP F 234 23.56 15.76 -100.51
CA ASP F 234 23.70 15.56 -99.07
C ASP F 234 24.60 14.38 -98.76
N VAL F 235 24.22 13.21 -99.23
CA VAL F 235 24.96 11.98 -98.98
C VAL F 235 26.33 12.02 -99.66
N TYR F 236 26.40 12.61 -100.85
CA TYR F 236 27.69 12.74 -101.52
C TYR F 236 28.67 13.58 -100.69
N ALA F 237 28.21 14.73 -100.24
CA ALA F 237 29.04 15.64 -99.44
C ALA F 237 29.46 15.00 -98.11
N ARG F 238 28.48 14.57 -97.33
CA ARG F 238 28.77 13.90 -96.07
C ARG F 238 29.75 12.76 -96.30
N ARG F 239 29.59 12.05 -97.41
CA ARG F 239 30.48 10.95 -97.74
C ARG F 239 31.90 11.47 -97.98
N ASN F 240 32.03 12.58 -98.70
CA ASN F 240 33.35 13.12 -99.00
C ASN F 240 33.94 13.90 -97.82
N LEU F 241 33.19 13.96 -96.71
CA LEU F 241 33.75 14.47 -95.47
C LEU F 241 34.61 13.42 -94.79
N GLN F 242 33.98 12.33 -94.35
CA GLN F 242 34.65 11.28 -93.59
C GLN F 242 35.90 10.78 -94.31
N ARG F 243 35.95 10.97 -95.63
CA ARG F 243 37.17 10.68 -96.36
C ARG F 243 38.28 11.64 -95.96
N THR F 246 38.83 7.21 -92.68
CA THR F 246 38.85 5.94 -91.92
C THR F 246 39.56 6.16 -90.58
N ALA F 247 40.70 6.82 -90.68
CA ALA F 247 41.54 7.13 -89.51
C ALA F 247 40.75 7.93 -88.49
N LYS F 248 40.08 8.95 -89.02
CA LYS F 248 39.25 9.86 -88.22
C LYS F 248 38.17 9.06 -87.46
N GLU F 249 37.53 8.18 -88.21
CA GLU F 249 36.46 7.31 -87.68
C GLU F 249 37.00 6.48 -86.52
N LEU F 250 38.16 5.90 -86.76
CA LEU F 250 38.85 5.05 -85.77
C LEU F 250 39.10 5.84 -84.48
N ASN F 251 39.60 7.04 -84.68
CA ASN F 251 39.92 7.96 -83.57
C ASN F 251 38.67 8.23 -82.75
N VAL F 252 37.59 8.51 -83.46
CA VAL F 252 36.28 8.80 -82.86
C VAL F 252 35.83 7.63 -81.99
N SER F 253 35.97 6.45 -82.57
CA SER F 253 35.60 5.19 -81.92
C SER F 253 36.37 5.02 -80.61
N PHE F 254 37.65 5.28 -80.71
CA PHE F 254 38.58 5.18 -79.57
C PHE F 254 38.13 6.12 -78.45
N ILE F 255 37.83 7.35 -78.89
CA ILE F 255 37.37 8.42 -78.00
C ILE F 255 36.11 7.98 -77.25
N ASN F 256 35.19 7.43 -78.03
CA ASN F 256 33.90 6.92 -77.51
C ASN F 256 34.14 5.87 -76.43
N GLU F 257 35.04 4.95 -76.76
CA GLU F 257 35.43 3.85 -75.86
C GLU F 257 35.95 4.41 -74.54
N LYS F 258 36.82 5.40 -74.69
CA LYS F 258 37.45 6.09 -73.55
C LYS F 258 36.38 6.72 -72.66
N LYS F 259 35.45 7.39 -73.33
CA LYS F 259 34.33 8.07 -72.67
C LYS F 259 33.51 7.07 -71.85
N TYR F 260 33.23 5.95 -72.49
CA TYR F 260 32.47 4.85 -71.90
C TYR F 260 33.15 4.36 -70.62
N HIS F 261 34.45 4.16 -70.75
CA HIS F 261 35.30 3.69 -69.66
C HIS F 261 35.22 4.65 -68.47
N LEU F 262 35.33 5.95 -68.83
CA LEU F 262 35.27 7.05 -67.87
C LEU F 262 33.94 7.01 -67.11
N GLN F 263 32.89 6.85 -67.89
CA GLN F 263 31.51 6.79 -67.37
C GLN F 263 31.39 5.65 -66.36
N GLU F 264 31.92 4.50 -66.76
CA GLU F 264 31.92 3.29 -65.94
C GLU F 264 32.61 3.55 -64.60
N ARG F 265 33.76 4.19 -64.71
CA ARG F 265 34.58 4.56 -63.56
C ARG F 265 33.79 5.46 -62.60
N VAL F 266 33.15 6.44 -63.21
CA VAL F 266 32.31 7.42 -62.48
C VAL F 266 31.21 6.70 -61.71
N ASP F 267 30.57 5.79 -62.41
CA ASP F 267 29.47 4.98 -61.85
C ASP F 267 29.96 4.20 -60.63
N LYS F 268 31.12 3.59 -60.80
CA LYS F 268 31.77 2.79 -59.74
C LYS F 268 32.01 3.66 -58.51
N VAL F 269 32.54 4.84 -58.76
CA VAL F 269 32.85 5.82 -57.72
C VAL F 269 31.58 6.17 -56.93
N LYS F 270 30.53 6.43 -57.70
CA LYS F 270 29.22 6.78 -57.14
C LYS F 270 28.72 5.67 -56.21
N LYS F 271 28.84 4.46 -56.70
CA LYS F 271 28.43 3.25 -55.97
C LYS F 271 29.17 3.16 -54.64
N LYS F 272 30.47 3.37 -54.73
CA LYS F 272 31.37 3.33 -53.57
C LYS F 272 30.92 4.35 -52.52
N VAL F 273 30.63 5.54 -53.01
CA VAL F 273 30.18 6.67 -52.18
C VAL F 273 28.89 6.28 -51.43
N LYS F 274 27.99 5.70 -52.20
CA LYS F 274 26.68 5.25 -51.68
C LYS F 274 26.89 4.24 -50.54
N ASP F 275 27.78 3.30 -50.81
CA ASP F 275 28.13 2.24 -49.86
C ASP F 275 28.65 2.85 -48.55
N VAL F 276 29.54 3.80 -48.72
CA VAL F 276 30.16 4.52 -47.60
C VAL F 276 29.08 5.20 -46.74
N GLU F 277 28.17 5.85 -47.44
CA GLU F 277 27.05 6.57 -46.82
C GLU F 277 26.22 5.60 -45.97
N GLU F 278 25.93 4.47 -46.58
CA GLU F 278 25.14 3.39 -45.96
C GLU F 278 25.81 2.94 -44.66
N LYS F 279 27.11 2.73 -44.77
CA LYS F 279 27.95 2.29 -43.65
C LYS F 279 27.86 3.28 -42.49
N SER F 280 27.98 4.55 -42.87
CA SER F 280 27.92 5.67 -41.92
C SER F 280 26.59 5.65 -41.18
N LYS F 281 25.53 5.48 -41.96
CA LYS F 281 24.15 5.43 -41.44
C LYS F 281 24.02 4.31 -40.41
N GLU F 282 24.56 3.16 -40.79
CA GLU F 282 24.54 1.95 -39.94
C GLU F 282 25.22 2.24 -38.60
N PHE F 283 26.38 2.86 -38.71
CA PHE F 283 27.20 3.23 -37.56
C PHE F 283 26.41 4.12 -36.61
N VAL F 284 25.76 5.11 -37.21
CA VAL F 284 24.93 6.08 -36.50
C VAL F 284 23.83 5.37 -35.71
N GLN F 285 23.18 4.46 -36.41
CA GLN F 285 22.09 3.65 -35.86
C GLN F 285 22.58 2.87 -34.63
N LYS F 286 23.74 2.26 -34.80
CA LYS F 286 24.38 1.46 -33.75
C LYS F 286 24.62 2.33 -32.51
N VAL F 287 25.16 3.50 -32.77
CA VAL F 287 25.47 4.48 -31.73
C VAL F 287 24.20 4.83 -30.94
N GLU F 288 23.15 5.09 -31.70
CA GLU F 288 21.84 5.45 -31.14
C GLU F 288 21.34 4.34 -30.22
N GLU F 289 21.46 3.12 -30.72
CA GLU F 289 21.05 1.91 -29.99
C GLU F 289 21.79 1.82 -28.65
N LYS F 290 23.10 2.05 -28.74
CA LYS F 290 23.99 2.01 -27.58
C LYS F 290 23.53 3.02 -26.52
N SER F 291 23.25 4.22 -27.02
CA SER F 291 22.80 5.33 -26.18
C SER F 291 21.52 4.95 -25.44
N ILE F 292 20.60 4.36 -26.20
CA ILE F 292 19.31 3.91 -25.69
C ILE F 292 19.52 2.91 -24.55
N ASP F 293 20.41 1.97 -24.82
CA ASP F 293 20.76 0.90 -23.86
C ASP F 293 21.27 1.52 -22.56
N LEU F 294 22.16 2.47 -22.72
CA LEU F 294 22.78 3.20 -21.61
C LEU F 294 21.70 3.87 -20.75
N ILE F 295 20.79 4.52 -21.44
CA ILE F 295 19.67 5.24 -20.82
C ILE F 295 18.84 4.26 -19.98
N TRP F 298 20.57 1.04 -15.55
CA TRP F 298 20.75 0.42 -14.22
C TRP F 298 20.10 -0.95 -14.22
N GLU F 299 18.93 -1.04 -14.85
CA GLU F 299 18.23 -2.30 -14.99
C GLU F 299 19.16 -3.32 -15.66
N GLU F 300 19.87 -2.86 -16.68
CA GLU F 300 20.83 -3.70 -17.38
C GLU F 300 22.11 -3.95 -16.57
N LYS F 301 22.71 -2.86 -16.08
CA LYS F 301 24.06 -2.90 -15.49
C LYS F 301 24.11 -3.28 -14.00
N SER F 302 22.96 -3.60 -13.41
CA SER F 302 22.94 -4.01 -12.01
C SER F 302 23.63 -5.35 -11.82
N ARG F 303 23.26 -6.31 -12.66
CA ARG F 303 23.86 -7.63 -12.65
C ARG F 303 25.38 -7.55 -12.69
N GLU F 304 25.90 -6.62 -13.48
CA GLU F 304 27.33 -6.41 -13.58
C GLU F 304 27.89 -5.64 -12.38
N PHE F 305 27.06 -4.75 -11.84
CA PHE F 305 27.46 -3.93 -10.70
C PHE F 305 27.71 -4.78 -9.45
N ILE F 306 26.80 -5.72 -9.19
CA ILE F 306 26.87 -6.53 -7.98
C ILE F 306 28.10 -7.45 -7.95
N GLY F 307 28.26 -8.26 -8.98
CA GLY F 307 29.40 -9.16 -9.05
C GLY F 307 30.70 -8.40 -8.90
N SER F 308 30.79 -7.27 -9.59
CA SER F 308 31.99 -6.43 -9.51
C SER F 308 32.21 -5.99 -8.07
N PHE F 309 31.13 -5.50 -7.45
CA PHE F 309 31.17 -5.08 -6.06
C PHE F 309 31.72 -6.18 -5.16
N LEU F 310 31.29 -7.41 -5.42
CA LEU F 310 31.71 -8.55 -4.61
C LEU F 310 33.10 -9.09 -4.97
N GLU F 311 33.64 -8.64 -6.11
CA GLU F 311 35.01 -8.98 -6.43
C GLU F 311 35.91 -8.42 -5.34
N MET F 312 35.56 -7.23 -4.88
CA MET F 312 36.29 -6.52 -3.84
C MET F 312 36.51 -7.37 -2.58
N PHE F 313 35.59 -8.29 -2.32
CA PHE F 313 35.65 -9.11 -1.10
C PHE F 313 36.41 -10.44 -1.27
N GLY F 314 37.05 -10.63 -2.43
CA GLY F 314 37.82 -11.82 -2.75
C GLY F 314 37.31 -12.73 -3.86
N PRO F 315 38.19 -13.66 -4.29
CA PRO F 315 38.26 -14.41 -5.57
C PRO F 315 36.92 -14.42 -6.31
N GLY G 60 37.58 -30.45 25.41
CA GLY G 60 36.59 -29.40 25.21
C GLY G 60 35.24 -29.94 24.75
N LEU G 61 34.73 -29.39 23.65
CA LEU G 61 33.48 -29.86 23.08
C LEU G 61 33.62 -30.20 21.59
N ARG G 62 33.50 -31.48 21.28
CA ARG G 62 33.62 -31.96 19.91
C ARG G 62 32.27 -31.97 19.19
N GLN G 63 31.18 -31.78 19.93
CA GLN G 63 29.83 -32.00 19.39
C GLN G 63 28.92 -30.78 19.48
N PRO G 64 28.06 -30.58 18.47
CA PRO G 64 27.09 -29.48 18.43
C PRO G 64 26.06 -29.60 19.53
N ALA G 65 25.14 -28.64 19.58
CA ALA G 65 24.12 -28.60 20.61
C ALA G 65 22.89 -29.37 20.14
N PRO G 66 22.32 -30.19 21.02
CA PRO G 66 21.08 -30.89 20.69
C PRO G 66 19.96 -29.89 20.37
N PHE G 67 18.94 -30.32 19.65
CA PHE G 67 17.69 -29.57 19.62
C PHE G 67 16.83 -30.11 20.76
N SER G 68 15.65 -29.52 20.93
CA SER G 68 14.74 -29.97 21.97
C SER G 68 14.14 -31.34 21.65
N ASP G 69 13.79 -31.56 20.39
CA ASP G 69 13.16 -32.81 19.96
C ASP G 69 14.15 -33.98 19.85
N GLU G 70 15.42 -33.65 19.69
CA GLU G 70 16.48 -34.66 19.76
C GLU G 70 16.54 -35.28 21.15
N ILE G 71 15.91 -34.62 22.13
CA ILE G 71 16.15 -34.91 23.54
C ILE G 71 14.99 -35.61 24.25
N GLU G 72 15.35 -36.57 25.10
CA GLU G 72 14.40 -37.26 25.97
C GLU G 72 14.12 -36.45 27.22
N VAL G 73 12.89 -36.54 27.72
CA VAL G 73 12.51 -35.83 28.93
C VAL G 73 11.57 -36.68 29.78
N ASP G 74 11.82 -36.71 31.10
CA ASP G 74 11.00 -37.49 32.03
C ASP G 74 9.86 -36.62 32.56
N PHE G 75 8.63 -37.00 32.23
CA PHE G 75 7.48 -36.25 32.69
C PHE G 75 6.90 -36.88 33.95
N SER G 76 7.52 -37.97 34.40
CA SER G 76 7.19 -38.57 35.68
C SER G 76 7.82 -37.70 36.75
N LYS G 77 8.60 -36.73 36.29
CA LYS G 77 9.08 -35.64 37.12
C LYS G 77 8.19 -34.43 36.87
N PRO G 78 7.46 -34.00 37.91
CA PRO G 78 6.54 -32.86 37.83
C PRO G 78 7.31 -31.57 37.56
N TYR G 79 6.61 -30.52 37.17
CA TYR G 79 7.28 -29.28 36.80
C TYR G 79 7.43 -28.42 38.03
N VAL G 80 8.67 -28.28 38.49
CA VAL G 80 8.96 -27.55 39.72
C VAL G 80 10.11 -26.59 39.50
N ARG G 81 9.83 -25.29 39.61
CA ARG G 81 10.87 -24.29 39.40
C ARG G 81 11.73 -24.12 40.64
N VAL G 82 12.67 -23.20 40.56
CA VAL G 82 13.65 -23.00 41.63
C VAL G 82 13.83 -21.50 41.89
N THR G 83 14.11 -21.15 43.14
CA THR G 83 14.27 -19.74 43.53
C THR G 83 15.61 -19.16 43.11
N MET G 84 15.65 -17.84 42.96
CA MET G 84 16.90 -17.13 42.74
C MET G 84 17.90 -17.57 43.79
N GLU G 85 17.46 -17.59 45.04
CA GLU G 85 18.32 -17.94 46.16
C GLU G 85 18.91 -19.35 46.01
N GLU G 86 18.08 -20.38 46.15
CA GLU G 86 18.58 -21.76 46.13
C GLU G 86 19.20 -22.14 44.79
N ALA G 87 18.98 -21.31 43.77
CA ALA G 87 19.65 -21.50 42.48
C ALA G 87 21.07 -20.96 42.57
N CYS G 88 21.20 -19.78 43.17
CA CYS G 88 22.49 -19.13 43.34
C CYS G 88 23.34 -19.81 44.41
N ARG G 89 22.70 -20.60 45.27
CA ARG G 89 23.45 -21.42 46.23
C ARG G 89 24.18 -22.49 45.42
N GLY G 90 23.70 -22.70 44.20
CA GLY G 90 24.24 -23.70 43.29
C GLY G 90 23.38 -24.95 43.33
N THR G 91 23.25 -25.60 42.17
CA THR G 91 22.30 -26.69 42.00
C THR G 91 22.97 -28.02 41.78
N PRO G 92 22.69 -29.00 42.66
CA PRO G 92 23.41 -30.27 42.59
C PRO G 92 23.43 -30.80 41.16
N CYS G 93 24.53 -31.43 40.76
CA CYS G 93 24.85 -31.62 39.34
C CYS G 93 23.66 -32.07 38.49
N GLU G 94 22.92 -33.05 39.00
CA GLU G 94 21.81 -33.64 38.24
C GLU G 94 20.56 -32.75 38.13
N ARG G 95 20.52 -31.65 38.89
CA ARG G 95 19.46 -30.65 38.74
C ARG G 95 20.06 -29.28 38.42
N PRO G 96 20.51 -29.10 37.18
CA PRO G 96 20.96 -27.74 36.82
C PRO G 96 19.77 -26.78 36.83
N VAL G 97 20.05 -25.48 36.94
CA VAL G 97 19.03 -24.49 36.71
C VAL G 97 18.81 -24.45 35.20
N ARG G 98 17.57 -24.30 34.76
CA ARG G 98 17.33 -24.28 33.32
C ARG G 98 16.88 -22.90 32.85
N VAL G 99 17.70 -22.27 31.99
CA VAL G 99 17.44 -20.90 31.56
C VAL G 99 17.11 -20.82 30.07
N TYR G 100 16.16 -19.96 29.74
CA TYR G 100 15.71 -19.79 28.35
C TYR G 100 16.05 -18.40 27.82
N ALA G 101 16.74 -18.35 26.68
CA ALA G 101 17.00 -17.10 25.98
C ALA G 101 16.53 -17.25 24.53
N ASP G 102 15.98 -16.17 23.96
CA ASP G 102 15.26 -16.25 22.70
C ASP G 102 15.64 -15.08 21.78
N GLY G 103 15.40 -15.23 20.48
CA GLY G 103 15.79 -14.22 19.51
C GLY G 103 15.90 -14.77 18.09
N ILE G 104 16.09 -13.86 17.15
CA ILE G 104 16.21 -14.21 15.74
C ILE G 104 17.59 -14.77 15.49
N PHE G 105 18.59 -14.11 16.06
CA PHE G 105 19.99 -14.46 15.86
C PHE G 105 20.35 -14.40 14.38
N ASP G 106 19.66 -13.53 13.66
CA ASP G 106 20.00 -13.22 12.27
C ASP G 106 21.45 -12.72 12.24
N LEU G 107 22.22 -13.16 11.24
CA LEU G 107 23.62 -12.78 11.14
C LEU G 107 24.35 -13.02 12.46
N PHE G 108 24.26 -14.26 12.96
CA PHE G 108 24.66 -14.56 14.34
C PHE G 108 26.02 -13.93 14.60
N HIS G 109 26.12 -13.19 15.70
CA HIS G 109 27.32 -12.40 15.98
C HIS G 109 27.73 -12.44 17.46
N SER G 110 28.70 -11.61 17.81
CA SER G 110 29.31 -11.65 19.15
C SER G 110 28.43 -11.04 20.24
N GLY G 111 27.56 -10.11 19.87
CA GLY G 111 26.61 -9.57 20.83
C GLY G 111 25.71 -10.68 21.31
N HIS G 112 25.17 -11.43 20.35
CA HIS G 112 24.40 -12.62 20.63
C HIS G 112 25.17 -13.55 21.56
N ALA G 113 26.39 -13.89 21.15
CA ALA G 113 27.18 -14.90 21.84
C ALA G 113 27.46 -14.53 23.28
N ARG G 114 27.83 -13.27 23.49
CA ARG G 114 28.10 -12.80 24.84
C ARG G 114 26.81 -12.77 25.66
N ALA G 115 25.71 -12.42 25.00
CA ALA G 115 24.39 -12.49 25.65
C ALA G 115 24.15 -13.91 26.18
N LEU G 116 24.46 -14.88 25.35
CA LEU G 116 24.36 -16.29 25.71
C LEU G 116 25.36 -16.66 26.80
N MET G 117 26.50 -15.98 26.85
CA MET G 117 27.51 -16.31 27.85
C MET G 117 27.00 -15.86 29.21
N GLN G 118 26.44 -14.65 29.23
CA GLN G 118 25.83 -14.13 30.44
C GLN G 118 24.76 -15.11 30.87
N ALA G 119 23.92 -15.47 29.90
CA ALA G 119 22.83 -16.40 30.15
C ALA G 119 23.35 -17.67 30.83
N LYS G 120 24.45 -18.20 30.30
CA LYS G 120 25.02 -19.44 30.79
C LYS G 120 25.60 -19.27 32.20
N ASN G 121 26.08 -18.07 32.49
CA ASN G 121 26.76 -17.81 33.76
C ASN G 121 25.90 -17.29 34.90
N LEU G 122 24.60 -17.12 34.65
CA LEU G 122 23.69 -16.59 35.66
C LEU G 122 23.72 -17.36 36.98
N PHE G 123 24.09 -18.64 36.93
CA PHE G 123 24.18 -19.46 38.13
C PHE G 123 25.38 -20.41 38.06
N PRO G 124 25.80 -20.94 39.23
CA PRO G 124 26.93 -21.88 39.30
C PRO G 124 26.68 -23.12 38.46
N ASN G 125 25.47 -23.67 38.53
CA ASN G 125 25.07 -24.78 37.68
C ASN G 125 23.88 -24.36 36.83
N THR G 126 24.07 -24.28 35.52
CA THR G 126 23.06 -23.71 34.64
C THR G 126 22.93 -24.48 33.33
N TYR G 127 21.70 -24.78 32.94
CA TYR G 127 21.43 -25.43 31.65
C TYR G 127 20.82 -24.44 30.68
N LEU G 128 21.50 -24.19 29.57
CA LEU G 128 21.06 -23.16 28.62
C LEU G 128 20.29 -23.72 27.43
N ILE G 129 19.01 -23.40 27.39
CA ILE G 129 18.14 -23.71 26.28
C ILE G 129 17.90 -22.39 25.53
N VAL G 130 18.05 -22.40 24.21
CA VAL G 130 17.88 -21.15 23.45
C VAL G 130 16.91 -21.27 22.28
N GLY G 131 15.78 -20.57 22.38
CA GLY G 131 14.79 -20.54 21.33
C GLY G 131 15.15 -19.66 20.14
N VAL G 132 14.94 -20.19 18.94
CA VAL G 132 15.20 -19.44 17.72
C VAL G 132 13.89 -19.29 16.94
N CYS G 133 13.40 -18.06 16.80
CA CYS G 133 12.12 -17.82 16.14
C CYS G 133 12.18 -18.07 14.64
N SER G 134 11.04 -18.46 14.08
CA SER G 134 10.92 -18.82 12.67
C SER G 134 10.93 -17.63 11.72
N ASP G 135 11.22 -17.91 10.45
CA ASP G 135 11.13 -16.91 9.39
C ASP G 135 9.73 -16.29 9.30
N GLU G 136 8.70 -17.10 9.51
CA GLU G 136 7.33 -16.61 9.40
C GLU G 136 6.97 -15.67 10.55
N LEU G 137 7.18 -16.15 11.78
CA LEU G 137 6.99 -15.32 12.96
C LEU G 137 7.77 -14.01 12.84
N THR G 138 9.05 -14.13 12.46
CA THR G 138 9.95 -12.98 12.40
C THR G 138 9.60 -11.97 11.30
N HIS G 139 9.32 -12.46 10.10
CA HIS G 139 8.89 -11.60 8.99
C HIS G 139 7.62 -10.88 9.41
N ASN G 140 6.74 -11.63 10.07
CA ASN G 140 5.50 -11.09 10.57
C ASN G 140 5.69 -9.94 11.56
N PHE G 141 6.21 -10.25 12.74
CA PHE G 141 6.23 -9.30 13.86
C PHE G 141 7.47 -8.40 13.94
N LYS G 142 8.46 -8.64 13.09
CA LYS G 142 9.71 -7.89 13.22
C LYS G 142 10.20 -7.24 11.92
N GLY G 143 10.61 -8.08 10.98
CA GLY G 143 11.12 -7.64 9.70
C GLY G 143 11.79 -8.81 9.03
N PHE G 144 12.52 -8.56 7.94
CA PHE G 144 13.15 -9.63 7.19
C PHE G 144 14.34 -10.22 7.94
N THR G 145 14.92 -11.25 7.35
CA THR G 145 16.17 -11.83 7.82
C THR G 145 16.99 -12.23 6.60
N VAL G 146 18.28 -11.91 6.62
CA VAL G 146 19.17 -12.33 5.54
C VAL G 146 19.50 -13.80 5.77
N MET G 147 19.55 -14.18 7.03
CA MET G 147 19.73 -15.58 7.41
C MET G 147 18.37 -16.27 7.42
N ASN G 148 18.32 -17.52 7.00
CA ASN G 148 17.07 -18.26 7.00
C ASN G 148 17.04 -19.23 8.21
N GLU G 149 15.84 -19.48 8.73
CA GLU G 149 15.67 -20.14 10.03
C GLU G 149 16.56 -21.35 10.26
N ASN G 150 16.74 -22.17 9.24
CA ASN G 150 17.65 -23.31 9.42
C ASN G 150 19.10 -22.85 9.65
N GLU G 151 19.54 -21.87 8.85
CA GLU G 151 20.87 -21.30 9.02
C GLU G 151 21.11 -20.82 10.45
N ARG G 152 20.10 -20.15 11.02
CA ARG G 152 20.22 -19.58 12.36
C ARG G 152 20.10 -20.66 13.44
N TYR G 153 19.37 -21.72 13.13
CA TYR G 153 19.31 -22.88 14.00
C TYR G 153 20.72 -23.42 14.14
N ASP G 154 21.40 -23.56 13.00
CA ASP G 154 22.75 -24.07 12.98
C ASP G 154 23.70 -23.13 13.73
N ALA G 155 23.61 -21.84 13.38
CA ALA G 155 24.39 -20.80 14.01
C ALA G 155 24.35 -20.99 15.52
N VAL G 156 23.15 -20.89 16.10
CA VAL G 156 23.01 -21.06 17.54
C VAL G 156 23.57 -22.40 18.02
N GLN G 157 23.38 -23.43 17.20
CA GLN G 157 23.88 -24.76 17.49
C GLN G 157 25.38 -24.77 17.75
N HIS G 158 26.11 -23.89 17.06
CA HIS G 158 27.57 -23.89 17.14
C HIS G 158 28.15 -22.93 18.19
N CYS G 159 27.27 -22.31 18.98
CA CYS G 159 27.69 -21.43 20.06
C CYS G 159 28.26 -22.24 21.22
N ARG G 160 29.13 -21.60 22.01
CA ARG G 160 29.91 -22.29 23.04
C ARG G 160 29.16 -22.50 24.37
N TYR G 161 28.29 -21.56 24.71
CA TYR G 161 27.63 -21.53 26.02
C TYR G 161 26.26 -22.22 25.96
N VAL G 162 25.92 -22.76 24.79
CA VAL G 162 24.59 -23.28 24.54
C VAL G 162 24.49 -24.81 24.64
N ASP G 163 23.71 -25.29 25.60
CA ASP G 163 23.48 -26.73 25.78
C ASP G 163 22.44 -27.31 24.83
N GLU G 164 21.33 -26.60 24.66
CA GLU G 164 20.23 -27.12 23.82
C GLU G 164 19.51 -26.01 23.06
N VAL G 165 19.19 -26.27 21.80
CA VAL G 165 18.51 -25.29 20.95
C VAL G 165 17.06 -25.67 20.71
N VAL G 166 16.17 -24.68 20.82
CA VAL G 166 14.75 -24.90 20.57
C VAL G 166 14.29 -24.20 19.29
N ARG G 167 14.02 -25.00 18.27
CA ARG G 167 13.57 -24.49 16.97
C ARG G 167 12.15 -23.96 17.03
N ASN G 168 11.80 -23.12 16.05
CA ASN G 168 10.44 -22.62 15.93
C ASN G 168 9.91 -22.13 17.28
N ALA G 169 10.50 -21.04 17.78
CA ALA G 169 10.17 -20.51 19.09
C ALA G 169 8.99 -19.54 19.03
N PRO G 170 8.25 -19.41 20.14
CA PRO G 170 7.11 -18.49 20.27
C PRO G 170 7.55 -17.03 20.43
N TRP G 171 6.75 -16.11 19.90
CA TRP G 171 7.03 -14.68 20.05
C TRP G 171 6.72 -14.27 21.47
N THR G 172 5.73 -14.93 22.06
CA THR G 172 5.37 -14.70 23.46
C THR G 172 5.38 -16.04 24.21
N LEU G 173 5.86 -16.03 25.46
CA LEU G 173 6.06 -17.27 26.21
C LEU G 173 4.89 -17.64 27.11
N THR G 174 4.50 -18.91 27.07
CA THR G 174 3.28 -19.37 27.70
C THR G 174 3.55 -20.30 28.87
N PRO G 175 2.61 -20.34 29.83
CA PRO G 175 2.69 -21.24 30.98
C PRO G 175 3.03 -22.66 30.55
N GLU G 176 2.40 -23.12 29.47
CA GLU G 176 2.62 -24.47 28.97
C GLU G 176 3.98 -24.63 28.30
N PHE G 177 4.43 -23.61 27.58
CA PHE G 177 5.75 -23.64 26.97
C PHE G 177 6.78 -23.76 28.10
N LEU G 178 6.66 -22.88 29.09
CA LEU G 178 7.51 -22.89 30.27
C LEU G 178 7.40 -24.20 31.02
N ALA G 179 6.26 -24.88 30.85
CA ALA G 179 6.03 -26.17 31.51
C ALA G 179 6.78 -27.32 30.84
N GLU G 180 6.63 -27.45 29.52
CA GLU G 180 7.17 -28.59 28.80
C GLU G 180 8.69 -28.54 28.71
N HIS G 181 9.24 -27.34 28.73
CA HIS G 181 10.68 -27.20 28.68
C HIS G 181 11.26 -27.06 30.08
N ARG G 182 10.37 -27.09 31.08
CA ARG G 182 10.76 -27.01 32.49
C ARG G 182 11.64 -25.79 32.79
N ILE G 183 11.29 -24.65 32.21
CA ILE G 183 12.15 -23.47 32.23
C ILE G 183 12.13 -22.75 33.59
N ASP G 184 13.31 -22.63 34.22
CA ASP G 184 13.45 -21.97 35.52
C ASP G 184 13.52 -20.45 35.42
N PHE G 185 14.26 -19.95 34.44
CA PHE G 185 14.40 -18.50 34.27
C PHE G 185 14.48 -18.13 32.80
N VAL G 186 14.54 -16.83 32.53
CA VAL G 186 14.53 -16.32 31.16
C VAL G 186 15.58 -15.22 31.04
N ALA G 187 16.49 -15.37 30.09
CA ALA G 187 17.55 -14.39 29.93
C ALA G 187 17.36 -13.56 28.66
N HIS G 188 17.22 -12.25 28.83
CA HIS G 188 17.18 -11.34 27.70
C HIS G 188 17.55 -9.94 28.20
N ASP G 189 17.69 -8.99 27.28
CA ASP G 189 18.04 -7.62 27.67
C ASP G 189 16.86 -6.99 28.40
N ASP G 190 17.09 -5.97 29.23
CA ASP G 190 16.00 -5.41 30.04
C ASP G 190 15.23 -4.29 29.35
N ILE G 191 15.53 -4.01 28.08
CA ILE G 191 14.71 -3.08 27.30
C ILE G 191 13.36 -3.73 26.98
N PRO G 192 12.25 -3.11 27.45
CA PRO G 192 10.94 -3.69 27.18
C PRO G 192 10.74 -3.94 25.69
N TYR G 193 10.25 -5.13 25.34
CA TYR G 193 10.16 -5.54 23.94
C TYR G 193 8.76 -5.27 23.39
N SER G 194 8.66 -4.33 22.46
CA SER G 194 7.36 -4.00 21.88
C SER G 194 7.18 -4.64 20.51
N SER G 195 6.33 -5.66 20.43
CA SER G 195 5.85 -6.17 19.16
C SER G 195 4.43 -6.64 19.39
N ALA G 196 3.76 -7.04 18.32
CA ALA G 196 2.33 -7.26 18.40
C ALA G 196 1.71 -5.99 18.97
N GLY G 197 0.75 -6.14 19.89
CA GLY G 197 0.16 -5.00 20.55
C GLY G 197 0.74 -4.83 21.94
N SER G 198 1.57 -5.79 22.34
CA SER G 198 2.22 -5.76 23.63
C SER G 198 3.26 -4.67 23.61
N ASP G 199 3.28 -3.81 24.62
CA ASP G 199 4.34 -2.83 24.70
C ASP G 199 5.57 -3.39 25.43
N ASP G 200 5.38 -4.51 26.14
CA ASP G 200 6.47 -5.42 26.49
C ASP G 200 5.98 -6.86 26.50
N VAL G 201 6.71 -7.77 25.86
CA VAL G 201 6.28 -9.16 25.80
C VAL G 201 6.88 -9.99 26.94
N TYR G 202 7.83 -9.41 27.66
CA TYR G 202 8.45 -10.08 28.80
C TYR G 202 7.86 -9.66 30.14
N LYS G 203 6.96 -8.68 30.13
CA LYS G 203 6.45 -8.10 31.37
C LYS G 203 5.84 -9.15 32.30
N HIS G 204 5.11 -10.12 31.72
CA HIS G 204 4.47 -11.16 32.52
C HIS G 204 5.48 -12.15 33.07
N ILE G 205 6.61 -12.28 32.37
CA ILE G 205 7.72 -13.09 32.84
C ILE G 205 8.47 -12.33 33.92
N LYS G 206 8.55 -11.01 33.76
CA LYS G 206 9.09 -10.14 34.79
C LYS G 206 8.33 -10.35 36.09
N GLU G 207 7.04 -10.03 36.04
CA GLU G 207 6.15 -10.08 37.18
C GLU G 207 6.23 -11.41 37.95
N ALA G 208 6.47 -12.51 37.25
CA ALA G 208 6.63 -13.80 37.91
C ALA G 208 7.95 -13.89 38.66
N GLY G 209 8.80 -12.88 38.47
CA GLY G 209 10.14 -12.88 39.02
C GLY G 209 11.01 -13.93 38.35
N MET G 210 10.56 -14.40 37.19
CA MET G 210 11.27 -15.44 36.46
C MET G 210 12.29 -14.89 35.48
N PHE G 211 12.45 -13.56 35.43
CA PHE G 211 13.29 -12.91 34.42
C PHE G 211 14.73 -12.66 34.89
N ALA G 212 15.71 -13.00 34.05
CA ALA G 212 17.10 -12.62 34.30
C ALA G 212 17.60 -11.71 33.18
N PRO G 213 17.82 -10.42 33.49
CA PRO G 213 18.29 -9.48 32.48
C PRO G 213 19.68 -9.82 31.98
N THR G 214 20.02 -9.36 30.78
CA THR G 214 21.39 -9.44 30.29
C THR G 214 21.77 -8.09 29.68
N GLN G 215 23.03 -7.98 29.23
CA GLN G 215 23.53 -6.71 28.73
C GLN G 215 23.87 -6.80 27.24
N ARG G 216 23.35 -5.85 26.45
CA ARG G 216 23.69 -5.78 25.03
C ARG G 216 25.18 -5.47 24.88
N THR G 217 25.84 -6.10 23.93
CA THR G 217 27.21 -5.73 23.62
C THR G 217 27.18 -4.40 22.83
N GLU G 218 28.34 -3.86 22.48
CA GLU G 218 28.39 -2.52 21.94
C GLU G 218 29.08 -2.45 20.57
N GLY G 219 28.56 -1.57 19.71
CA GLY G 219 29.14 -1.36 18.39
C GLY G 219 28.87 -2.49 17.42
N ILE G 220 28.21 -3.54 17.91
CA ILE G 220 27.79 -4.64 17.05
C ILE G 220 26.30 -4.89 17.18
N SER G 221 25.69 -5.23 16.05
CA SER G 221 24.32 -5.73 16.02
C SER G 221 24.01 -5.99 14.56
N THR G 222 23.02 -6.84 14.32
CA THR G 222 22.77 -7.35 12.97
C THR G 222 22.54 -6.23 11.96
N SER G 223 22.06 -5.09 12.44
CA SER G 223 21.79 -3.96 11.56
C SER G 223 23.07 -3.30 11.04
N ASP G 224 24.09 -3.20 11.89
CA ASP G 224 25.34 -2.58 11.48
C ASP G 224 25.99 -3.34 10.34
N ILE G 225 26.11 -4.65 10.53
CA ILE G 225 26.68 -5.52 9.52
C ILE G 225 25.99 -5.28 8.18
N ILE G 226 24.70 -5.03 8.23
CA ILE G 226 23.95 -4.72 7.02
C ILE G 226 24.41 -3.39 6.47
N THR G 227 24.39 -2.38 7.35
CA THR G 227 24.64 -1.00 6.99
C THR G 227 26.01 -0.76 6.33
N ARG G 228 27.07 -1.40 6.82
CA ARG G 228 28.38 -1.23 6.20
C ARG G 228 28.33 -1.62 4.72
N ILE G 229 28.02 -2.89 4.47
CA ILE G 229 27.85 -3.41 3.12
C ILE G 229 26.94 -2.51 2.26
N VAL G 230 25.76 -2.20 2.79
CA VAL G 230 24.83 -1.29 2.14
C VAL G 230 25.54 -0.03 1.65
N ARG G 231 26.08 0.74 2.58
CA ARG G 231 26.80 1.97 2.27
C ARG G 231 27.78 1.76 1.14
N ASP G 232 28.76 0.90 1.40
CA ASP G 232 29.82 0.63 0.42
C ASP G 232 29.26 0.37 -0.98
N TYR G 233 28.20 -0.44 -1.05
CA TYR G 233 27.61 -0.78 -2.34
C TYR G 233 26.83 0.38 -2.97
N ASP G 234 26.32 1.27 -2.12
CA ASP G 234 25.57 2.42 -2.62
C ASP G 234 26.55 3.36 -3.30
N VAL G 235 27.63 3.69 -2.58
CA VAL G 235 28.65 4.58 -3.12
C VAL G 235 29.38 3.96 -4.31
N TYR G 236 29.61 2.65 -4.25
CA TYR G 236 30.31 1.96 -5.34
C TYR G 236 29.44 1.92 -6.59
N ALA G 237 28.17 1.54 -6.40
CA ALA G 237 27.22 1.51 -7.49
C ALA G 237 27.17 2.87 -8.14
N ARG G 238 26.70 3.87 -7.39
CA ARG G 238 26.61 5.22 -7.92
C ARG G 238 27.90 5.67 -8.62
N ARG G 239 29.04 5.35 -8.02
CA ARG G 239 30.31 5.77 -8.62
C ARG G 239 30.50 5.16 -10.00
N ASN G 240 30.24 3.86 -10.12
CA ASN G 240 30.42 3.18 -11.39
C ASN G 240 29.46 3.81 -12.40
N LEU G 241 28.23 3.96 -11.98
CA LEU G 241 27.21 4.19 -12.92
C LEU G 241 27.61 5.60 -13.63
N GLN G 242 27.75 6.63 -12.80
CA GLN G 242 27.99 7.99 -13.25
C GLN G 242 29.33 8.11 -13.98
N ARG G 243 30.34 7.42 -13.48
CA ARG G 243 31.61 7.31 -14.20
C ARG G 243 31.45 6.61 -15.53
N GLY G 244 30.66 5.53 -15.54
CA GLY G 244 30.35 4.83 -16.77
C GLY G 244 29.58 5.69 -17.76
N TYR G 245 28.63 6.47 -17.23
CA TYR G 245 27.87 7.41 -18.05
C TYR G 245 28.81 8.46 -18.63
N THR G 246 29.78 8.91 -17.83
CA THR G 246 30.78 9.86 -18.29
C THR G 246 31.63 9.28 -19.42
N ALA G 247 31.97 7.99 -19.28
CA ALA G 247 32.70 7.30 -20.34
C ALA G 247 31.88 7.22 -21.62
N LYS G 248 30.58 6.97 -21.47
CA LYS G 248 29.68 6.96 -22.62
C LYS G 248 29.63 8.32 -23.29
N GLU G 249 29.62 9.37 -22.47
CA GLU G 249 29.63 10.74 -22.97
C GLU G 249 30.91 11.02 -23.74
N LEU G 250 32.03 10.52 -23.21
CA LEU G 250 33.32 10.65 -23.89
C LEU G 250 33.31 9.95 -25.24
N ASN G 251 32.67 8.78 -25.27
CA ASN G 251 32.51 8.04 -26.52
C ASN G 251 31.67 8.82 -27.53
N VAL G 252 30.62 9.47 -27.06
CA VAL G 252 29.81 10.34 -27.92
C VAL G 252 30.64 11.50 -28.44
N SER G 253 31.47 12.06 -27.57
CA SER G 253 32.42 13.10 -27.94
C SER G 253 33.44 12.58 -28.94
N PHE G 254 33.91 11.35 -28.74
CA PHE G 254 34.70 10.69 -29.76
C PHE G 254 33.84 10.38 -31.00
N ILE G 255 32.62 9.93 -30.73
CA ILE G 255 31.64 9.65 -31.78
C ILE G 255 31.24 10.89 -32.56
N ASN G 256 31.07 12.01 -31.87
CA ASN G 256 30.77 13.26 -32.57
C ASN G 256 31.90 13.68 -33.50
N GLU G 257 33.14 13.52 -33.04
CA GLU G 257 34.31 13.84 -33.84
C GLU G 257 34.38 12.96 -35.08
N LYS G 258 34.05 11.68 -34.91
CA LYS G 258 33.99 10.75 -36.04
C LYS G 258 32.94 11.18 -37.04
N LYS G 259 31.80 11.64 -36.54
CA LYS G 259 30.74 12.16 -37.40
C LYS G 259 31.21 13.39 -38.18
N TYR G 260 31.95 14.26 -37.52
CA TYR G 260 32.43 15.49 -38.14
C TYR G 260 33.36 15.20 -39.32
N HIS G 261 34.22 14.21 -39.15
CA HIS G 261 35.30 13.95 -40.08
C HIS G 261 34.85 13.14 -41.26
N LEU G 262 34.03 12.12 -40.98
CA LEU G 262 33.54 11.25 -42.03
C LEU G 262 32.72 12.08 -43.03
N GLN G 263 31.91 12.98 -42.48
CA GLN G 263 31.08 13.84 -43.33
C GLN G 263 31.95 14.73 -44.23
N GLU G 264 33.02 15.26 -43.64
CA GLU G 264 33.97 16.11 -44.34
C GLU G 264 34.59 15.36 -45.51
N ARG G 265 35.01 14.15 -45.21
CA ARG G 265 35.64 13.25 -46.19
C ARG G 265 34.70 13.02 -47.38
N VAL G 266 33.46 12.73 -47.03
CA VAL G 266 32.38 12.48 -48.01
C VAL G 266 32.23 13.69 -48.94
N ASP G 267 32.19 14.85 -48.31
CA ASP G 267 32.05 16.14 -49.01
C ASP G 267 33.18 16.31 -50.02
N LYS G 268 34.38 16.04 -49.53
CA LYS G 268 35.61 16.15 -50.33
C LYS G 268 35.51 15.24 -51.57
N VAL G 269 35.07 14.03 -51.31
CA VAL G 269 34.91 13.00 -52.35
C VAL G 269 33.94 13.50 -53.43
N LYS G 270 32.84 14.05 -52.95
CA LYS G 270 31.78 14.61 -53.82
C LYS G 270 32.35 15.69 -54.73
N LYS G 271 33.11 16.57 -54.09
CA LYS G 271 33.76 17.70 -54.78
C LYS G 271 34.66 17.19 -55.89
N LYS G 272 35.45 16.18 -55.54
CA LYS G 272 36.39 15.54 -56.47
C LYS G 272 35.65 15.00 -57.69
N VAL G 273 34.55 14.32 -57.38
CA VAL G 273 33.69 13.70 -58.41
C VAL G 273 33.18 14.78 -59.38
N LYS G 274 32.73 15.86 -58.78
CA LYS G 274 32.19 17.02 -59.53
C LYS G 274 33.25 17.57 -60.49
N ASP G 275 34.45 17.71 -59.94
CA ASP G 275 35.61 18.21 -60.68
C ASP G 275 35.88 17.33 -61.90
N VAL G 276 35.87 16.04 -61.63
CA VAL G 276 36.11 15.00 -62.64
C VAL G 276 35.09 15.15 -63.78
N GLU G 277 33.84 15.29 -63.37
CA GLU G 277 32.70 15.44 -64.30
C GLU G 277 32.93 16.64 -65.20
N GLU G 278 33.31 17.74 -64.56
CA GLU G 278 33.58 19.01 -65.24
C GLU G 278 34.66 18.82 -66.31
N LYS G 279 35.71 18.15 -65.89
CA LYS G 279 36.87 17.85 -66.75
C LYS G 279 36.42 17.08 -67.99
N SER G 280 35.60 16.07 -67.73
CA SER G 280 35.05 15.19 -68.76
C SER G 280 34.26 16.03 -69.79
N LYS G 281 33.43 16.90 -69.25
CA LYS G 281 32.58 17.79 -70.04
C LYS G 281 33.45 18.65 -70.97
N GLU G 282 34.49 19.20 -70.37
CA GLU G 282 35.45 20.07 -71.07
C GLU G 282 36.07 19.31 -72.25
N PHE G 283 36.48 18.09 -71.94
CA PHE G 283 37.12 17.19 -72.92
C PHE G 283 36.17 16.96 -74.11
N VAL G 284 34.92 16.68 -73.76
CA VAL G 284 33.86 16.43 -74.74
C VAL G 284 33.70 17.64 -75.67
N GLN G 285 33.66 18.80 -75.04
CA GLN G 285 33.52 20.08 -75.75
C GLN G 285 34.66 20.27 -76.75
N LYS G 286 35.86 19.98 -76.27
CA LYS G 286 37.08 20.09 -77.06
C LYS G 286 36.99 19.20 -78.30
N VAL G 287 36.55 17.97 -78.05
CA VAL G 287 36.37 16.95 -79.08
C VAL G 287 35.41 17.45 -80.16
N GLU G 288 34.31 18.00 -79.68
CA GLU G 288 33.25 18.55 -80.54
C GLU G 288 33.83 19.64 -81.45
N GLU G 289 34.59 20.52 -80.82
CA GLU G 289 35.24 21.65 -81.51
C GLU G 289 36.14 21.13 -82.63
N LYS G 290 36.92 20.14 -82.27
CA LYS G 290 37.87 19.49 -83.20
C LYS G 290 37.12 18.94 -84.42
N SER G 291 36.03 18.26 -84.12
CA SER G 291 35.16 17.65 -85.14
C SER G 291 34.65 18.73 -86.11
N ILE G 292 34.19 19.81 -85.51
CA ILE G 292 33.66 20.97 -86.26
C ILE G 292 34.73 21.51 -87.22
N ASP G 293 35.91 21.66 -86.67
CA ASP G 293 37.09 22.17 -87.41
C ASP G 293 37.36 21.28 -88.62
N LEU G 294 37.35 19.98 -88.36
CA LEU G 294 37.58 18.95 -89.38
C LEU G 294 36.57 19.09 -90.51
N TRP G 298 35.76 23.05 -92.77
CA TRP G 298 35.41 22.44 -94.05
C TRP G 298 35.51 23.27 -95.34
N GLU G 299 35.71 24.58 -95.25
CA GLU G 299 35.46 25.45 -96.42
C GLU G 299 36.32 25.14 -97.67
N GLU G 300 37.64 25.21 -97.52
CA GLU G 300 38.53 24.98 -98.67
C GLU G 300 38.21 23.66 -99.36
N LYS G 301 38.15 22.59 -98.57
CA LYS G 301 37.79 21.27 -99.08
C LYS G 301 36.33 21.28 -99.55
N SER G 302 35.59 22.33 -99.20
CA SER G 302 34.25 22.53 -99.71
C SER G 302 34.32 22.97 -101.15
N ARG G 303 35.13 24.01 -101.39
CA ARG G 303 35.27 24.53 -102.74
C ARG G 303 35.85 23.42 -103.59
N GLU G 304 36.55 22.50 -102.93
CA GLU G 304 37.03 21.30 -103.61
C GLU G 304 35.85 20.41 -103.96
N PHE G 305 35.04 20.14 -102.93
CA PHE G 305 33.86 19.28 -103.02
C PHE G 305 32.94 19.65 -104.18
N ILE G 306 32.31 20.81 -104.10
CA ILE G 306 31.29 21.15 -105.08
C ILE G 306 31.78 20.89 -106.50
N GLY G 307 32.96 21.39 -106.82
CA GLY G 307 33.55 21.17 -108.13
C GLY G 307 33.66 19.70 -108.45
N SER G 308 34.26 18.94 -107.52
CA SER G 308 34.36 17.49 -107.68
C SER G 308 33.01 16.86 -108.03
N PHE G 309 31.96 17.31 -107.36
CA PHE G 309 30.62 16.78 -107.54
C PHE G 309 30.05 17.13 -108.92
N LEU G 310 30.36 18.34 -109.41
CA LEU G 310 29.91 18.72 -110.74
C LEU G 310 30.75 18.10 -111.85
N GLU G 311 31.90 17.54 -111.48
CA GLU G 311 32.71 16.78 -112.42
C GLU G 311 31.92 15.59 -112.97
N MET G 312 31.15 14.95 -112.09
CA MET G 312 30.42 13.74 -112.40
C MET G 312 29.37 13.87 -113.51
N PHE G 313 28.81 15.07 -113.68
CA PHE G 313 27.78 15.27 -114.69
C PHE G 313 28.40 15.71 -116.02
N GLY G 314 29.69 16.03 -115.96
CA GLY G 314 30.45 16.44 -117.12
C GLY G 314 31.51 17.45 -116.76
N PRO G 315 32.20 18.01 -117.77
CA PRO G 315 33.15 19.10 -117.55
C PRO G 315 32.46 20.42 -117.19
N GLY H 60 29.34 -29.51 28.98
CA GLY H 60 29.31 -28.26 28.23
C GLY H 60 30.51 -27.38 28.54
N LEU H 61 30.60 -26.24 27.86
CA LEU H 61 31.70 -25.30 28.09
C LEU H 61 31.22 -23.89 28.45
N ARG H 62 31.69 -23.42 29.61
CA ARG H 62 31.38 -22.09 30.11
C ARG H 62 32.26 -20.98 29.50
N GLN H 63 33.54 -21.28 29.30
CA GLN H 63 34.50 -20.25 28.89
C GLN H 63 35.06 -20.48 27.48
N PRO H 64 35.45 -19.37 26.81
CA PRO H 64 35.96 -19.35 25.43
C PRO H 64 37.28 -20.08 25.26
N ALA H 65 37.78 -20.14 24.01
CA ALA H 65 39.00 -20.86 23.71
C ALA H 65 40.22 -19.99 23.93
N PRO H 66 41.20 -20.53 24.68
CA PRO H 66 42.45 -19.82 24.97
C PRO H 66 43.14 -19.36 23.69
N PHE H 67 43.59 -18.11 23.67
CA PHE H 67 44.49 -17.67 22.61
C PHE H 67 45.82 -18.39 22.78
N SER H 68 46.61 -18.44 21.71
CA SER H 68 47.90 -19.08 21.76
C SER H 68 48.74 -18.61 22.96
N ASP H 69 48.72 -17.30 23.19
CA ASP H 69 49.55 -16.64 24.21
C ASP H 69 49.26 -17.07 25.66
N GLU H 70 47.99 -17.21 26.01
CA GLU H 70 47.58 -17.50 27.40
C GLU H 70 48.20 -18.76 28.04
N ILE H 71 48.71 -19.66 27.22
CA ILE H 71 49.07 -20.99 27.71
C ILE H 71 50.56 -21.22 27.99
N GLU H 72 50.85 -21.94 29.07
CA GLU H 72 52.21 -22.34 29.38
C GLU H 72 52.61 -23.42 28.39
N VAL H 73 53.83 -23.32 27.88
CA VAL H 73 54.33 -24.33 26.96
C VAL H 73 55.75 -24.70 27.40
N ASP H 74 56.09 -25.98 27.31
CA ASP H 74 57.33 -26.50 27.88
C ASP H 74 58.33 -27.02 26.84
N PHE H 75 59.57 -26.53 26.93
CA PHE H 75 60.62 -26.93 26.01
C PHE H 75 61.55 -28.01 26.60
N SER H 76 61.26 -28.40 27.84
CA SER H 76 61.82 -29.62 28.43
C SER H 76 61.12 -30.79 27.76
N LYS H 77 60.12 -30.47 26.95
CA LYS H 77 59.53 -31.43 26.02
C LYS H 77 59.93 -31.09 24.58
N PRO H 78 60.77 -31.95 23.98
CA PRO H 78 61.24 -31.82 22.59
C PRO H 78 60.09 -31.88 21.61
N TYR H 79 60.32 -31.40 20.38
CA TYR H 79 59.27 -31.44 19.38
C TYR H 79 59.15 -32.84 18.80
N VAL H 80 58.00 -33.48 19.00
CA VAL H 80 57.76 -34.79 18.38
C VAL H 80 56.36 -34.94 17.82
N ARG H 81 56.29 -35.11 16.49
CA ARG H 81 55.02 -35.37 15.82
C ARG H 81 54.67 -36.86 15.98
N VAL H 82 53.39 -37.19 15.87
CA VAL H 82 52.98 -38.59 15.81
C VAL H 82 52.69 -38.94 14.35
N THR H 83 52.37 -40.19 14.08
CA THR H 83 52.01 -40.62 12.73
C THR H 83 50.56 -41.13 12.73
N MET H 84 49.95 -41.14 11.54
CA MET H 84 48.54 -41.48 11.38
C MET H 84 48.13 -42.71 12.18
N GLU H 85 48.97 -43.74 12.17
CA GLU H 85 48.66 -44.97 12.88
C GLU H 85 48.51 -44.79 14.40
N GLU H 86 49.54 -44.29 15.07
CA GLU H 86 49.45 -44.15 16.54
C GLU H 86 48.62 -42.94 16.96
N ALA H 87 48.27 -42.09 16.00
CA ALA H 87 47.36 -40.98 16.29
C ALA H 87 45.94 -41.50 16.27
N CYS H 88 45.67 -42.40 15.34
CA CYS H 88 44.35 -42.99 15.16
C CYS H 88 44.08 -44.07 16.19
N ARG H 89 45.12 -44.71 16.70
CA ARG H 89 44.95 -45.57 17.87
C ARG H 89 44.47 -44.67 19.01
N GLY H 90 44.82 -43.40 18.91
CA GLY H 90 44.39 -42.38 19.86
C GLY H 90 45.46 -42.19 20.92
N THR H 91 45.64 -40.94 21.33
CA THR H 91 46.73 -40.58 22.23
C THR H 91 46.32 -40.57 23.71
N PRO H 92 47.30 -40.72 24.61
CA PRO H 92 47.05 -40.57 26.04
C PRO H 92 46.42 -39.21 26.34
N CYS H 93 45.68 -39.12 27.43
CA CYS H 93 44.97 -37.89 27.78
C CYS H 93 45.93 -36.73 28.07
N GLU H 94 47.14 -37.04 28.54
CA GLU H 94 48.13 -36.02 28.82
C GLU H 94 48.71 -35.47 27.51
N ARG H 95 48.79 -36.34 26.52
CA ARG H 95 49.37 -36.02 25.21
C ARG H 95 48.36 -36.25 24.11
N PRO H 96 47.49 -35.25 23.88
CA PRO H 96 46.56 -35.32 22.75
C PRO H 96 47.30 -35.16 21.41
N VAL H 97 46.64 -35.54 20.32
CA VAL H 97 47.16 -35.19 19.00
C VAL H 97 46.87 -33.72 18.76
N ARG H 98 47.84 -32.99 18.21
CA ARG H 98 47.64 -31.56 18.00
C ARG H 98 47.50 -31.20 16.53
N VAL H 99 46.39 -30.55 16.19
CA VAL H 99 46.07 -30.27 14.80
C VAL H 99 45.83 -28.78 14.56
N TYR H 100 46.27 -28.30 13.40
CA TYR H 100 46.18 -26.88 13.06
C TYR H 100 45.34 -26.66 11.80
N ALA H 101 44.24 -25.94 11.96
CA ALA H 101 43.41 -25.49 10.84
C ALA H 101 43.57 -23.97 10.73
N ASP H 102 43.51 -23.44 9.51
CA ASP H 102 43.79 -22.02 9.28
C ASP H 102 42.89 -21.40 8.20
N GLY H 103 42.82 -20.08 8.16
CA GLY H 103 41.90 -19.40 7.23
C GLY H 103 41.46 -18.03 7.72
N ILE H 104 40.65 -17.36 6.90
CA ILE H 104 40.21 -15.99 7.15
C ILE H 104 39.05 -15.97 8.16
N PHE H 105 38.15 -16.94 8.02
CA PHE H 105 36.99 -17.06 8.88
C PHE H 105 36.16 -15.79 8.90
N ASP H 106 36.14 -15.09 7.77
CA ASP H 106 35.30 -13.92 7.62
C ASP H 106 33.83 -14.37 7.63
N LEU H 107 32.96 -13.54 8.22
CA LEU H 107 31.54 -13.89 8.33
C LEU H 107 31.36 -15.31 8.86
N PHE H 108 31.94 -15.58 10.04
CA PHE H 108 32.06 -16.94 10.53
C PHE H 108 30.73 -17.67 10.39
N HIS H 109 30.77 -18.85 9.76
CA HIS H 109 29.55 -19.59 9.44
C HIS H 109 29.70 -21.11 9.54
N SER H 110 28.61 -21.82 9.24
CA SER H 110 28.53 -23.27 9.42
C SER H 110 29.62 -24.06 8.69
N GLY H 111 29.95 -23.66 7.46
CA GLY H 111 30.97 -24.35 6.69
C GLY H 111 32.30 -24.40 7.44
N HIS H 112 32.73 -23.22 7.89
CA HIS H 112 33.90 -23.09 8.74
C HIS H 112 33.79 -24.05 9.92
N ALA H 113 32.62 -23.99 10.57
CA ALA H 113 32.43 -24.61 11.88
C ALA H 113 32.51 -26.12 11.83
N ARG H 114 31.86 -26.71 10.83
CA ARG H 114 31.94 -28.15 10.64
C ARG H 114 33.22 -28.56 9.92
N ALA H 115 33.92 -27.60 9.33
CA ALA H 115 35.27 -27.87 8.84
C ALA H 115 36.14 -28.12 10.06
N LEU H 116 36.04 -27.22 11.02
CA LEU H 116 36.72 -27.37 12.30
C LEU H 116 36.18 -28.56 13.10
N MET H 117 34.94 -28.97 12.83
CA MET H 117 34.41 -30.15 13.51
C MET H 117 35.06 -31.39 12.96
N GLN H 118 35.09 -31.45 11.63
CA GLN H 118 35.78 -32.51 10.93
C GLN H 118 37.15 -32.60 11.56
N ALA H 119 37.84 -31.46 11.57
CA ALA H 119 39.22 -31.40 12.05
C ALA H 119 39.36 -31.86 13.50
N LYS H 120 38.39 -31.51 14.34
CA LYS H 120 38.43 -31.85 15.76
C LYS H 120 38.27 -33.35 15.94
N ASN H 121 37.54 -33.94 15.00
CA ASN H 121 37.22 -35.37 15.06
C ASN H 121 38.20 -36.30 14.35
N LEU H 122 39.22 -35.74 13.71
CA LEU H 122 40.18 -36.54 12.95
C LEU H 122 40.73 -37.72 13.76
N PHE H 123 40.95 -37.51 15.05
CA PHE H 123 41.51 -38.54 15.90
C PHE H 123 40.76 -38.68 17.22
N PRO H 124 40.83 -39.87 17.84
CA PRO H 124 40.15 -40.15 19.11
C PRO H 124 40.45 -39.10 20.18
N ASN H 125 41.73 -38.77 20.35
CA ASN H 125 42.12 -37.66 21.22
C ASN H 125 42.77 -36.59 20.38
N THR H 126 42.24 -35.37 20.45
CA THR H 126 42.71 -34.32 19.57
C THR H 126 42.67 -32.96 20.27
N TYR H 127 43.64 -32.12 19.92
CA TYR H 127 43.68 -30.74 20.40
C TYR H 127 43.66 -29.84 19.18
N LEU H 128 42.64 -29.00 19.08
CA LEU H 128 42.48 -28.17 17.89
C LEU H 128 42.96 -26.73 18.09
N ILE H 129 44.00 -26.37 17.34
CA ILE H 129 44.50 -25.01 17.29
C ILE H 129 44.10 -24.46 15.92
N VAL H 130 43.59 -23.23 15.89
CA VAL H 130 43.12 -22.67 14.64
C VAL H 130 43.78 -21.34 14.35
N GLY H 131 44.63 -21.32 13.31
CA GLY H 131 45.22 -20.08 12.84
C GLY H 131 44.25 -19.18 12.11
N VAL H 132 44.14 -17.94 12.55
CA VAL H 132 43.35 -16.95 11.85
C VAL H 132 44.29 -15.87 11.31
N CYS H 133 44.20 -15.56 10.02
CA CYS H 133 45.09 -14.60 9.39
C CYS H 133 44.73 -13.16 9.72
N SER H 134 45.73 -12.29 9.67
CA SER H 134 45.54 -10.87 9.91
C SER H 134 44.79 -10.20 8.77
N ASP H 135 44.20 -9.04 9.05
CA ASP H 135 43.61 -8.22 8.00
C ASP H 135 44.67 -7.89 6.93
N GLU H 136 45.83 -7.42 7.37
CA GLU H 136 46.87 -6.97 6.44
C GLU H 136 47.20 -8.04 5.41
N LEU H 137 47.60 -9.21 5.91
CA LEU H 137 47.96 -10.33 5.06
C LEU H 137 46.81 -10.69 4.11
N THR H 138 45.60 -10.70 4.66
CA THR H 138 44.41 -11.13 3.93
C THR H 138 44.04 -10.17 2.80
N HIS H 139 44.28 -8.87 3.00
CA HIS H 139 43.99 -7.89 1.97
C HIS H 139 45.10 -7.95 0.92
N ASN H 140 46.31 -8.23 1.37
CA ASN H 140 47.44 -8.45 0.46
C ASN H 140 47.14 -9.57 -0.54
N PHE H 141 47.04 -10.79 -0.02
CA PHE H 141 46.98 -11.99 -0.85
C PHE H 141 45.59 -12.42 -1.33
N LYS H 142 44.53 -11.88 -0.74
CA LYS H 142 43.20 -12.42 -1.00
C LYS H 142 42.14 -11.42 -1.45
N GLY H 143 41.81 -10.50 -0.56
CA GLY H 143 40.80 -9.50 -0.82
C GLY H 143 40.31 -8.96 0.51
N PHE H 144 39.20 -8.24 0.49
CA PHE H 144 38.69 -7.61 1.71
C PHE H 144 37.99 -8.58 2.65
N THR H 145 38.08 -8.30 3.95
CA THR H 145 37.21 -8.94 4.92
C THR H 145 36.12 -7.95 5.29
N VAL H 146 34.89 -8.42 5.45
CA VAL H 146 33.84 -7.55 5.93
C VAL H 146 34.03 -7.32 7.43
N MET H 147 34.56 -8.34 8.10
CA MET H 147 34.86 -8.27 9.52
C MET H 147 36.36 -8.24 9.72
N ASN H 148 36.84 -7.33 10.57
CA ASN H 148 38.28 -7.24 10.80
C ASN H 148 38.77 -8.35 11.73
N GLU H 149 40.10 -8.41 11.93
CA GLU H 149 40.73 -9.53 12.61
C GLU H 149 40.23 -9.80 14.04
N ASN H 150 39.97 -8.75 14.81
CA ASN H 150 39.49 -8.95 16.17
C ASN H 150 38.13 -9.67 16.24
N GLU H 151 37.16 -9.16 15.48
CA GLU H 151 35.84 -9.78 15.37
C GLU H 151 35.98 -11.26 15.03
N ARG H 152 36.93 -11.58 14.15
CA ARG H 152 37.12 -12.95 13.70
C ARG H 152 37.81 -13.80 14.77
N TYR H 153 38.74 -13.21 15.50
CA TYR H 153 39.35 -13.89 16.64
C TYR H 153 38.29 -14.27 17.66
N ASP H 154 37.43 -13.31 17.99
CA ASP H 154 36.33 -13.56 18.92
C ASP H 154 35.47 -14.69 18.36
N ALA H 155 35.07 -14.50 17.10
CA ALA H 155 34.24 -15.45 16.36
C ALA H 155 34.74 -16.87 16.54
N VAL H 156 35.95 -17.12 16.04
CA VAL H 156 36.57 -18.45 16.12
C VAL H 156 36.72 -18.92 17.56
N GLN H 157 37.00 -18.00 18.47
CA GLN H 157 37.10 -18.31 19.90
C GLN H 157 35.81 -18.95 20.38
N HIS H 158 34.69 -18.50 19.82
CA HIS H 158 33.38 -18.93 20.30
C HIS H 158 32.88 -20.25 19.68
N CYS H 159 33.67 -20.83 18.78
CA CYS H 159 33.31 -22.10 18.14
C CYS H 159 33.38 -23.28 19.13
N ARG H 160 32.61 -24.33 18.85
CA ARG H 160 32.42 -25.42 19.82
C ARG H 160 33.58 -26.42 19.88
N TYR H 161 34.22 -26.63 18.73
CA TYR H 161 35.26 -27.67 18.60
C TYR H 161 36.68 -27.10 18.76
N VAL H 162 36.76 -25.80 19.00
CA VAL H 162 38.03 -25.09 19.06
C VAL H 162 38.64 -25.11 20.45
N ASP H 163 39.81 -25.72 20.58
CA ASP H 163 40.58 -25.64 21.83
C ASP H 163 41.42 -24.37 21.96
N GLU H 164 42.05 -23.96 20.86
CA GLU H 164 43.03 -22.88 20.92
C GLU H 164 42.98 -22.01 19.66
N VAL H 165 43.14 -20.70 19.84
CA VAL H 165 43.16 -19.79 18.69
C VAL H 165 44.55 -19.16 18.51
N VAL H 166 45.02 -19.17 17.27
CA VAL H 166 46.30 -18.54 16.95
C VAL H 166 46.10 -17.28 16.13
N ARG H 167 46.39 -16.13 16.75
CA ARG H 167 46.20 -14.84 16.09
C ARG H 167 47.26 -14.59 15.04
N ASN H 168 46.96 -13.69 14.10
CA ASN H 168 47.98 -13.19 13.19
C ASN H 168 48.78 -14.32 12.56
N ALA H 169 48.06 -15.35 12.09
CA ALA H 169 48.69 -16.55 11.54
C ALA H 169 49.20 -16.32 10.11
N PRO H 170 50.29 -17.02 9.76
CA PRO H 170 51.03 -16.84 8.50
C PRO H 170 50.31 -17.44 7.30
N TRP H 171 50.45 -16.80 6.14
CA TRP H 171 49.88 -17.32 4.90
C TRP H 171 50.49 -18.70 4.63
N THR H 172 51.81 -18.75 4.59
CA THR H 172 52.54 -20.00 4.41
C THR H 172 53.08 -20.48 5.75
N LEU H 173 52.97 -21.78 6.01
CA LEU H 173 53.45 -22.34 7.27
C LEU H 173 54.92 -22.76 7.18
N THR H 174 55.67 -22.46 8.24
CA THR H 174 57.12 -22.65 8.28
C THR H 174 57.47 -23.72 9.29
N PRO H 175 58.64 -24.35 9.12
CA PRO H 175 59.11 -25.37 10.07
C PRO H 175 59.08 -24.85 11.51
N GLU H 176 59.45 -23.59 11.70
CA GLU H 176 59.53 -23.01 13.03
C GLU H 176 58.15 -22.70 13.61
N PHE H 177 57.18 -22.47 12.73
CA PHE H 177 55.80 -22.29 13.19
C PHE H 177 55.30 -23.63 13.71
N LEU H 178 55.47 -24.66 12.88
CA LEU H 178 55.05 -26.02 13.21
C LEU H 178 55.72 -26.55 14.47
N ALA H 179 56.97 -26.13 14.69
CA ALA H 179 57.71 -26.55 15.86
C ALA H 179 57.28 -25.74 17.08
N GLU H 180 56.98 -24.47 16.86
CA GLU H 180 56.61 -23.59 17.94
C GLU H 180 55.31 -24.07 18.56
N HIS H 181 54.34 -24.35 17.70
CA HIS H 181 53.01 -24.74 18.14
C HIS H 181 52.85 -26.25 18.22
N ARG H 182 53.94 -26.98 17.97
CA ARG H 182 53.99 -28.41 18.18
C ARG H 182 52.98 -29.19 17.33
N ILE H 183 52.72 -28.70 16.12
CA ILE H 183 51.67 -29.23 15.26
C ILE H 183 51.97 -30.62 14.70
N ASP H 184 51.07 -31.57 14.96
CA ASP H 184 51.16 -32.92 14.42
C ASP H 184 50.61 -33.00 13.00
N PHE H 185 49.47 -32.34 12.77
CA PHE H 185 48.81 -32.37 11.46
C PHE H 185 48.17 -31.03 11.14
N VAL H 186 47.89 -30.83 9.85
CA VAL H 186 47.31 -29.58 9.37
C VAL H 186 46.04 -29.84 8.58
N ALA H 187 44.89 -29.41 9.11
CA ALA H 187 43.60 -29.72 8.49
C ALA H 187 43.09 -28.62 7.58
N HIS H 188 42.78 -28.97 6.33
CA HIS H 188 42.14 -28.02 5.41
C HIS H 188 41.55 -28.76 4.21
N ASP H 189 40.85 -28.06 3.31
CA ASP H 189 40.25 -28.74 2.16
C ASP H 189 41.32 -29.09 1.12
N ASP H 190 41.12 -30.18 0.38
CA ASP H 190 42.17 -30.75 -0.46
C ASP H 190 42.34 -30.05 -1.82
N ILE H 191 41.60 -28.97 -2.04
CA ILE H 191 41.88 -28.11 -3.19
C ILE H 191 43.24 -27.45 -3.02
N PRO H 192 44.00 -27.31 -4.12
CA PRO H 192 45.22 -26.52 -4.04
C PRO H 192 44.89 -25.06 -3.70
N TYR H 193 45.65 -24.46 -2.80
CA TYR H 193 45.44 -23.06 -2.45
C TYR H 193 46.47 -22.22 -3.18
N SER H 194 46.04 -21.45 -4.17
CA SER H 194 47.00 -20.66 -4.92
C SER H 194 46.99 -19.24 -4.38
N SER H 195 48.04 -18.90 -3.65
CA SER H 195 48.24 -17.55 -3.13
C SER H 195 49.62 -17.11 -3.60
N ALA H 196 49.76 -15.81 -3.86
CA ALA H 196 50.66 -15.33 -4.90
C ALA H 196 52.04 -15.99 -4.88
N GLY H 197 52.49 -16.42 -6.06
CA GLY H 197 53.77 -17.06 -6.21
C GLY H 197 53.78 -18.57 -6.04
N SER H 198 52.68 -19.11 -5.49
CA SER H 198 52.59 -20.54 -5.25
C SER H 198 51.30 -21.09 -5.84
N ASP H 199 51.40 -22.25 -6.47
CA ASP H 199 50.22 -22.89 -7.04
C ASP H 199 49.43 -23.60 -5.94
N ASP H 200 50.15 -24.14 -4.96
CA ASP H 200 49.56 -24.64 -3.72
C ASP H 200 50.46 -24.29 -2.54
N VAL H 201 49.91 -23.63 -1.52
CA VAL H 201 50.70 -23.26 -0.36
C VAL H 201 50.71 -24.36 0.70
N TYR H 202 49.94 -25.42 0.45
CA TYR H 202 49.93 -26.59 1.31
C TYR H 202 50.79 -27.74 0.78
N LYS H 203 51.43 -27.53 -0.37
CA LYS H 203 52.17 -28.59 -1.05
C LYS H 203 53.12 -29.33 -0.12
N HIS H 204 54.00 -28.60 0.54
CA HIS H 204 55.00 -29.18 1.43
C HIS H 204 54.41 -29.89 2.64
N ILE H 205 53.29 -29.37 3.15
CA ILE H 205 52.62 -30.01 4.30
C ILE H 205 51.94 -31.30 3.84
N LYS H 206 51.46 -31.28 2.60
CA LYS H 206 50.88 -32.47 2.01
C LYS H 206 51.97 -33.53 1.86
N GLU H 207 53.15 -33.08 1.41
CA GLU H 207 54.29 -33.96 1.19
C GLU H 207 54.88 -34.54 2.49
N ALA H 208 54.88 -33.74 3.54
CA ALA H 208 55.36 -34.17 4.85
C ALA H 208 54.54 -35.34 5.39
N GLY H 209 53.39 -35.58 4.76
CA GLY H 209 52.43 -36.56 5.25
C GLY H 209 51.64 -35.94 6.39
N MET H 210 51.83 -34.64 6.57
CA MET H 210 51.20 -33.90 7.65
C MET H 210 49.74 -33.52 7.35
N PHE H 211 49.43 -33.31 6.07
CA PHE H 211 48.12 -32.75 5.69
C PHE H 211 46.94 -33.69 5.96
N ALA H 212 45.87 -33.12 6.53
CA ALA H 212 44.59 -33.80 6.65
C ALA H 212 43.50 -33.05 5.89
N PRO H 213 43.00 -33.66 4.80
CA PRO H 213 41.92 -33.06 4.00
C PRO H 213 40.62 -32.98 4.79
N THR H 214 39.77 -32.04 4.39
CA THR H 214 38.44 -31.95 4.97
C THR H 214 37.46 -31.68 3.84
N GLN H 215 36.17 -31.65 4.18
CA GLN H 215 35.14 -31.44 3.17
C GLN H 215 34.44 -30.10 3.35
N ARG H 216 34.22 -29.40 2.23
CA ARG H 216 33.51 -28.13 2.28
C ARG H 216 32.01 -28.34 2.26
N THR H 217 31.31 -27.63 3.14
CA THR H 217 29.85 -27.54 3.09
C THR H 217 29.42 -26.82 1.81
N GLU H 218 28.33 -27.29 1.21
CA GLU H 218 27.80 -26.67 -0.01
C GLU H 218 26.61 -25.77 0.34
N GLY H 219 26.46 -24.68 -0.40
CA GLY H 219 25.39 -23.75 -0.17
C GLY H 219 25.80 -22.62 0.76
N ILE H 220 26.87 -22.87 1.52
CA ILE H 220 27.37 -21.87 2.45
C ILE H 220 28.74 -21.38 2.04
N SER H 221 28.94 -20.07 2.14
CA SER H 221 30.24 -19.44 1.94
C SER H 221 30.06 -17.94 2.12
N THR H 222 31.15 -17.23 2.40
CA THR H 222 31.08 -15.81 2.67
C THR H 222 30.64 -15.04 1.43
N SER H 223 31.10 -15.49 0.26
CA SER H 223 30.70 -14.88 -1.00
C SER H 223 29.18 -14.94 -1.16
N ASP H 224 28.59 -16.05 -0.76
CA ASP H 224 27.15 -16.24 -0.85
C ASP H 224 26.45 -15.25 0.07
N ILE H 225 26.88 -15.24 1.33
CA ILE H 225 26.30 -14.36 2.33
C ILE H 225 26.36 -12.91 1.89
N ILE H 226 27.42 -12.56 1.15
CA ILE H 226 27.56 -11.18 0.66
C ILE H 226 26.63 -10.93 -0.52
N THR H 227 26.57 -11.90 -1.43
CA THR H 227 25.81 -11.78 -2.66
C THR H 227 24.29 -11.78 -2.45
N ARG H 228 23.81 -12.39 -1.37
CA ARG H 228 22.37 -12.29 -1.09
C ARG H 228 22.02 -10.83 -0.80
N ILE H 229 22.74 -10.27 0.16
CA ILE H 229 22.54 -8.89 0.57
C ILE H 229 22.70 -7.93 -0.59
N VAL H 230 23.86 -7.97 -1.25
CA VAL H 230 24.11 -7.12 -2.40
C VAL H 230 23.02 -7.27 -3.47
N ARG H 231 22.64 -8.52 -3.76
CA ARG H 231 21.60 -8.78 -4.73
C ARG H 231 20.32 -8.02 -4.39
N ASP H 232 19.86 -8.17 -3.15
CA ASP H 232 18.64 -7.51 -2.72
C ASP H 232 18.77 -5.98 -2.79
N TYR H 233 19.84 -5.45 -2.20
CA TYR H 233 20.03 -4.01 -2.14
C TYR H 233 20.15 -3.35 -3.50
N ASP H 234 20.71 -4.07 -4.48
CA ASP H 234 20.84 -3.52 -5.83
C ASP H 234 19.48 -3.17 -6.43
N VAL H 235 18.62 -4.18 -6.54
CA VAL H 235 17.30 -4.01 -7.12
C VAL H 235 16.43 -3.10 -6.26
N TYR H 236 16.57 -3.21 -4.94
CA TYR H 236 15.81 -2.33 -4.05
C TYR H 236 16.16 -0.86 -4.30
N ALA H 237 17.46 -0.57 -4.33
CA ALA H 237 17.93 0.79 -4.54
C ALA H 237 17.53 1.34 -5.91
N ARG H 238 17.91 0.62 -6.96
CA ARG H 238 17.53 1.00 -8.32
C ARG H 238 16.02 1.23 -8.39
N ARG H 239 15.27 0.39 -7.69
CA ARG H 239 13.82 0.52 -7.68
C ARG H 239 13.40 1.83 -7.01
N ASN H 240 14.06 2.18 -5.91
CA ASN H 240 13.71 3.39 -5.17
C ASN H 240 14.31 4.64 -5.82
N LEU H 241 15.03 4.45 -6.92
CA LEU H 241 15.46 5.58 -7.74
C LEU H 241 14.32 6.06 -8.63
N GLN H 242 13.90 5.21 -9.56
CA GLN H 242 12.89 5.58 -10.55
C GLN H 242 11.63 6.14 -9.89
N ARG H 243 11.42 5.80 -8.62
CA ARG H 243 10.34 6.41 -7.86
C ARG H 243 10.63 7.89 -7.65
N THR H 246 9.19 8.33 -12.67
CA THR H 246 8.26 7.49 -13.44
C THR H 246 8.01 8.11 -14.82
N ALA H 247 7.76 9.41 -14.78
CA ALA H 247 7.49 10.20 -16.00
C ALA H 247 8.66 10.10 -16.96
N LYS H 248 9.85 10.27 -16.39
CA LYS H 248 11.11 10.22 -17.14
C LYS H 248 11.25 8.87 -17.83
N GLU H 249 10.98 7.84 -17.13
CA GLU H 249 11.07 6.48 -17.66
C GLU H 249 10.16 6.34 -18.89
N LEU H 250 8.93 6.85 -18.65
CA LEU H 250 7.89 6.87 -19.69
C LEU H 250 8.37 7.66 -20.90
N ASN H 251 8.91 8.83 -20.61
CA ASN H 251 9.44 9.76 -21.62
C ASN H 251 10.53 9.06 -22.45
N VAL H 252 11.44 8.44 -21.78
CA VAL H 252 12.58 7.76 -22.41
C VAL H 252 12.07 6.74 -23.44
N SER H 253 11.13 5.97 -23.07
CA SER H 253 10.56 4.92 -23.93
C SER H 253 10.06 5.54 -25.24
N PHE H 254 9.33 6.68 -24.99
CA PHE H 254 8.75 7.48 -26.09
C PHE H 254 9.86 7.98 -27.03
N ILE H 255 10.91 8.49 -26.31
CA ILE H 255 12.12 9.03 -26.98
C ILE H 255 12.77 7.94 -27.84
N ASN H 256 12.93 6.84 -27.45
CA ASN H 256 13.55 5.74 -28.21
C ASN H 256 12.79 5.51 -29.52
N GLU H 257 11.48 5.46 -29.38
CA GLU H 257 10.56 5.25 -30.50
C GLU H 257 10.75 6.34 -31.56
N LYS H 258 10.79 7.59 -30.94
CA LYS H 258 10.97 8.84 -31.71
C LYS H 258 12.28 8.77 -32.50
N LYS H 259 13.31 8.36 -31.80
CA LYS H 259 14.66 8.22 -32.36
C LYS H 259 14.63 7.26 -33.57
N TYR H 260 14.02 6.16 -33.37
CA TYR H 260 13.92 5.09 -34.39
C TYR H 260 13.32 5.66 -35.68
N HIS H 261 12.23 6.40 -35.49
CA HIS H 261 11.50 7.05 -36.59
C HIS H 261 12.44 7.97 -37.38
N LEU H 262 13.17 8.76 -36.62
CA LEU H 262 14.13 9.73 -37.17
C LEU H 262 15.17 9.00 -38.03
N GLN H 263 15.67 7.92 -37.47
CA GLN H 263 16.68 7.08 -38.13
C GLN H 263 16.14 6.57 -39.47
N GLU H 264 14.91 6.09 -39.40
CA GLU H 264 14.21 5.54 -40.57
C GLU H 264 14.12 6.61 -41.67
N ARG H 265 13.72 7.80 -41.24
CA ARG H 265 13.57 8.97 -42.12
C ARG H 265 14.88 9.27 -42.83
N VAL H 266 15.94 9.27 -42.03
CA VAL H 266 17.30 9.54 -42.50
C VAL H 266 17.69 8.54 -43.58
N ASP H 267 17.41 7.28 -43.29
CA ASP H 267 17.70 6.16 -44.18
C ASP H 267 16.99 6.37 -45.52
N LYS H 268 15.73 6.73 -45.42
CA LYS H 268 14.87 6.99 -46.59
C LYS H 268 15.48 8.09 -47.46
N VAL H 269 15.89 9.15 -46.79
CA VAL H 269 16.50 10.32 -47.43
C VAL H 269 17.74 9.89 -48.21
N LYS H 270 18.55 9.09 -47.54
CA LYS H 270 19.80 8.57 -48.09
C LYS H 270 19.52 7.78 -49.37
N LYS H 271 18.52 6.93 -49.27
CA LYS H 271 18.07 6.08 -50.39
C LYS H 271 17.68 6.94 -51.59
N LYS H 272 16.90 7.97 -51.29
CA LYS H 272 16.41 8.93 -52.28
C LYS H 272 17.58 9.58 -53.01
N VAL H 273 18.55 10.01 -52.20
CA VAL H 273 19.77 10.66 -52.70
C VAL H 273 20.51 9.74 -53.66
N LYS H 274 20.64 8.49 -53.24
CA LYS H 274 21.31 7.44 -54.02
C LYS H 274 20.62 7.28 -55.38
N ASP H 275 19.30 7.22 -55.32
CA ASP H 275 18.46 7.06 -56.50
C ASP H 275 18.72 8.21 -57.49
N VAL H 276 18.72 9.41 -56.93
CA VAL H 276 18.96 10.64 -57.68
C VAL H 276 20.30 10.58 -58.41
N GLU H 277 21.30 10.16 -57.65
CA GLU H 277 22.68 10.02 -58.15
C GLU H 277 22.71 9.06 -59.34
N GLU H 278 22.03 7.95 -59.15
CA GLU H 278 21.94 6.88 -60.17
C GLU H 278 21.33 7.45 -61.46
N LYS H 279 20.25 8.19 -61.27
CA LYS H 279 19.52 8.84 -62.37
C LYS H 279 20.45 9.77 -63.15
N SER H 280 21.18 10.55 -62.39
CA SER H 280 22.15 11.52 -62.94
C SER H 280 23.18 10.80 -63.80
N LYS H 281 23.68 9.72 -63.24
CA LYS H 281 24.70 8.87 -63.90
C LYS H 281 24.16 8.36 -65.25
N GLU H 282 22.93 7.88 -65.19
CA GLU H 282 22.22 7.34 -66.36
C GLU H 282 22.13 8.41 -67.45
N PHE H 283 21.74 9.59 -67.01
CA PHE H 283 21.58 10.76 -67.90
C PHE H 283 22.90 11.06 -68.61
N VAL H 284 23.95 11.07 -67.80
CA VAL H 284 25.32 11.34 -68.27
C VAL H 284 25.71 10.33 -69.36
N GLN H 285 25.42 9.08 -69.06
CA GLN H 285 25.71 7.95 -69.96
C GLN H 285 25.01 8.17 -71.31
N LYS H 286 23.74 8.53 -71.20
CA LYS H 286 22.88 8.78 -72.36
C LYS H 286 23.49 9.88 -73.24
N VAL H 287 23.90 10.94 -72.56
CA VAL H 287 24.52 12.11 -73.20
C VAL H 287 25.76 11.68 -73.99
N GLU H 288 26.57 10.88 -73.31
CA GLU H 288 27.82 10.36 -73.87
C GLU H 288 27.53 9.57 -75.16
N GLU H 289 26.53 8.72 -75.06
CA GLU H 289 26.08 7.86 -76.16
C GLU H 289 25.70 8.73 -77.36
N LYS H 290 24.92 9.76 -77.06
CA LYS H 290 24.43 10.72 -78.07
C LYS H 290 25.61 11.37 -78.79
N SER H 291 26.56 11.80 -77.98
CA SER H 291 27.79 12.45 -78.47
C SER H 291 28.52 11.53 -79.45
N ILE H 292 28.65 10.28 -79.02
CA ILE H 292 29.33 9.23 -79.79
C ILE H 292 28.64 9.07 -81.15
N ASP H 293 27.32 9.01 -81.09
CA ASP H 293 26.47 8.86 -82.28
C ASP H 293 26.73 10.01 -83.26
N LEU H 294 26.74 11.20 -82.70
CA LEU H 294 26.97 12.44 -83.46
C LEU H 294 28.32 12.37 -84.18
N ILE H 295 29.32 11.94 -83.43
CA ILE H 295 30.69 11.81 -83.92
C ILE H 295 30.72 10.85 -85.12
N TRP H 298 25.21 12.94 -88.90
CA TRP H 298 24.82 13.35 -90.25
C TRP H 298 24.04 12.23 -90.92
N GLU H 299 24.50 11.00 -90.69
CA GLU H 299 23.80 9.82 -91.18
C GLU H 299 22.35 9.85 -90.70
N GLU H 300 22.18 10.21 -89.43
CA GLU H 300 20.85 10.33 -88.84
C GLU H 300 20.10 11.57 -89.33
N LYS H 301 20.74 12.73 -89.23
CA LYS H 301 20.09 14.02 -89.43
C LYS H 301 19.99 14.50 -90.88
N SER H 302 20.45 13.69 -91.83
CA SER H 302 20.36 14.05 -93.24
C SER H 302 18.91 14.08 -93.70
N ARG H 303 18.17 13.03 -93.37
CA ARG H 303 16.76 12.93 -93.69
C ARG H 303 16.01 14.17 -93.24
N GLU H 304 16.36 14.68 -92.06
CA GLU H 304 15.74 15.87 -91.52
C GLU H 304 16.28 17.14 -92.20
N PHE H 305 17.55 17.10 -92.58
CA PHE H 305 18.22 18.24 -93.22
C PHE H 305 17.59 18.57 -94.57
N ILE H 306 17.34 17.54 -95.37
CA ILE H 306 16.83 17.72 -96.73
C ILE H 306 15.43 18.30 -96.77
N GLY H 307 14.49 17.66 -96.07
CA GLY H 307 13.13 18.15 -96.03
C GLY H 307 13.08 19.59 -95.56
N SER H 308 13.85 19.89 -94.52
CA SER H 308 13.91 21.25 -93.98
C SER H 308 14.41 22.20 -95.07
N PHE H 309 15.48 21.80 -95.74
CA PHE H 309 16.05 22.58 -96.83
C PHE H 309 14.99 22.89 -97.88
N LEU H 310 14.16 21.91 -98.20
CA LEU H 310 13.13 22.07 -99.21
C LEU H 310 11.89 22.80 -98.71
N GLU H 311 11.77 22.98 -97.40
CA GLU H 311 10.69 23.79 -96.86
C GLU H 311 10.85 25.19 -97.41
N MET H 312 12.11 25.62 -97.51
CA MET H 312 12.48 26.95 -98.01
C MET H 312 11.87 27.25 -99.38
N PHE H 313 11.64 26.22 -100.19
CA PHE H 313 11.13 26.40 -101.54
C PHE H 313 9.59 26.36 -101.66
N GLY H 314 8.91 26.32 -100.51
CA GLY H 314 7.46 26.28 -100.46
C GLY H 314 6.79 25.02 -99.90
N PRO H 315 5.48 25.14 -99.61
CA PRO H 315 4.61 24.36 -98.71
C PRO H 315 5.18 22.97 -98.39
N1 CDC I . -11.71 25.66 -16.22
C2 CDC I . -11.28 26.92 -16.30
N3 CDC I . -10.93 27.61 -15.19
C4 CDC I . -11.01 27.02 -13.96
C5 CDC I . -11.45 25.70 -13.88
C6 CDC I . -11.79 25.03 -15.04
O2 CDC I . -11.20 27.54 -17.51
N4 CDC I . -10.67 27.72 -12.85
C1' CDC I . -12.07 24.94 -17.46
C2' CDC I . -10.90 24.11 -17.96
O2' CDC I . -10.14 24.82 -18.94
C3' CDC I . -11.55 22.89 -18.58
C4' CDC I . -12.95 22.83 -18.02
O4' CDC I . -13.15 24.03 -17.25
O3' CDC I . -11.61 23.06 -20.01
C5' CDC I . -13.15 21.58 -17.17
O5' CDC I . -11.99 21.31 -16.35
PA CDC I . -11.92 20.00 -15.42
O1A CDC I . -13.29 19.79 -14.80
O2A CDC I . -10.72 20.10 -14.50
O3A CDC I . -11.63 18.82 -16.47
PB CDC I . -10.12 18.49 -16.93
O1B CDC I . -10.31 17.29 -17.99
O2B CDC I . -9.57 19.66 -17.72
O3B CDC I . -9.36 17.94 -15.74
C14 CDC I . -10.26 17.59 -19.37
C15 CDC I . -10.88 16.44 -20.17
N11 CDC I . -9.90 15.37 -20.35
C16 CDC I . -8.60 15.92 -20.75
C17 CDC I . -10.40 14.48 -21.41
C18 CDC I . -9.73 14.61 -19.10
N1 CDC J . -34.92 23.87 -4.46
C2 CDC J . -35.42 22.74 -4.98
N3 CDC J . -34.84 21.55 -4.70
C4 CDC J . -33.76 21.49 -3.90
C5 CDC J . -33.24 22.65 -3.36
C6 CDC J . -33.85 23.86 -3.66
O2 CDC J . -36.51 22.80 -5.78
N4 CDC J . -33.19 20.28 -3.63
C1' CDC J . -35.59 25.14 -4.80
C2' CDC J . -36.34 25.70 -3.62
O2' CDC J . -37.70 25.24 -3.62
C3' CDC J . -36.30 27.19 -3.86
C4' CDC J . -35.09 27.42 -4.77
O4' CDC J . -34.64 26.13 -5.20
O3' CDC J . -37.48 27.56 -4.56
C5' CDC J . -33.99 28.18 -4.04
O5' CDC J . -33.86 27.69 -2.70
PA CDC J . -32.76 28.31 -1.69
O1A CDC J . -31.53 28.64 -2.51
O2A CDC J . -32.62 27.42 -0.47
O3A CDC J . -33.42 29.69 -1.19
PB CDC J . -34.43 29.72 0.08
O1B CDC J . -34.88 31.26 0.09
O2B CDC J . -35.68 28.95 -0.29
O3B CDC J . -33.68 29.41 1.35
C14 CDC J . -36.09 31.61 -0.58
C15 CDC J . -36.11 33.10 -0.87
N11 CDC J . -36.44 33.87 0.34
C16 CDC J . -37.45 33.15 1.13
C17 CDC J . -36.99 35.16 -0.08
C18 CDC J . -35.24 34.09 1.15
N1 CDC K . -26.36 -30.36 123.72
C2 CDC K . -25.51 -29.78 124.58
N3 CDC K . -24.72 -28.75 124.19
C4 CDC K . -24.78 -28.29 122.93
C5 CDC K . -25.66 -28.87 122.02
C6 CDC K . -26.46 -29.94 122.46
O2 CDC K . -25.43 -30.24 125.86
N4 CDC K . -23.98 -27.25 122.55
C1' CDC K . -27.21 -31.47 124.18
C2' CDC K . -28.57 -30.98 124.60
O2' CDC K . -28.66 -30.73 126.00
C3' CDC K . -29.52 -32.10 124.22
C4' CDC K . -28.76 -32.96 123.21
O4' CDC K . -27.41 -32.45 123.15
O3' CDC K . -29.81 -32.88 125.39
C5' CDC K . -29.44 -32.93 121.84
O5' CDC K . -29.90 -31.61 121.53
PA CDC K . -30.73 -31.33 120.16
O1A CDC K . -30.09 -32.16 119.06
O2A CDC K . -30.87 -29.84 119.95
O3A CDC K . -32.18 -31.91 120.49
PB CDC K . -33.28 -31.01 121.26
O1B CDC K . -34.54 -31.99 121.39
O2B CDC K . -32.80 -30.74 122.67
O3B CDC K . -33.68 -29.87 120.34
C14 CDC K . -34.78 -32.63 122.64
C15 CDC K . -35.71 -33.81 122.44
N11 CDC K . -37.11 -33.35 122.41
C16 CDC K . -37.35 -32.38 123.49
C17 CDC K . -37.97 -34.52 122.59
C18 CDC K . -37.41 -32.71 121.13
N1 CDC L . -14.08 -43.05 104.85
C2 CDC L . -15.04 -43.93 104.52
N3 CDC L . -16.21 -43.51 103.99
C4 CDC L . -16.43 -42.19 103.79
C5 CDC L . -15.44 -41.27 104.12
C6 CDC L . -14.25 -41.74 104.66
O2 CDC L . -14.81 -45.26 104.73
N4 CDC L . -17.61 -41.78 103.25
C1' CDC L . -12.83 -43.57 105.41
C2' CDC L . -11.69 -43.46 104.43
O2' CDC L . -11.57 -44.66 103.67
C3' CDC L . -10.48 -43.30 105.33
C4' CDC L . -11.02 -42.75 106.65
O4' CDC L . -12.44 -42.82 106.58
O3' CDC L . -9.92 -44.60 105.56
C5' CDC L . -10.55 -41.32 106.88
O5' CDC L . -10.61 -40.57 105.65
PA CDC L . -10.17 -39.02 105.60
O1A CDC L . -10.61 -38.39 106.91
O2A CDC L . -10.62 -38.40 104.30
O3A CDC L . -8.56 -39.07 105.58
PB CDC L . -7.75 -39.23 104.18
O1B CDC L . -6.24 -39.32 104.68
O2B CDC L . -8.07 -40.58 103.60
O3B CDC L . -7.91 -37.97 103.35
C14 CDC L . -5.69 -40.62 104.87
C15 CDC L . -4.48 -40.54 105.79
N11 CDC L . -3.30 -40.05 105.05
C16 CDC L . -3.29 -40.58 103.68
C17 CDC L . -2.10 -40.50 105.75
C18 CDC L . -3.31 -38.58 105.01
N1 CDC M . 21.99 24.41 -125.81
C2 CDC M . 22.26 25.70 -126.03
N3 CDC M . 22.60 26.52 -125.01
C4 CDC M . 22.68 26.04 -123.75
C5 CDC M . 22.40 24.70 -123.50
C6 CDC M . 22.06 23.89 -124.57
O2 CDC M . 22.19 26.19 -127.31
N4 CDC M . 23.03 26.88 -122.73
C1' CDC M . 21.62 23.55 -126.95
C2' CDC M . 22.84 22.79 -127.47
O2' CDC M . 23.45 23.47 -128.56
C3' CDC M . 22.28 21.45 -127.93
C4' CDC M . 20.93 21.31 -127.25
O4' CDC M . 20.66 22.55 -126.58
O3' CDC M . 22.10 21.49 -129.35
C5' CDC M . 20.94 20.13 -126.27
O5' CDC M . 22.18 20.06 -125.55
PA CDC M . 22.45 18.86 -124.49
O1A CDC M . 21.18 18.57 -123.76
O2A CDC M . 23.70 19.17 -123.70
O3A CDC M . 22.80 17.63 -125.47
PB CDC M . 24.31 17.40 -126.01
O1B CDC M . 24.18 16.10 -126.94
O2B CDC M . 24.67 18.54 -126.95
O3B CDC M . 25.20 17.05 -124.85
C14 CDC M . 24.10 16.27 -128.36
C15 CDC M . 23.55 15.00 -128.98
N11 CDC M . 24.63 14.01 -129.15
C16 CDC M . 25.83 14.66 -129.70
C17 CDC M . 24.15 12.98 -130.08
C18 CDC M . 24.96 13.40 -127.86
N1 CDC N . 0.86 22.20 -112.02
C2 CDC N . 0.48 20.98 -112.41
N3 CDC N . 1.22 19.89 -112.12
C4 CDC N . 2.35 20.01 -111.40
C5 CDC N . 2.77 21.27 -110.98
C6 CDC N . 1.98 22.38 -111.31
O2 CDC N . -0.66 20.86 -113.14
N4 CDC N . 3.10 18.91 -111.09
C1' CDC N . 0.03 23.35 -112.38
C2' CDC N . -0.71 23.90 -111.18
O2' CDC N . -1.99 23.29 -111.05
C3' CDC N . -0.86 25.37 -111.53
C4' CDC N . 0.23 25.68 -112.54
O4' CDC N . 0.81 24.42 -112.92
O3' CDC N . -2.14 25.54 -112.15
C5' CDC N . 1.28 26.61 -111.95
O5' CDC N . 1.57 26.24 -110.59
PA CDC N . 2.65 27.06 -109.72
O1A CDC N . 3.77 27.48 -110.65
O2A CDC N . 2.98 26.29 -108.46
O3A CDC N . 1.86 28.39 -109.26
PB CDC N . 0.94 28.39 -107.94
O1B CDC N . 0.30 29.87 -107.97
O2B CDC N . -0.22 27.45 -108.15
O3B CDC N . 1.81 28.28 -106.70
C14 CDC N . -0.98 30.01 -108.56
C15 CDC N . -1.21 31.46 -108.96
N11 CDC N . -1.55 32.27 -107.78
C16 CDC N . -2.40 31.50 -106.86
C17 CDC N . -2.29 33.46 -108.23
C18 CDC N . -0.34 32.69 -107.07
N1 CDC O . 22.01 -9.04 21.92
C2 CDC O . 22.84 -8.31 22.70
N3 CDC O . 23.57 -7.30 22.16
C4 CDC O . 23.47 -7.01 20.84
C5 CDC O . 22.62 -7.76 20.04
C6 CDC O . 21.88 -8.78 20.62
O2 CDC O . 22.94 -8.59 24.03
N4 CDC O . 24.21 -5.99 20.33
C1' CDC O . 21.23 -10.12 22.54
C2' CDC O . 19.83 -9.64 22.90
O2' CDC O . 19.75 -9.22 24.27
C3' CDC O . 18.95 -10.86 22.69
C4' CDC O . 19.75 -11.80 21.79
O4' CDC O . 21.06 -11.23 21.65
O3' CDC O . 18.70 -11.49 23.95
C5' CDC O . 19.05 -11.98 20.44
O5' CDC O . 18.53 -10.74 19.96
PA CDC O . 17.68 -10.68 18.58
O1A CDC O . 18.35 -11.61 17.58
O2A CDC O . 17.46 -9.25 18.18
O3A CDC O . 16.25 -11.29 19.00
PB CDC O . 15.12 -10.35 19.65
O1B CDC O . 13.90 -11.37 19.93
O2B CDC O . 15.58 -9.86 21.00
O3B CDC O . 14.66 -9.36 18.60
C14 CDC O . 13.71 -11.85 21.26
C15 CDC O . 12.83 -13.09 21.22
N11 CDC O . 11.42 -12.71 21.15
C16 CDC O . 11.14 -11.62 22.10
C17 CDC O . 10.62 -13.88 21.49
C18 CDC O . 11.08 -12.26 19.79
N1 CDC P . 35.20 -24.03 4.47
C2 CDC P . 34.32 -25.02 4.28
N3 CDC P . 33.13 -24.79 3.70
C4 CDC P . 32.80 -23.54 3.31
C5 CDC P . 33.69 -22.50 3.49
C6 CDC P . 34.92 -22.77 4.10
O2 CDC P . 34.66 -26.29 4.67
N4 CDC P . 31.59 -23.31 2.72
C1' CDC P . 36.48 -24.35 5.11
C2' CDC P . 37.62 -24.28 4.12
O2' CDC P . 37.85 -25.57 3.53
C3' CDC P . 38.80 -23.89 4.99
C4' CDC P . 38.20 -23.21 6.22
O4' CDC P . 36.78 -23.42 6.15
O3' CDC P . 39.46 -25.08 5.40
C5' CDC P . 38.54 -21.72 6.24
O5' CDC P . 38.43 -21.17 4.92
PA CDC P . 38.73 -19.60 4.65
O1A CDC P . 38.23 -18.83 5.85
O2A CDC P . 38.24 -19.22 3.27
O3A CDC P . 40.34 -19.52 4.62
PB CDC P . 41.17 -19.80 3.26
O1B CDC P . 42.69 -19.68 3.78
O2B CDC P . 40.98 -21.24 2.88
O3B CDC P . 40.92 -18.69 2.27
C14 CDC P . 43.34 -20.89 4.15
C15 CDC P . 44.53 -20.58 5.04
N11 CDC P . 45.67 -20.10 4.24
C16 CDC P . 45.74 -20.80 2.96
C17 CDC P . 46.90 -20.34 5.00
C18 CDC P . 45.53 -18.65 3.99
#